data_5BZF
# 
_entry.id   5BZF 
# 
_audit_conform.dict_name       mmcif_pdbx.dic 
_audit_conform.dict_version    5.397 
_audit_conform.dict_location   http://mmcif.pdb.org/dictionaries/ascii/mmcif_pdbx.dic 
# 
loop_
_database_2.database_id 
_database_2.database_code 
_database_2.pdbx_database_accession 
_database_2.pdbx_DOI 
PDB   5BZF         pdb_00005bzf 10.2210/pdb5bzf/pdb 
WWPDB D_1000210182 ?            ?                   
# 
loop_
_pdbx_audit_revision_history.ordinal 
_pdbx_audit_revision_history.data_content_type 
_pdbx_audit_revision_history.major_revision 
_pdbx_audit_revision_history.minor_revision 
_pdbx_audit_revision_history.revision_date 
1 'Structure model' 1 0 2016-06-29 
2 'Structure model' 1 1 2024-10-23 
# 
_pdbx_audit_revision_details.ordinal             1 
_pdbx_audit_revision_details.revision_ordinal    1 
_pdbx_audit_revision_details.data_content_type   'Structure model' 
_pdbx_audit_revision_details.provider            repository 
_pdbx_audit_revision_details.type                'Initial release' 
_pdbx_audit_revision_details.description         ? 
_pdbx_audit_revision_details.details             ? 
# 
loop_
_pdbx_audit_revision_group.ordinal 
_pdbx_audit_revision_group.revision_ordinal 
_pdbx_audit_revision_group.data_content_type 
_pdbx_audit_revision_group.group 
1 2 'Structure model' 'Data collection'      
2 2 'Structure model' 'Database references'  
3 2 'Structure model' 'Derived calculations' 
4 2 'Structure model' 'Structure summary'    
# 
loop_
_pdbx_audit_revision_category.ordinal 
_pdbx_audit_revision_category.revision_ordinal 
_pdbx_audit_revision_category.data_content_type 
_pdbx_audit_revision_category.category 
1 2 'Structure model' chem_comp_atom            
2 2 'Structure model' chem_comp_bond            
3 2 'Structure model' citation                  
4 2 'Structure model' database_2                
5 2 'Structure model' pdbx_entry_details        
6 2 'Structure model' pdbx_modification_feature 
7 2 'Structure model' pdbx_struct_oper_list     
# 
loop_
_pdbx_audit_revision_item.ordinal 
_pdbx_audit_revision_item.revision_ordinal 
_pdbx_audit_revision_item.data_content_type 
_pdbx_audit_revision_item.item 
1 2 'Structure model' '_citation.journal_id_CSD'                  
2 2 'Structure model' '_database_2.pdbx_DOI'                      
3 2 'Structure model' '_database_2.pdbx_database_accession'       
4 2 'Structure model' '_pdbx_struct_oper_list.symmetry_operation' 
# 
_pdbx_database_status.status_code                     REL 
_pdbx_database_status.status_code_sf                  REL 
_pdbx_database_status.status_code_mr                  ? 
_pdbx_database_status.entry_id                        5BZF 
_pdbx_database_status.recvd_initial_deposition_date   2015-06-11 
_pdbx_database_status.SG_entry                        N 
_pdbx_database_status.deposit_site                    RCSB 
_pdbx_database_status.process_site                    RCSB 
_pdbx_database_status.status_code_cs                  ? 
_pdbx_database_status.methods_development_category    ? 
_pdbx_database_status.pdb_format_compatible           Y 
_pdbx_database_status.status_code_nmr_data            ? 
# 
loop_
_pdbx_database_related.content_type 
_pdbx_database_related.db_id 
_pdbx_database_related.db_name 
_pdbx_database_related.details 
unspecified 5BZC PDB . 
unspecified 5BZE PDB . 
unspecified 5BZG PDB . 
unspecified 5BZH PDB . 
unspecified 5BZI PDB . 
unspecified 5BZJ PDB . 
unspecified 5BZM PDB . 
unspecified 5BZN PDB . 
unspecified 5BZO PDB . 
unspecified 5BZQ PDB . 
unspecified 5BZP PDB . 
unspecified 5BZR PDB . 
unspecified 5BZS PDB . 
unspecified 5BZT PDB . 
# 
loop_
_audit_author.name 
_audit_author.pdbx_ordinal 
'Liu, L.K.'    1 
'Finzel, B.C.' 2 
# 
_citation.abstract                  ? 
_citation.abstract_id_CAS           ? 
_citation.book_id_ISBN              ? 
_citation.book_publisher            ? 
_citation.book_publisher_city       ? 
_citation.book_title                ? 
_citation.coordinate_linkage        ? 
_citation.country                   ? 
_citation.database_id_Medline       ? 
_citation.details                   ? 
_citation.id                        primary 
_citation.journal_abbrev            'To Be Published' 
_citation.journal_id_ASTM           ? 
_citation.journal_id_CSD            0353 
_citation.journal_id_ISSN           ? 
_citation.journal_full              ? 
_citation.journal_issue             ? 
_citation.journal_volume            ? 
_citation.language                  ? 
_citation.page_first                ? 
_citation.page_last                 ? 
_citation.title                     'Crystal structure of the murine cd44 hyaluronan binding domain complex with a small molecule' 
_citation.year                      ? 
_citation.database_id_CSD           ? 
_citation.pdbx_database_id_DOI      ? 
_citation.pdbx_database_id_PubMed   ? 
_citation.unpublished_flag          ? 
# 
loop_
_citation_author.citation_id 
_citation_author.name 
_citation_author.ordinal 
_citation_author.identifier_ORCID 
primary 'Liu, L.K.'    1 ? 
primary 'Finzel, B.C.' 2 ? 
# 
loop_
_entity.id 
_entity.type 
_entity.src_method 
_entity.pdbx_description 
_entity.formula_weight 
_entity.pdbx_number_of_molecules 
_entity.pdbx_ec 
_entity.pdbx_mutation 
_entity.pdbx_fragment 
_entity.details 
1 polymer     man 'CD44 antigen'                                16777.732 1 ? 'H23M; Q24N' 
'HYALURONAN BINDING DOMAIN, UNP RESIDUES 21-171' ? 
2 non-polymer syn 2-ethyl-1,2,3,4-tetrahydroisoquinolin-5-amine 176.258   1 ? ?            ? ? 
3 water       nat water                                         18.015    1 ? ?            ? ? 
# 
_entity_name_com.entity_id   1 
_entity_name_com.name        
;Extracellular matrix receptor III,ECMR-III,GP90 lymphocyte homing/adhesion receptor,HUTCH-I,Hermes antigen,Hyaluronate receptor,Lymphocyte antigen 24,Ly-24,Phagocytic glycoprotein 1,PGP-1,Phagocytic glycoprotein I,PGP-I
;
# 
_entity_poly.entity_id                      1 
_entity_poly.type                           'polypeptide(L)' 
_entity_poly.nstd_linkage                   no 
_entity_poly.nstd_monomer                   no 
_entity_poly.pdbx_seq_one_letter_code       
;MQQIDLNVTCRYAGVFHVEKNGRYSISRTEAADLCQAFNSTLPTMDQMKLALSKGFETCRYGFIEGNVVIPRIHPNAICA
ANHTGVYILVTSNTSHYDTYCFNASAPPEEDCTSVTDLPNSFDGPVTITIVNRDGTRASKKGEYRTHQEDI
;
_entity_poly.pdbx_seq_one_letter_code_can   
;MQQIDLNVTCRYAGVFHVEKNGRYSISRTEAADLCQAFNSTLPTMDQMKLALSKGFETCRYGFIEGNVVIPRIHPNAICA
ANHTGVYILVTSNTSHYDTYCFNASAPPEEDCTSVTDLPNSFDGPVTITIVNRDGTRASKKGEYRTHQEDI
;
_entity_poly.pdbx_strand_id                 A 
_entity_poly.pdbx_target_identifier         ? 
# 
loop_
_pdbx_entity_nonpoly.entity_id 
_pdbx_entity_nonpoly.name 
_pdbx_entity_nonpoly.comp_id 
2 2-ethyl-1,2,3,4-tetrahydroisoquinolin-5-amine 4X3 
3 water                                         HOH 
# 
loop_
_entity_poly_seq.entity_id 
_entity_poly_seq.num 
_entity_poly_seq.mon_id 
_entity_poly_seq.hetero 
1 1   MET n 
1 2   GLN n 
1 3   GLN n 
1 4   ILE n 
1 5   ASP n 
1 6   LEU n 
1 7   ASN n 
1 8   VAL n 
1 9   THR n 
1 10  CYS n 
1 11  ARG n 
1 12  TYR n 
1 13  ALA n 
1 14  GLY n 
1 15  VAL n 
1 16  PHE n 
1 17  HIS n 
1 18  VAL n 
1 19  GLU n 
1 20  LYS n 
1 21  ASN n 
1 22  GLY n 
1 23  ARG n 
1 24  TYR n 
1 25  SER n 
1 26  ILE n 
1 27  SER n 
1 28  ARG n 
1 29  THR n 
1 30  GLU n 
1 31  ALA n 
1 32  ALA n 
1 33  ASP n 
1 34  LEU n 
1 35  CYS n 
1 36  GLN n 
1 37  ALA n 
1 38  PHE n 
1 39  ASN n 
1 40  SER n 
1 41  THR n 
1 42  LEU n 
1 43  PRO n 
1 44  THR n 
1 45  MET n 
1 46  ASP n 
1 47  GLN n 
1 48  MET n 
1 49  LYS n 
1 50  LEU n 
1 51  ALA n 
1 52  LEU n 
1 53  SER n 
1 54  LYS n 
1 55  GLY n 
1 56  PHE n 
1 57  GLU n 
1 58  THR n 
1 59  CYS n 
1 60  ARG n 
1 61  TYR n 
1 62  GLY n 
1 63  PHE n 
1 64  ILE n 
1 65  GLU n 
1 66  GLY n 
1 67  ASN n 
1 68  VAL n 
1 69  VAL n 
1 70  ILE n 
1 71  PRO n 
1 72  ARG n 
1 73  ILE n 
1 74  HIS n 
1 75  PRO n 
1 76  ASN n 
1 77  ALA n 
1 78  ILE n 
1 79  CYS n 
1 80  ALA n 
1 81  ALA n 
1 82  ASN n 
1 83  HIS n 
1 84  THR n 
1 85  GLY n 
1 86  VAL n 
1 87  TYR n 
1 88  ILE n 
1 89  LEU n 
1 90  VAL n 
1 91  THR n 
1 92  SER n 
1 93  ASN n 
1 94  THR n 
1 95  SER n 
1 96  HIS n 
1 97  TYR n 
1 98  ASP n 
1 99  THR n 
1 100 TYR n 
1 101 CYS n 
1 102 PHE n 
1 103 ASN n 
1 104 ALA n 
1 105 SER n 
1 106 ALA n 
1 107 PRO n 
1 108 PRO n 
1 109 GLU n 
1 110 GLU n 
1 111 ASP n 
1 112 CYS n 
1 113 THR n 
1 114 SER n 
1 115 VAL n 
1 116 THR n 
1 117 ASP n 
1 118 LEU n 
1 119 PRO n 
1 120 ASN n 
1 121 SER n 
1 122 PHE n 
1 123 ASP n 
1 124 GLY n 
1 125 PRO n 
1 126 VAL n 
1 127 THR n 
1 128 ILE n 
1 129 THR n 
1 130 ILE n 
1 131 VAL n 
1 132 ASN n 
1 133 ARG n 
1 134 ASP n 
1 135 GLY n 
1 136 THR n 
1 137 ARG n 
1 138 ALA n 
1 139 SER n 
1 140 LYS n 
1 141 LYS n 
1 142 GLY n 
1 143 GLU n 
1 144 TYR n 
1 145 ARG n 
1 146 THR n 
1 147 HIS n 
1 148 GLN n 
1 149 GLU n 
1 150 ASP n 
1 151 ILE n 
# 
_entity_src_gen.entity_id                          1 
_entity_src_gen.pdbx_src_id                        1 
_entity_src_gen.pdbx_alt_source_flag               sample 
_entity_src_gen.pdbx_seq_type                      'Biological sequence' 
_entity_src_gen.pdbx_beg_seq_num                   1 
_entity_src_gen.pdbx_end_seq_num                   151 
_entity_src_gen.gene_src_common_name               Mouse 
_entity_src_gen.gene_src_genus                     ? 
_entity_src_gen.pdbx_gene_src_gene                 'Cd44, Ly-24' 
_entity_src_gen.gene_src_species                   ? 
_entity_src_gen.gene_src_strain                    ? 
_entity_src_gen.gene_src_tissue                    ? 
_entity_src_gen.gene_src_tissue_fraction           ? 
_entity_src_gen.gene_src_details                   ? 
_entity_src_gen.pdbx_gene_src_fragment             ? 
_entity_src_gen.pdbx_gene_src_scientific_name      'Mus musculus' 
_entity_src_gen.pdbx_gene_src_ncbi_taxonomy_id     10090 
_entity_src_gen.pdbx_gene_src_variant              ? 
_entity_src_gen.pdbx_gene_src_cell_line            ? 
_entity_src_gen.pdbx_gene_src_atcc                 ? 
_entity_src_gen.pdbx_gene_src_organ                ? 
_entity_src_gen.pdbx_gene_src_organelle            ? 
_entity_src_gen.pdbx_gene_src_cell                 ? 
_entity_src_gen.pdbx_gene_src_cellular_location    ? 
_entity_src_gen.host_org_common_name               ? 
_entity_src_gen.pdbx_host_org_scientific_name      'Escherichia coli' 
_entity_src_gen.pdbx_host_org_ncbi_taxonomy_id     469008 
_entity_src_gen.host_org_genus                     ? 
_entity_src_gen.pdbx_host_org_gene                 ? 
_entity_src_gen.pdbx_host_org_organ                ? 
_entity_src_gen.host_org_species                   ? 
_entity_src_gen.pdbx_host_org_tissue               ? 
_entity_src_gen.pdbx_host_org_tissue_fraction      ? 
_entity_src_gen.pdbx_host_org_strain               'BL21(DE3)' 
_entity_src_gen.pdbx_host_org_variant              ? 
_entity_src_gen.pdbx_host_org_cell_line            ? 
_entity_src_gen.pdbx_host_org_atcc                 ? 
_entity_src_gen.pdbx_host_org_culture_collection   ? 
_entity_src_gen.pdbx_host_org_cell                 ? 
_entity_src_gen.pdbx_host_org_organelle            ? 
_entity_src_gen.pdbx_host_org_cellular_location    ? 
_entity_src_gen.pdbx_host_org_vector_type          plasmid 
_entity_src_gen.pdbx_host_org_vector               ? 
_entity_src_gen.host_org_details                   ? 
_entity_src_gen.expression_system_id               ? 
_entity_src_gen.plasmid_name                       pMCSG7 
_entity_src_gen.plasmid_details                    ? 
_entity_src_gen.pdbx_description                   ? 
# 
loop_
_chem_comp.id 
_chem_comp.type 
_chem_comp.mon_nstd_flag 
_chem_comp.name 
_chem_comp.pdbx_synonyms 
_chem_comp.formula 
_chem_comp.formula_weight 
4X3 non-polymer         . 2-ethyl-1,2,3,4-tetrahydroisoquinolin-5-amine ? 'C11 H16 N2'     176.258 
ALA 'L-peptide linking' y ALANINE                                       ? 'C3 H7 N O2'     89.093  
ARG 'L-peptide linking' y ARGININE                                      ? 'C6 H15 N4 O2 1' 175.209 
ASN 'L-peptide linking' y ASPARAGINE                                    ? 'C4 H8 N2 O3'    132.118 
ASP 'L-peptide linking' y 'ASPARTIC ACID'                               ? 'C4 H7 N O4'     133.103 
CYS 'L-peptide linking' y CYSTEINE                                      ? 'C3 H7 N O2 S'   121.158 
GLN 'L-peptide linking' y GLUTAMINE                                     ? 'C5 H10 N2 O3'   146.144 
GLU 'L-peptide linking' y 'GLUTAMIC ACID'                               ? 'C5 H9 N O4'     147.129 
GLY 'peptide linking'   y GLYCINE                                       ? 'C2 H5 N O2'     75.067  
HIS 'L-peptide linking' y HISTIDINE                                     ? 'C6 H10 N3 O2 1' 156.162 
HOH non-polymer         . WATER                                         ? 'H2 O'           18.015  
ILE 'L-peptide linking' y ISOLEUCINE                                    ? 'C6 H13 N O2'    131.173 
LEU 'L-peptide linking' y LEUCINE                                       ? 'C6 H13 N O2'    131.173 
LYS 'L-peptide linking' y LYSINE                                        ? 'C6 H15 N2 O2 1' 147.195 
MET 'L-peptide linking' y METHIONINE                                    ? 'C5 H11 N O2 S'  149.211 
PHE 'L-peptide linking' y PHENYLALANINE                                 ? 'C9 H11 N O2'    165.189 
PRO 'L-peptide linking' y PROLINE                                       ? 'C5 H9 N O2'     115.130 
SER 'L-peptide linking' y SERINE                                        ? 'C3 H7 N O3'     105.093 
THR 'L-peptide linking' y THREONINE                                     ? 'C4 H9 N O3'     119.119 
TYR 'L-peptide linking' y TYROSINE                                      ? 'C9 H11 N O3'    181.189 
VAL 'L-peptide linking' y VALINE                                        ? 'C5 H11 N O2'    117.146 
# 
loop_
_pdbx_poly_seq_scheme.asym_id 
_pdbx_poly_seq_scheme.entity_id 
_pdbx_poly_seq_scheme.seq_id 
_pdbx_poly_seq_scheme.mon_id 
_pdbx_poly_seq_scheme.ndb_seq_num 
_pdbx_poly_seq_scheme.pdb_seq_num 
_pdbx_poly_seq_scheme.auth_seq_num 
_pdbx_poly_seq_scheme.pdb_mon_id 
_pdbx_poly_seq_scheme.auth_mon_id 
_pdbx_poly_seq_scheme.pdb_strand_id 
_pdbx_poly_seq_scheme.pdb_ins_code 
_pdbx_poly_seq_scheme.hetero 
A 1 1   MET 1   23  ?   ?   ?   A . n 
A 1 2   GLN 2   24  24  GLN GLN A . n 
A 1 3   GLN 3   25  25  GLN GLN A . n 
A 1 4   ILE 4   26  26  ILE ILE A . n 
A 1 5   ASP 5   27  27  ASP ASP A . n 
A 1 6   LEU 6   28  28  LEU LEU A . n 
A 1 7   ASN 7   29  29  ASN ASN A . n 
A 1 8   VAL 8   30  30  VAL VAL A . n 
A 1 9   THR 9   31  31  THR THR A . n 
A 1 10  CYS 10  32  32  CYS CYS A . n 
A 1 11  ARG 11  33  33  ARG ARG A . n 
A 1 12  TYR 12  34  34  TYR TYR A . n 
A 1 13  ALA 13  35  35  ALA ALA A . n 
A 1 14  GLY 14  36  36  GLY GLY A . n 
A 1 15  VAL 15  37  37  VAL VAL A . n 
A 1 16  PHE 16  38  38  PHE PHE A . n 
A 1 17  HIS 17  39  39  HIS HIS A . n 
A 1 18  VAL 18  40  40  VAL VAL A . n 
A 1 19  GLU 19  41  41  GLU GLU A . n 
A 1 20  LYS 20  42  42  LYS LYS A . n 
A 1 21  ASN 21  43  43  ASN ASN A . n 
A 1 22  GLY 22  44  44  GLY GLY A . n 
A 1 23  ARG 23  45  45  ARG ARG A . n 
A 1 24  TYR 24  46  46  TYR TYR A . n 
A 1 25  SER 25  47  47  SER SER A . n 
A 1 26  ILE 26  48  48  ILE ILE A . n 
A 1 27  SER 27  49  49  SER SER A . n 
A 1 28  ARG 28  50  50  ARG ARG A . n 
A 1 29  THR 29  51  51  THR THR A . n 
A 1 30  GLU 30  52  52  GLU GLU A . n 
A 1 31  ALA 31  53  53  ALA ALA A . n 
A 1 32  ALA 32  54  54  ALA ALA A . n 
A 1 33  ASP 33  55  55  ASP ASP A . n 
A 1 34  LEU 34  56  56  LEU LEU A . n 
A 1 35  CYS 35  57  57  CYS CYS A . n 
A 1 36  GLN 36  58  58  GLN GLN A . n 
A 1 37  ALA 37  59  59  ALA ALA A . n 
A 1 38  PHE 38  60  60  PHE PHE A . n 
A 1 39  ASN 39  61  61  ASN ASN A . n 
A 1 40  SER 40  62  62  SER SER A . n 
A 1 41  THR 41  63  63  THR THR A . n 
A 1 42  LEU 42  64  64  LEU LEU A . n 
A 1 43  PRO 43  65  65  PRO PRO A . n 
A 1 44  THR 44  66  66  THR THR A . n 
A 1 45  MET 45  67  67  MET MET A . n 
A 1 46  ASP 46  68  68  ASP ASP A . n 
A 1 47  GLN 47  69  69  GLN GLN A . n 
A 1 48  MET 48  70  70  MET MET A . n 
A 1 49  LYS 49  71  71  LYS LYS A . n 
A 1 50  LEU 50  72  72  LEU LEU A . n 
A 1 51  ALA 51  73  73  ALA ALA A . n 
A 1 52  LEU 52  74  74  LEU LEU A . n 
A 1 53  SER 53  75  75  SER SER A . n 
A 1 54  LYS 54  76  76  LYS LYS A . n 
A 1 55  GLY 55  77  77  GLY GLY A . n 
A 1 56  PHE 56  78  78  PHE PHE A . n 
A 1 57  GLU 57  79  79  GLU GLU A . n 
A 1 58  THR 58  80  80  THR THR A . n 
A 1 59  CYS 59  81  81  CYS CYS A . n 
A 1 60  ARG 60  82  82  ARG ARG A . n 
A 1 61  TYR 61  83  83  TYR TYR A . n 
A 1 62  GLY 62  84  84  GLY GLY A . n 
A 1 63  PHE 63  85  85  PHE PHE A . n 
A 1 64  ILE 64  86  86  ILE ILE A . n 
A 1 65  GLU 65  87  87  GLU GLU A . n 
A 1 66  GLY 66  88  88  GLY GLY A . n 
A 1 67  ASN 67  89  89  ASN ASN A . n 
A 1 68  VAL 68  90  90  VAL VAL A . n 
A 1 69  VAL 69  91  91  VAL VAL A . n 
A 1 70  ILE 70  92  92  ILE ILE A . n 
A 1 71  PRO 71  93  93  PRO PRO A . n 
A 1 72  ARG 72  94  94  ARG ARG A . n 
A 1 73  ILE 73  95  95  ILE ILE A . n 
A 1 74  HIS 74  96  96  HIS HIS A . n 
A 1 75  PRO 75  97  97  PRO PRO A . n 
A 1 76  ASN 76  98  98  ASN ASN A . n 
A 1 77  ALA 77  99  99  ALA ALA A . n 
A 1 78  ILE 78  100 100 ILE ILE A . n 
A 1 79  CYS 79  101 101 CYS CYS A . n 
A 1 80  ALA 80  102 102 ALA ALA A . n 
A 1 81  ALA 81  103 103 ALA ALA A . n 
A 1 82  ASN 82  104 104 ASN ASN A . n 
A 1 83  HIS 83  105 105 HIS HIS A . n 
A 1 84  THR 84  106 106 THR THR A . n 
A 1 85  GLY 85  107 107 GLY GLY A . n 
A 1 86  VAL 86  108 108 VAL VAL A . n 
A 1 87  TYR 87  109 109 TYR TYR A . n 
A 1 88  ILE 88  110 110 ILE ILE A . n 
A 1 89  LEU 89  111 111 LEU LEU A . n 
A 1 90  VAL 90  112 112 VAL VAL A . n 
A 1 91  THR 91  113 113 THR THR A . n 
A 1 92  SER 92  114 114 SER SER A . n 
A 1 93  ASN 93  115 115 ASN ASN A . n 
A 1 94  THR 94  116 116 THR THR A . n 
A 1 95  SER 95  117 117 SER SER A . n 
A 1 96  HIS 96  118 118 HIS HIS A . n 
A 1 97  TYR 97  119 119 TYR TYR A . n 
A 1 98  ASP 98  120 120 ASP ASP A . n 
A 1 99  THR 99  121 121 THR THR A . n 
A 1 100 TYR 100 122 122 TYR TYR A . n 
A 1 101 CYS 101 123 123 CYS CYS A . n 
A 1 102 PHE 102 124 124 PHE PHE A . n 
A 1 103 ASN 103 125 125 ASN ASN A . n 
A 1 104 ALA 104 126 126 ALA ALA A . n 
A 1 105 SER 105 127 127 SER SER A . n 
A 1 106 ALA 106 128 128 ALA ALA A . n 
A 1 107 PRO 107 129 129 PRO PRO A . n 
A 1 108 PRO 108 130 130 PRO PRO A . n 
A 1 109 GLU 109 131 131 GLU GLU A . n 
A 1 110 GLU 110 132 132 GLU GLU A . n 
A 1 111 ASP 111 133 133 ASP ASP A . n 
A 1 112 CYS 112 134 134 CYS CYS A . n 
A 1 113 THR 113 135 135 THR THR A . n 
A 1 114 SER 114 136 136 SER SER A . n 
A 1 115 VAL 115 137 137 VAL VAL A . n 
A 1 116 THR 116 138 138 THR THR A . n 
A 1 117 ASP 117 139 139 ASP ASP A . n 
A 1 118 LEU 118 140 140 LEU LEU A . n 
A 1 119 PRO 119 141 141 PRO PRO A . n 
A 1 120 ASN 120 142 142 ASN ASN A . n 
A 1 121 SER 121 143 143 SER SER A . n 
A 1 122 PHE 122 144 144 PHE PHE A . n 
A 1 123 ASP 123 145 145 ASP ASP A . n 
A 1 124 GLY 124 146 146 GLY GLY A . n 
A 1 125 PRO 125 147 147 PRO PRO A . n 
A 1 126 VAL 126 148 148 VAL VAL A . n 
A 1 127 THR 127 149 149 THR THR A . n 
A 1 128 ILE 128 150 150 ILE ILE A . n 
A 1 129 THR 129 151 151 THR THR A . n 
A 1 130 ILE 130 152 152 ILE ILE A . n 
A 1 131 VAL 131 153 153 VAL VAL A . n 
A 1 132 ASN 132 154 154 ASN ASN A . n 
A 1 133 ARG 133 155 155 ARG ARG A . n 
A 1 134 ASP 134 156 156 ASP ASP A . n 
A 1 135 GLY 135 157 157 GLY GLY A . n 
A 1 136 THR 136 158 158 THR THR A . n 
A 1 137 ARG 137 159 159 ARG ARG A . n 
A 1 138 ALA 138 160 160 ALA ALA A . n 
A 1 139 SER 139 161 161 SER SER A . n 
A 1 140 LYS 140 162 162 LYS LYS A . n 
A 1 141 LYS 141 163 163 LYS LYS A . n 
A 1 142 GLY 142 164 164 GLY GLY A . n 
A 1 143 GLU 143 165 165 GLU GLU A . n 
A 1 144 TYR 144 166 166 TYR TYR A . n 
A 1 145 ARG 145 167 167 ARG ARG A . n 
A 1 146 THR 146 168 168 THR THR A . n 
A 1 147 HIS 147 169 169 HIS HIS A . n 
A 1 148 GLN 148 170 170 GLN GLN A . n 
A 1 149 GLU 149 171 171 GLU GLU A . n 
A 1 150 ASP 150 172 172 ASP ASP A . n 
A 1 151 ILE 151 173 173 ILE ILE A . n 
# 
loop_
_pdbx_nonpoly_scheme.asym_id 
_pdbx_nonpoly_scheme.entity_id 
_pdbx_nonpoly_scheme.mon_id 
_pdbx_nonpoly_scheme.ndb_seq_num 
_pdbx_nonpoly_scheme.pdb_seq_num 
_pdbx_nonpoly_scheme.auth_seq_num 
_pdbx_nonpoly_scheme.pdb_mon_id 
_pdbx_nonpoly_scheme.auth_mon_id 
_pdbx_nonpoly_scheme.pdb_strand_id 
_pdbx_nonpoly_scheme.pdb_ins_code 
B 2 4X3 1 201 1 4X3 DRG A . 
C 3 HOH 1 301 1 HOH HOH A . 
# 
loop_
_software.citation_id 
_software.classification 
_software.compiler_name 
_software.compiler_version 
_software.contact_author 
_software.contact_author_email 
_software.date 
_software.description 
_software.dependencies 
_software.hardware 
_software.language 
_software.location 
_software.mods 
_software.name 
_software.os 
_software.os_version 
_software.type 
_software.version 
_software.pdbx_ordinal 
? 'data scaling'    ? ? ? ? ? ? ? ? ? ? ? XSCALE      ? ? ? .     1 
? phasing           ? ? ? ? ? ? ? ? ? ? ? PHASER      ? ? ? 2.1.4 2 
? refinement        ? ? ? ? ? ? ? ? ? ? ? REFMAC      ? ? ? .     3 
? 'data extraction' ? ? ? ? ? ? ? ? ? ? ? PDB_EXTRACT ? ? ? 3.15  4 
# 
_cell.angle_alpha                  90.000 
_cell.angle_alpha_esd              ? 
_cell.angle_beta                   118.2050 
_cell.angle_beta_esd               ? 
_cell.angle_gamma                  90.000 
_cell.angle_gamma_esd              ? 
_cell.entry_id                     5BZF 
_cell.details                      ? 
_cell.formula_units_Z              ? 
_cell.length_a                     30.9870 
_cell.length_a_esd                 ? 
_cell.length_b                     81.7440 
_cell.length_b_esd                 ? 
_cell.length_c                     32.2360 
_cell.length_c_esd                 ? 
_cell.volume                       ? 
_cell.volume_esd                   ? 
_cell.Z_PDB                        2 
_cell.reciprocal_angle_alpha       ? 
_cell.reciprocal_angle_beta        ? 
_cell.reciprocal_angle_gamma       ? 
_cell.reciprocal_angle_alpha_esd   ? 
_cell.reciprocal_angle_beta_esd    ? 
_cell.reciprocal_angle_gamma_esd   ? 
_cell.reciprocal_length_a          ? 
_cell.reciprocal_length_b          ? 
_cell.reciprocal_length_c          ? 
_cell.reciprocal_length_a_esd      ? 
_cell.reciprocal_length_b_esd      ? 
_cell.reciprocal_length_c_esd      ? 
_cell.pdbx_unique_axis             ? 
# 
_symmetry.entry_id                         5BZF 
_symmetry.cell_setting                     ? 
_symmetry.Int_Tables_number                4 
_symmetry.space_group_name_Hall            ? 
_symmetry.space_group_name_H-M             'P 1 21 1' 
_symmetry.pdbx_full_space_group_name_H-M   ? 
# 
_exptl.absorpt_coefficient_mu     ? 
_exptl.absorpt_correction_T_max   ? 
_exptl.absorpt_correction_T_min   ? 
_exptl.absorpt_correction_type    ? 
_exptl.absorpt_process_details    ? 
_exptl.entry_id                   5BZF 
_exptl.crystals_number            1 
_exptl.details                    ? 
_exptl.method                     'X-RAY DIFFRACTION' 
_exptl.method_details             ? 
# 
_exptl_crystal.colour                      ? 
_exptl_crystal.density_diffrn              ? 
_exptl_crystal.density_Matthews            2.14 
_exptl_crystal.density_method              ? 
_exptl_crystal.density_percent_sol         42.50 
_exptl_crystal.description                 ? 
_exptl_crystal.F_000                       ? 
_exptl_crystal.id                          1 
_exptl_crystal.preparation                 ? 
_exptl_crystal.size_max                    ? 
_exptl_crystal.size_mid                    ? 
_exptl_crystal.size_min                    ? 
_exptl_crystal.size_rad                    ? 
_exptl_crystal.colour_lustre               ? 
_exptl_crystal.colour_modifier             ? 
_exptl_crystal.colour_primary              ? 
_exptl_crystal.density_meas                ? 
_exptl_crystal.density_meas_esd            ? 
_exptl_crystal.density_meas_gt             ? 
_exptl_crystal.density_meas_lt             ? 
_exptl_crystal.density_meas_temp           ? 
_exptl_crystal.density_meas_temp_esd       ? 
_exptl_crystal.density_meas_temp_gt        ? 
_exptl_crystal.density_meas_temp_lt        ? 
_exptl_crystal.pdbx_crystal_image_url      ? 
_exptl_crystal.pdbx_crystal_image_format   ? 
_exptl_crystal.pdbx_mosaicity              ? 
_exptl_crystal.pdbx_mosaicity_esd          ? 
# 
_exptl_crystal_grow.apparatus       ? 
_exptl_crystal_grow.atmosphere      ? 
_exptl_crystal_grow.crystal_id      1 
_exptl_crystal_grow.details         ? 
_exptl_crystal_grow.method          'VAPOR DIFFUSION, HANGING DROP' 
_exptl_crystal_grow.method_ref      ? 
_exptl_crystal_grow.pH              6.5 
_exptl_crystal_grow.pressure        ? 
_exptl_crystal_grow.pressure_esd    ? 
_exptl_crystal_grow.seeding         ? 
_exptl_crystal_grow.seeding_ref     ? 
_exptl_crystal_grow.temp            298 
_exptl_crystal_grow.temp_details    ? 
_exptl_crystal_grow.temp_esd        ? 
_exptl_crystal_grow.time            ? 
_exptl_crystal_grow.pdbx_details    'PEG MME 5000, MES, (NH4)2SO4' 
_exptl_crystal_grow.pdbx_pH_range   ? 
# 
_diffrn.ambient_environment    ? 
_diffrn.ambient_temp           100 
_diffrn.ambient_temp_details   ? 
_diffrn.ambient_temp_esd       ? 
_diffrn.crystal_id             1 
_diffrn.crystal_support        ? 
_diffrn.crystal_treatment      ? 
_diffrn.details                ? 
_diffrn.id                     1 
_diffrn.ambient_pressure       ? 
_diffrn.ambient_pressure_esd   ? 
_diffrn.ambient_pressure_gt    ? 
_diffrn.ambient_pressure_lt    ? 
_diffrn.ambient_temp_gt        ? 
_diffrn.ambient_temp_lt        ? 
# 
_diffrn_detector.details                      ? 
_diffrn_detector.detector                     CCD 
_diffrn_detector.diffrn_id                    1 
_diffrn_detector.type                         NOIR-1 
_diffrn_detector.area_resol_mean              ? 
_diffrn_detector.dtime                        ? 
_diffrn_detector.pdbx_frames_total            ? 
_diffrn_detector.pdbx_collection_time_total   ? 
_diffrn_detector.pdbx_collection_date         2012-12-16 
# 
_diffrn_radiation.collimation                      ? 
_diffrn_radiation.diffrn_id                        1 
_diffrn_radiation.filter_edge                      ? 
_diffrn_radiation.inhomogeneity                    ? 
_diffrn_radiation.monochromator                    'double crystal' 
_diffrn_radiation.polarisn_norm                    ? 
_diffrn_radiation.polarisn_ratio                   ? 
_diffrn_radiation.probe                            ? 
_diffrn_radiation.type                             ? 
_diffrn_radiation.xray_symbol                      ? 
_diffrn_radiation.wavelength_id                    1 
_diffrn_radiation.pdbx_monochromatic_or_laue_m_l   M 
_diffrn_radiation.pdbx_wavelength_list             ? 
_diffrn_radiation.pdbx_wavelength                  ? 
_diffrn_radiation.pdbx_diffrn_protocol             'SINGLE WAVELENGTH' 
_diffrn_radiation.pdbx_analyzer                    ? 
_diffrn_radiation.pdbx_scattering_type             x-ray 
# 
_diffrn_radiation_wavelength.id           1 
_diffrn_radiation_wavelength.wavelength   1.000 
_diffrn_radiation_wavelength.wt           1.0 
# 
_diffrn_source.current                     ? 
_diffrn_source.details                     ? 
_diffrn_source.diffrn_id                   1 
_diffrn_source.power                       ? 
_diffrn_source.size                        ? 
_diffrn_source.source                      SYNCHROTRON 
_diffrn_source.target                      ? 
_diffrn_source.type                        'APS BEAMLINE 17-ID' 
_diffrn_source.voltage                     ? 
_diffrn_source.take-off_angle              ? 
_diffrn_source.pdbx_wavelength_list        1.000 
_diffrn_source.pdbx_wavelength             ? 
_diffrn_source.pdbx_synchrotron_beamline   17-ID 
_diffrn_source.pdbx_synchrotron_site       APS 
# 
_reflns.B_iso_Wilson_estimate            19.819 
_reflns.entry_id                         5BZF 
_reflns.data_reduction_details           ? 
_reflns.data_reduction_method            ? 
_reflns.d_resolution_high                2.660 
_reflns.d_resolution_low                 11.88 
_reflns.details                          ? 
_reflns.limit_h_max                      ? 
_reflns.limit_h_min                      ? 
_reflns.limit_k_max                      ? 
_reflns.limit_k_min                      ? 
_reflns.limit_l_max                      ? 
_reflns.limit_l_min                      ? 
_reflns.number_all                       ? 
_reflns.number_obs                       3766 
_reflns.observed_criterion               ? 
_reflns.observed_criterion_F_max         ? 
_reflns.observed_criterion_F_min         ? 
_reflns.observed_criterion_I_max         ? 
_reflns.observed_criterion_I_min         ? 
_reflns.observed_criterion_sigma_F       ? 
_reflns.observed_criterion_sigma_I       -3.000 
_reflns.percent_possible_obs             91.600 
_reflns.R_free_details                   ? 
_reflns.Rmerge_F_all                     ? 
_reflns.Rmerge_F_obs                     0.995 
_reflns.Friedel_coverage                 ? 
_reflns.number_gt                        ? 
_reflns.threshold_expression             ? 
_reflns.pdbx_redundancy                  2.966 
_reflns.pdbx_Rmerge_I_obs                0.077 
_reflns.pdbx_Rmerge_I_all                ? 
_reflns.pdbx_Rsym_value                  ? 
_reflns.pdbx_netI_over_av_sigmaI         ? 
_reflns.pdbx_netI_over_sigmaI            18.340 
_reflns.pdbx_res_netI_over_av_sigmaI_2   ? 
_reflns.pdbx_res_netI_over_sigmaI_2      ? 
_reflns.pdbx_chi_squared                 0.958 
_reflns.pdbx_scaling_rejects             ? 
_reflns.pdbx_d_res_high_opt              ? 
_reflns.pdbx_d_res_low_opt               ? 
_reflns.pdbx_d_res_opt_method            ? 
_reflns.phase_calculation_details        ? 
_reflns.pdbx_Rrim_I_all                  0.094 
_reflns.pdbx_Rpim_I_all                  ? 
_reflns.pdbx_d_opt                       ? 
_reflns.pdbx_number_measured_all         11169 
_reflns.pdbx_diffrn_id                   1 
_reflns.pdbx_ordinal                     1 
_reflns.pdbx_CC_half                     ? 
_reflns.pdbx_R_split                     ? 
# 
loop_
_reflns_shell.d_res_high 
_reflns_shell.d_res_low 
_reflns_shell.meanI_over_sigI_all 
_reflns_shell.meanI_over_sigI_obs 
_reflns_shell.number_measured_all 
_reflns_shell.number_measured_obs 
_reflns_shell.number_possible 
_reflns_shell.number_unique_all 
_reflns_shell.number_unique_obs 
_reflns_shell.percent_possible_all 
_reflns_shell.percent_possible_obs 
_reflns_shell.Rmerge_F_all 
_reflns_shell.Rmerge_F_obs 
_reflns_shell.Rmerge_I_all 
_reflns_shell.Rmerge_I_obs 
_reflns_shell.meanI_over_sigI_gt 
_reflns_shell.meanI_over_uI_all 
_reflns_shell.meanI_over_uI_gt 
_reflns_shell.number_measured_gt 
_reflns_shell.number_unique_gt 
_reflns_shell.percent_possible_gt 
_reflns_shell.Rmerge_F_gt 
_reflns_shell.Rmerge_I_gt 
_reflns_shell.pdbx_redundancy 
_reflns_shell.pdbx_Rsym_value 
_reflns_shell.pdbx_chi_squared 
_reflns_shell.pdbx_netI_over_sigmaI_all 
_reflns_shell.pdbx_netI_over_sigmaI_obs 
_reflns_shell.pdbx_Rrim_I_all 
_reflns_shell.pdbx_Rpim_I_all 
_reflns_shell.pdbx_rejects 
_reflns_shell.pdbx_ordinal 
_reflns_shell.pdbx_diffrn_id 
_reflns_shell.pdbx_CC_half 
_reflns_shell.pdbx_R_split 
2.660  2.730  ? 4.870  ? 357 304 ? 198 65.100 ? ? 0.931 ? 0.194 ? ? ? ? ? ? ? ? ? ? ? ? ? 0.257 ? 0 1  1 ? ? 
2.730  2.800  ? 5.920  ? 821 285 ? 271 95.100 ? ? 0.941 ? 0.226 ? ? ? ? ? ? ? ? ? ? ? ? ? 0.275 ? 0 2  1 ? ? 
2.800  2.880  ? 6.970  ? 925 294 ? 283 96.300 ? ? 0.955 ? 0.211 ? ? ? ? ? ? ? ? ? ? ? ? ? 0.254 ? 0 3  1 ? ? 
2.880  2.970  ? 9.000  ? 868 279 ? 269 96.400 ? ? 0.973 ? 0.162 ? ? ? ? ? ? ? ? ? ? ? ? ? 0.195 ? 0 4  1 ? ? 
2.970  3.070  ? 11.300 ? 836 263 ? 259 98.500 ? ? 0.982 ? 0.151 ? ? ? ? ? ? ? ? ? ? ? ? ? 0.181 ? 0 5  1 ? ? 
3.070  3.170  ? 13.040 ? 817 266 ? 252 94.700 ? ? 0.981 ? 0.121 ? ? ? ? ? ? ? ? ? ? ? ? ? 0.146 ? 0 6  1 ? ? 
3.170  3.290  ? 14.270 ? 746 250 ? 238 95.200 ? ? 0.984 ? 0.107 ? ? ? ? ? ? ? ? ? ? ? ? ? 0.129 ? 0 7  1 ? ? 
3.290  3.430  ? 16.150 ? 704 246 ? 231 93.900 ? ? 0.988 ? 0.089 ? ? ? ? ? ? ? ? ? ? ? ? ? 0.109 ? 0 8  1 ? ? 
3.430  3.580  ? 19.910 ? 649 232 ? 222 95.700 ? ? 0.995 ? 0.068 ? ? ? ? ? ? ? ? ? ? ? ? ? 0.083 ? 0 9  1 ? ? 
3.580  3.760  ? 20.550 ? 548 214 ? 193 90.200 ? ? 0.995 ? 0.068 ? ? ? ? ? ? ? ? ? ? ? ? ? 0.084 ? 0 10 1 ? ? 
3.760  3.960  ? 26.330 ? 560 224 ? 205 91.500 ? ? 0.998 ? 0.044 ? ? ? ? ? ? ? ? ? ? ? ? ? 0.055 ? 0 11 1 ? ? 
3.960  4.200  ? 27.750 ? 530 193 ? 181 93.800 ? ? 0.996 ? 0.047 ? ? ? ? ? ? ? ? ? ? ? ? ? 0.058 ? 0 12 1 ? ? 
4.200  4.490  ? 32.450 ? 515 197 ? 177 89.800 ? ? 0.998 ? 0.036 ? ? ? ? ? ? ? ? ? ? ? ? ? 0.044 ? 0 13 1 ? ? 
4.490  4.850  ? 33.890 ? 397 165 ? 145 87.900 ? ? 0.998 ? 0.032 ? ? ? ? ? ? ? ? ? ? ? ? ? 0.041 ? 0 14 1 ? ? 
4.850  5.310  ? 29.660 ? 467 171 ? 156 91.200 ? ? 0.998 ? 0.038 ? ? ? ? ? ? ? ? ? ? ? ? ? 0.047 ? 0 15 1 ? ? 
5.310  5.940  ? 23.630 ? 421 142 ? 137 96.500 ? ? 0.996 ? 0.052 ? ? ? ? ? ? ? ? ? ? ? ? ? 0.063 ? 0 16 1 ? ? 
5.940  6.860  ? 26.030 ? 389 133 ? 127 95.500 ? ? 0.996 ? 0.049 ? ? ? ? ? ? ? ? ? ? ? ? ? 0.059 ? 0 17 1 ? ? 
6.860  8.400  ? 29.800 ? 294 115 ? 99  86.100 ? ? 0.997 ? 0.045 ? ? ? ? ? ? ? ? ? ? ? ? ? 0.056 ? 0 18 1 ? ? 
8.400  11.880 ? 39.330 ? 215 85  ? 78  91.800 ? ? 0.999 ? 0.027 ? ? ? ? ? ? ? ? ? ? ? ? ? 0.034 ? 0 19 1 ? ? 
11.880 ?      ? 46.740 ? 110 52  ? 45  86.500 ? ? 0.999 ? 0.020 ? ? ? ? ? ? ? ? ? ? ? ? ? 0.026 ? 0 20 1 ? ? 
# 
_refine.aniso_B[1][1]                            -1.2900 
_refine.aniso_B[1][2]                            0.0000 
_refine.aniso_B[1][3]                            -0.9500 
_refine.aniso_B[2][2]                            2.3400 
_refine.aniso_B[2][3]                            0.0000 
_refine.aniso_B[3][3]                            -1.9400 
_refine.B_iso_max                                30.530 
_refine.B_iso_mean                               13.9820 
_refine.B_iso_min                                2.000 
_refine.correlation_coeff_Fo_to_Fc               0.9030 
_refine.correlation_coeff_Fo_to_Fc_free          0.7810 
_refine.details                                  
'HYDROGENS HAVE BEEN ADDED IN THE RIDING POSITIONS U VALUES      : REFINED INDIVIDUALLY' 
_refine.diff_density_max                         ? 
_refine.diff_density_max_esd                     ? 
_refine.diff_density_min                         ? 
_refine.diff_density_min_esd                     ? 
_refine.diff_density_rms                         ? 
_refine.diff_density_rms_esd                     ? 
_refine.entry_id                                 5BZF 
_refine.pdbx_refine_id                           'X-RAY DIFFRACTION' 
_refine.ls_abs_structure_details                 ? 
_refine.ls_abs_structure_Flack                   ? 
_refine.ls_abs_structure_Flack_esd               ? 
_refine.ls_abs_structure_Rogers                  ? 
_refine.ls_abs_structure_Rogers_esd              ? 
_refine.ls_d_res_high                            2.7700 
_refine.ls_d_res_low                             11.88 
_refine.ls_extinction_coef                       ? 
_refine.ls_extinction_coef_esd                   ? 
_refine.ls_extinction_expression                 ? 
_refine.ls_extinction_method                     ? 
_refine.ls_goodness_of_fit_all                   ? 
_refine.ls_goodness_of_fit_all_esd               ? 
_refine.ls_goodness_of_fit_obs                   ? 
_refine.ls_goodness_of_fit_obs_esd               ? 
_refine.ls_hydrogen_treatment                    ? 
_refine.ls_matrix_type                           ? 
_refine.ls_number_constraints                    ? 
_refine.ls_number_parameters                     ? 
_refine.ls_number_reflns_all                     ? 
_refine.ls_number_reflns_obs                     3373 
_refine.ls_number_reflns_R_free                  190 
_refine.ls_number_reflns_R_work                  ? 
_refine.ls_number_restraints                     ? 
_refine.ls_percent_reflns_obs                    99.2200 
_refine.ls_percent_reflns_R_free                 5.3000 
_refine.ls_R_factor_all                          ? 
_refine.ls_R_factor_obs                          0.2060 
_refine.ls_R_factor_R_free                       0.2928 
_refine.ls_R_factor_R_free_error                 ? 
_refine.ls_R_factor_R_free_error_details         ? 
_refine.ls_R_factor_R_work                       0.2015 
_refine.ls_R_Fsqd_factor_obs                     ? 
_refine.ls_R_I_factor_obs                        ? 
_refine.ls_redundancy_reflns_all                 ? 
_refine.ls_redundancy_reflns_obs                 ? 
_refine.ls_restrained_S_all                      ? 
_refine.ls_restrained_S_obs                      ? 
_refine.ls_shift_over_esd_max                    ? 
_refine.ls_shift_over_esd_mean                   ? 
_refine.ls_structure_factor_coef                 ? 
_refine.ls_weighting_details                     ? 
_refine.ls_weighting_scheme                      ? 
_refine.ls_wR_factor_all                         ? 
_refine.ls_wR_factor_obs                         ? 
_refine.ls_wR_factor_R_free                      0.2458 
_refine.ls_wR_factor_R_work                      0.1743 
_refine.occupancy_max                            ? 
_refine.occupancy_min                            ? 
_refine.solvent_model_details                    MASK 
_refine.solvent_model_param_bsol                 ? 
_refine.solvent_model_param_ksol                 ? 
_refine.ls_R_factor_gt                           ? 
_refine.ls_goodness_of_fit_gt                    ? 
_refine.ls_goodness_of_fit_ref                   ? 
_refine.ls_shift_over_su_max                     ? 
_refine.ls_shift_over_su_max_lt                  ? 
_refine.ls_shift_over_su_mean                    ? 
_refine.ls_shift_over_su_mean_lt                 ? 
_refine.pdbx_ls_sigma_I                          ? 
_refine.pdbx_ls_sigma_F                          0.000 
_refine.pdbx_ls_sigma_Fsqd                       ? 
_refine.pdbx_data_cutoff_high_absF               ? 
_refine.pdbx_data_cutoff_high_rms_absF           ? 
_refine.pdbx_data_cutoff_low_absF                ? 
_refine.pdbx_isotropic_thermal_model             ? 
_refine.pdbx_ls_cross_valid_method               THROUGHOUT 
_refine.pdbx_method_to_determine_struct          'MOLECULAR REPLACEMENT' 
_refine.pdbx_starting_model                      ? 
_refine.pdbx_stereochemistry_target_values       'MAXIMUM LIKELIHOOD' 
_refine.pdbx_R_Free_selection_details            RANDOM 
_refine.pdbx_stereochem_target_val_spec_case     ? 
_refine.pdbx_overall_ESU_R                       ? 
_refine.pdbx_overall_ESU_R_Free                  0.4910 
_refine.pdbx_solvent_vdw_probe_radii             1.4000 
_refine.pdbx_solvent_ion_probe_radii             0.8000 
_refine.pdbx_solvent_shrinkage_radii             0.8000 
_refine.pdbx_real_space_R                        ? 
_refine.pdbx_density_correlation                 ? 
_refine.pdbx_pd_number_of_powder_patterns        ? 
_refine.pdbx_pd_number_of_points                 ? 
_refine.pdbx_pd_meas_number_of_points            ? 
_refine.pdbx_pd_proc_ls_prof_R_factor            ? 
_refine.pdbx_pd_proc_ls_prof_wR_factor           ? 
_refine.pdbx_pd_Marquardt_correlation_coeff      ? 
_refine.pdbx_pd_Fsqrd_R_factor                   ? 
_refine.pdbx_pd_ls_matrix_band_width             ? 
_refine.pdbx_overall_phase_error                 ? 
_refine.pdbx_overall_SU_R_free_Cruickshank_DPI   ? 
_refine.pdbx_overall_SU_R_free_Blow_DPI          ? 
_refine.pdbx_overall_SU_R_Blow_DPI               ? 
_refine.pdbx_TLS_residual_ADP_flag               ? 
_refine.pdbx_diffrn_id                           1 
_refine.overall_SU_B                             16.8260 
_refine.overall_SU_ML                            0.3410 
_refine.overall_SU_R_Cruickshank_DPI             ? 
_refine.overall_SU_R_free                        0.4817 
_refine.overall_FOM_free_R_set                   ? 
_refine.overall_FOM_work_R_set                   0.8157 
_refine.pdbx_average_fsc_overall                 ? 
_refine.pdbx_average_fsc_work                    ? 
_refine.pdbx_average_fsc_free                    ? 
# 
_refine_hist.cycle_id                         final 
_refine_hist.pdbx_refine_id                   'X-RAY DIFFRACTION' 
_refine_hist.d_res_high                       2.7700 
_refine_hist.d_res_low                        11.88 
_refine_hist.pdbx_number_atoms_ligand         13 
_refine_hist.number_atoms_solvent             1 
_refine_hist.number_atoms_total               1179 
_refine_hist.pdbx_number_residues_total       150 
_refine_hist.pdbx_B_iso_mean_ligand           21.01 
_refine_hist.pdbx_B_iso_mean_solvent          12.43 
_refine_hist.pdbx_number_atoms_protein        1165 
_refine_hist.pdbx_number_atoms_nucleic_acid   0 
# 
loop_
_refine_ls_restr.pdbx_refine_id 
_refine_ls_restr.criterion 
_refine_ls_restr.dev_ideal 
_refine_ls_restr.dev_ideal_target 
_refine_ls_restr.number 
_refine_ls_restr.rejects 
_refine_ls_restr.type 
_refine_ls_restr.weight 
_refine_ls_restr.pdbx_restraint_function 
'X-RAY DIFFRACTION' ? 0.010  0.022  1213 ? r_bond_refined_d       ? ? 
'X-RAY DIFFRACTION' ? 1.262  1.949  1653 ? r_angle_refined_deg    ? ? 
'X-RAY DIFFRACTION' ? 6.973  5.000  151  ? r_dihedral_angle_1_deg ? ? 
'X-RAY DIFFRACTION' ? 34.689 24.138 58   ? r_dihedral_angle_2_deg ? ? 
'X-RAY DIFFRACTION' ? 15.150 15.000 189  ? r_dihedral_angle_3_deg ? ? 
'X-RAY DIFFRACTION' ? 14.302 15.000 8    ? r_dihedral_angle_4_deg ? ? 
'X-RAY DIFFRACTION' ? 0.081  0.200  184  ? r_chiral_restr         ? ? 
'X-RAY DIFFRACTION' ? 0.005  0.021  937  ? r_gen_planes_refined   ? ? 
'X-RAY DIFFRACTION' ? 0.371  1.500  753  ? r_mcbond_it            ? ? 
'X-RAY DIFFRACTION' ? 0.714  2.000  1226 ? r_mcangle_it           ? ? 
'X-RAY DIFFRACTION' ? 1.053  3.000  460  ? r_scbond_it            ? ? 
'X-RAY DIFFRACTION' ? 1.800  4.500  427  ? r_scangle_it           ? ? 
# 
_refine_ls_shell.pdbx_refine_id                   'X-RAY DIFFRACTION' 
_refine_ls_shell.d_res_high                       2.7730 
_refine_ls_shell.d_res_low                        2.8450 
_refine_ls_shell.number_reflns_all                270 
_refine_ls_shell.number_reflns_obs                ? 
_refine_ls_shell.number_reflns_R_free             12 
_refine_ls_shell.number_reflns_R_work             258 
_refine_ls_shell.percent_reflns_obs               99.6300 
_refine_ls_shell.percent_reflns_R_free            ? 
_refine_ls_shell.R_factor_all                     ? 
_refine_ls_shell.R_factor_obs                     ? 
_refine_ls_shell.R_factor_R_free                  0.3700 
_refine_ls_shell.R_factor_R_free_error            ? 
_refine_ls_shell.R_factor_R_work                  0.2350 
_refine_ls_shell.redundancy_reflns_all            ? 
_refine_ls_shell.redundancy_reflns_obs            ? 
_refine_ls_shell.wR_factor_all                    ? 
_refine_ls_shell.wR_factor_obs                    ? 
_refine_ls_shell.wR_factor_R_free                 ? 
_refine_ls_shell.wR_factor_R_work                 ? 
_refine_ls_shell.pdbx_total_number_of_bins_used   20 
_refine_ls_shell.pdbx_phase_error                 ? 
_refine_ls_shell.pdbx_fsc_work                    ? 
_refine_ls_shell.pdbx_fsc_free                    ? 
# 
_struct.entry_id                     5BZF 
_struct.title                        'Crystal structure of the murine CD44 hyaluronan binding domain complex with a small molecule' 
_struct.pdbx_model_details           ? 
_struct.pdbx_formula_weight          ? 
_struct.pdbx_formula_weight_method   ? 
_struct.pdbx_model_type_details      ? 
_struct.pdbx_CASP_flag               ? 
# 
_struct_keywords.entry_id        5BZF 
_struct_keywords.text            'Link module, PROTEIN BINDING' 
_struct_keywords.pdbx_keywords   'PROTEIN BINDING' 
# 
loop_
_struct_asym.id 
_struct_asym.pdbx_blank_PDB_chainid_flag 
_struct_asym.pdbx_modified 
_struct_asym.entity_id 
_struct_asym.details 
A N N 1 ? 
B N N 2 ? 
C N N 3 ? 
# 
_struct_ref.id                         1 
_struct_ref.db_name                    UNP 
_struct_ref.db_code                    CD44_MOUSE 
_struct_ref.pdbx_db_accession          P15379 
_struct_ref.pdbx_db_isoform            P15379-7 
_struct_ref.entity_id                  1 
_struct_ref.pdbx_seq_one_letter_code   
;HQQIDLNVTCRYAGVFHVEKNGRYSISRTEAADLCQAFNSTLPTMDQMKLALSKGFETCRYGFIEGNVVIPRIHPNAICA
ANHTGVYILVTSNTSHYDTYCFNASAPPEEDCTSVTDLPNSFDGPVTITIVNRDGTRYSKKGEYRTHQEDI
;
_struct_ref.pdbx_align_begin           21 
# 
_struct_ref_seq.align_id                      1 
_struct_ref_seq.ref_id                        1 
_struct_ref_seq.pdbx_PDB_id_code              5BZF 
_struct_ref_seq.pdbx_strand_id                A 
_struct_ref_seq.seq_align_beg                 1 
_struct_ref_seq.pdbx_seq_align_beg_ins_code   ? 
_struct_ref_seq.seq_align_end                 151 
_struct_ref_seq.pdbx_seq_align_end_ins_code   ? 
_struct_ref_seq.pdbx_db_accession             P15379 
_struct_ref_seq.db_align_beg                  21 
_struct_ref_seq.pdbx_db_align_beg_ins_code    ? 
_struct_ref_seq.db_align_end                  171 
_struct_ref_seq.pdbx_db_align_end_ins_code    ? 
_struct_ref_seq.pdbx_auth_seq_align_beg       23 
_struct_ref_seq.pdbx_auth_seq_align_end       173 
# 
loop_
_struct_ref_seq_dif.align_id 
_struct_ref_seq_dif.pdbx_pdb_id_code 
_struct_ref_seq_dif.mon_id 
_struct_ref_seq_dif.pdbx_pdb_strand_id 
_struct_ref_seq_dif.seq_num 
_struct_ref_seq_dif.pdbx_pdb_ins_code 
_struct_ref_seq_dif.pdbx_seq_db_name 
_struct_ref_seq_dif.pdbx_seq_db_accession_code 
_struct_ref_seq_dif.db_mon_id 
_struct_ref_seq_dif.pdbx_seq_db_seq_num 
_struct_ref_seq_dif.details 
_struct_ref_seq_dif.pdbx_auth_seq_num 
_struct_ref_seq_dif.pdbx_ordinal 
1 5BZF MET A 1   ? UNP P15379 HIS 21  'engineered mutation' 23  1 
1 5BZF ALA A 138 ? UNP P15379 TYR 158 'engineered mutation' 160 2 
# 
_pdbx_struct_assembly.id                   1 
_pdbx_struct_assembly.details              author_and_software_defined_assembly 
_pdbx_struct_assembly.method_details       PISA 
_pdbx_struct_assembly.oligomeric_details   monomeric 
_pdbx_struct_assembly.oligomeric_count     1 
# 
_pdbx_struct_assembly_gen.assembly_id       1 
_pdbx_struct_assembly_gen.oper_expression   1 
_pdbx_struct_assembly_gen.asym_id_list      A,B,C 
# 
_pdbx_struct_oper_list.id                   1 
_pdbx_struct_oper_list.type                 'identity operation' 
_pdbx_struct_oper_list.name                 1_555 
_pdbx_struct_oper_list.symmetry_operation   x,y,z 
_pdbx_struct_oper_list.matrix[1][1]         1.0000000000 
_pdbx_struct_oper_list.matrix[1][2]         0.0000000000 
_pdbx_struct_oper_list.matrix[1][3]         0.0000000000 
_pdbx_struct_oper_list.vector[1]            0.0000000000 
_pdbx_struct_oper_list.matrix[2][1]         0.0000000000 
_pdbx_struct_oper_list.matrix[2][2]         1.0000000000 
_pdbx_struct_oper_list.matrix[2][3]         0.0000000000 
_pdbx_struct_oper_list.vector[2]            0.0000000000 
_pdbx_struct_oper_list.matrix[3][1]         0.0000000000 
_pdbx_struct_oper_list.matrix[3][2]         0.0000000000 
_pdbx_struct_oper_list.matrix[3][3]         1.0000000000 
_pdbx_struct_oper_list.vector[3]            0.0000000000 
# 
loop_
_struct_conf.conf_type_id 
_struct_conf.id 
_struct_conf.pdbx_PDB_helix_id 
_struct_conf.beg_label_comp_id 
_struct_conf.beg_label_asym_id 
_struct_conf.beg_label_seq_id 
_struct_conf.pdbx_beg_PDB_ins_code 
_struct_conf.end_label_comp_id 
_struct_conf.end_label_asym_id 
_struct_conf.end_label_seq_id 
_struct_conf.pdbx_end_PDB_ins_code 
_struct_conf.beg_auth_comp_id 
_struct_conf.beg_auth_asym_id 
_struct_conf.beg_auth_seq_id 
_struct_conf.end_auth_comp_id 
_struct_conf.end_auth_asym_id 
_struct_conf.end_auth_seq_id 
_struct_conf.pdbx_PDB_helix_class 
_struct_conf.details 
_struct_conf.pdbx_PDB_helix_length 
HELX_P HELX_P1 AA1 SER A 27  ? PHE A 38  ? SER A 49  PHE A 60  1 ? 12 
HELX_P HELX_P2 AA2 THR A 44  ? LYS A 54  ? THR A 66  LYS A 76  1 ? 11 
HELX_P HELX_P3 AA3 HIS A 147 ? ILE A 151 ? HIS A 169 ILE A 173 5 ? 5  
# 
_struct_conf_type.id          HELX_P 
_struct_conf_type.criteria    ? 
_struct_conf_type.reference   ? 
# 
loop_
_struct_conn.id 
_struct_conn.conn_type_id 
_struct_conn.pdbx_leaving_atom_flag 
_struct_conn.pdbx_PDB_id 
_struct_conn.ptnr1_label_asym_id 
_struct_conn.ptnr1_label_comp_id 
_struct_conn.ptnr1_label_seq_id 
_struct_conn.ptnr1_label_atom_id 
_struct_conn.pdbx_ptnr1_label_alt_id 
_struct_conn.pdbx_ptnr1_PDB_ins_code 
_struct_conn.pdbx_ptnr1_standard_comp_id 
_struct_conn.ptnr1_symmetry 
_struct_conn.ptnr2_label_asym_id 
_struct_conn.ptnr2_label_comp_id 
_struct_conn.ptnr2_label_seq_id 
_struct_conn.ptnr2_label_atom_id 
_struct_conn.pdbx_ptnr2_label_alt_id 
_struct_conn.pdbx_ptnr2_PDB_ins_code 
_struct_conn.ptnr1_auth_asym_id 
_struct_conn.ptnr1_auth_comp_id 
_struct_conn.ptnr1_auth_seq_id 
_struct_conn.ptnr2_auth_asym_id 
_struct_conn.ptnr2_auth_comp_id 
_struct_conn.ptnr2_auth_seq_id 
_struct_conn.ptnr2_symmetry 
_struct_conn.pdbx_ptnr3_label_atom_id 
_struct_conn.pdbx_ptnr3_label_seq_id 
_struct_conn.pdbx_ptnr3_label_comp_id 
_struct_conn.pdbx_ptnr3_label_asym_id 
_struct_conn.pdbx_ptnr3_label_alt_id 
_struct_conn.pdbx_ptnr3_PDB_ins_code 
_struct_conn.details 
_struct_conn.pdbx_dist_value 
_struct_conn.pdbx_value_order 
_struct_conn.pdbx_role 
disulf1 disulf ? ? A CYS 10 SG ? ? ? 1_555 A CYS 112 SG ? ? A CYS 32 A CYS 134 1_555 ? ? ? ? ? ? ? 2.034 ? ? 
disulf2 disulf ? ? A CYS 35 SG ? ? ? 1_555 A CYS 101 SG ? ? A CYS 57 A CYS 123 1_555 ? ? ? ? ? ? ? 2.014 ? ? 
disulf3 disulf ? ? A CYS 59 SG ? ? ? 1_555 A CYS 79  SG ? ? A CYS 81 A CYS 101 1_555 ? ? ? ? ? ? ? 2.050 ? ? 
# 
_struct_conn_type.id          disulf 
_struct_conn_type.criteria    ? 
_struct_conn_type.reference   ? 
# 
loop_
_pdbx_modification_feature.ordinal 
_pdbx_modification_feature.label_comp_id 
_pdbx_modification_feature.label_asym_id 
_pdbx_modification_feature.label_seq_id 
_pdbx_modification_feature.label_alt_id 
_pdbx_modification_feature.modified_residue_label_comp_id 
_pdbx_modification_feature.modified_residue_label_asym_id 
_pdbx_modification_feature.modified_residue_label_seq_id 
_pdbx_modification_feature.modified_residue_label_alt_id 
_pdbx_modification_feature.auth_comp_id 
_pdbx_modification_feature.auth_asym_id 
_pdbx_modification_feature.auth_seq_id 
_pdbx_modification_feature.PDB_ins_code 
_pdbx_modification_feature.symmetry 
_pdbx_modification_feature.modified_residue_auth_comp_id 
_pdbx_modification_feature.modified_residue_auth_asym_id 
_pdbx_modification_feature.modified_residue_auth_seq_id 
_pdbx_modification_feature.modified_residue_PDB_ins_code 
_pdbx_modification_feature.modified_residue_symmetry 
_pdbx_modification_feature.comp_id_linking_atom 
_pdbx_modification_feature.modified_residue_id_linking_atom 
_pdbx_modification_feature.modified_residue_id 
_pdbx_modification_feature.ref_pcm_id 
_pdbx_modification_feature.ref_comp_id 
_pdbx_modification_feature.type 
_pdbx_modification_feature.category 
1 CYS A 10 ? CYS A 112 ? CYS A 32 ? 1_555 CYS A 134 ? 1_555 SG SG . . . None 'Disulfide bridge' 
2 CYS A 35 ? CYS A 101 ? CYS A 57 ? 1_555 CYS A 123 ? 1_555 SG SG . . . None 'Disulfide bridge' 
3 CYS A 59 ? CYS A 79  ? CYS A 81 ? 1_555 CYS A 101 ? 1_555 SG SG . . . None 'Disulfide bridge' 
# 
loop_
_struct_sheet.id 
_struct_sheet.type 
_struct_sheet.number_strands 
_struct_sheet.details 
AA1 ? 8 ? 
AA2 ? 2 ? 
# 
loop_
_struct_sheet_order.sheet_id 
_struct_sheet_order.range_id_1 
_struct_sheet_order.range_id_2 
_struct_sheet_order.offset 
_struct_sheet_order.sense 
AA1 1 2 ? anti-parallel 
AA1 2 3 ? anti-parallel 
AA1 3 4 ? parallel      
AA1 4 5 ? anti-parallel 
AA1 5 6 ? anti-parallel 
AA1 6 7 ? parallel      
AA1 7 8 ? anti-parallel 
AA2 1 2 ? anti-parallel 
# 
loop_
_struct_sheet_range.sheet_id 
_struct_sheet_range.id 
_struct_sheet_range.beg_label_comp_id 
_struct_sheet_range.beg_label_asym_id 
_struct_sheet_range.beg_label_seq_id 
_struct_sheet_range.pdbx_beg_PDB_ins_code 
_struct_sheet_range.end_label_comp_id 
_struct_sheet_range.end_label_asym_id 
_struct_sheet_range.end_label_seq_id 
_struct_sheet_range.pdbx_end_PDB_ins_code 
_struct_sheet_range.beg_auth_comp_id 
_struct_sheet_range.beg_auth_asym_id 
_struct_sheet_range.beg_auth_seq_id 
_struct_sheet_range.end_auth_comp_id 
_struct_sheet_range.end_auth_asym_id 
_struct_sheet_range.end_auth_seq_id 
AA1 1 GLY A 85  ? ILE A 88  ? GLY A 107 ILE A 110 
AA1 2 VAL A 68  ? ARG A 72  ? VAL A 90  ARG A 94  
AA1 3 GLY A 62  ? PHE A 63  ? GLY A 84  PHE A 85  
AA1 4 ASP A 98  ? PHE A 102 ? ASP A 120 PHE A 124 
AA1 5 VAL A 15  ? LYS A 20  ? VAL A 37  LYS A 42  
AA1 6 GLN A 3   ? VAL A 8   ? GLN A 25  VAL A 30  
AA1 7 PHE A 122 ? ASN A 132 ? PHE A 144 ASN A 154 
AA1 8 ARG A 137 ? GLU A 143 ? ARG A 159 GLU A 165 
AA2 1 ARG A 11  ? TYR A 12  ? ARG A 33  TYR A 34  
AA2 2 GLU A 110 ? ASP A 111 ? GLU A 132 ASP A 133 
# 
loop_
_pdbx_struct_sheet_hbond.sheet_id 
_pdbx_struct_sheet_hbond.range_id_1 
_pdbx_struct_sheet_hbond.range_id_2 
_pdbx_struct_sheet_hbond.range_1_label_atom_id 
_pdbx_struct_sheet_hbond.range_1_label_comp_id 
_pdbx_struct_sheet_hbond.range_1_label_asym_id 
_pdbx_struct_sheet_hbond.range_1_label_seq_id 
_pdbx_struct_sheet_hbond.range_1_PDB_ins_code 
_pdbx_struct_sheet_hbond.range_1_auth_atom_id 
_pdbx_struct_sheet_hbond.range_1_auth_comp_id 
_pdbx_struct_sheet_hbond.range_1_auth_asym_id 
_pdbx_struct_sheet_hbond.range_1_auth_seq_id 
_pdbx_struct_sheet_hbond.range_2_label_atom_id 
_pdbx_struct_sheet_hbond.range_2_label_comp_id 
_pdbx_struct_sheet_hbond.range_2_label_asym_id 
_pdbx_struct_sheet_hbond.range_2_label_seq_id 
_pdbx_struct_sheet_hbond.range_2_PDB_ins_code 
_pdbx_struct_sheet_hbond.range_2_auth_atom_id 
_pdbx_struct_sheet_hbond.range_2_auth_comp_id 
_pdbx_struct_sheet_hbond.range_2_auth_asym_id 
_pdbx_struct_sheet_hbond.range_2_auth_seq_id 
AA1 1 2 O GLY A 85  ? O GLY A 107 N ARG A 72  ? N ARG A 94  
AA1 2 3 O VAL A 69  ? O VAL A 91  N GLY A 62  ? N GLY A 84  
AA1 3 4 N PHE A 63  ? N PHE A 85  O TYR A 100 ? O TYR A 122 
AA1 4 5 O THR A 99  ? O THR A 121 N VAL A 18  ? N VAL A 40  
AA1 5 6 O GLU A 19  ? O GLU A 41  N ASN A 7   ? N ASN A 29  
AA1 6 7 N ILE A 4   ? N ILE A 26  O THR A 127 ? O THR A 149 
AA1 7 8 N ILE A 128 ? N ILE A 150 O LYS A 140 ? O LYS A 162 
AA2 1 2 N ARG A 11  ? N ARG A 33  O ASP A 111 ? O ASP A 133 
# 
_struct_site.id                   AC1 
_struct_site.pdbx_evidence_code   Software 
_struct_site.pdbx_auth_asym_id    A 
_struct_site.pdbx_auth_comp_id    4X3 
_struct_site.pdbx_auth_seq_id     201 
_struct_site.pdbx_auth_ins_code   ? 
_struct_site.pdbx_num_residues    6 
_struct_site.details              'binding site for residue 4X3 A 201' 
# 
loop_
_struct_site_gen.id 
_struct_site_gen.site_id 
_struct_site_gen.pdbx_num_res 
_struct_site_gen.label_comp_id 
_struct_site_gen.label_asym_id 
_struct_site_gen.label_seq_id 
_struct_site_gen.pdbx_auth_ins_code 
_struct_site_gen.auth_comp_id 
_struct_site_gen.auth_asym_id 
_struct_site_gen.auth_seq_id 
_struct_site_gen.label_atom_id 
_struct_site_gen.label_alt_id 
_struct_site_gen.symmetry 
_struct_site_gen.details 
1 AC1 6 VAL A 8   ? VAL A 30  . ? 1_555 ? 
2 AC1 6 THR A 9   ? THR A 31  . ? 1_555 ? 
3 AC1 6 GLU A 19  ? GLU A 41  . ? 1_555 ? 
4 AC1 6 ASP A 46  ? ASP A 68  . ? 1_655 ? 
5 AC1 6 ARG A 133 ? ARG A 155 . ? 1_555 ? 
6 AC1 6 HOH C .   ? HOH A 301 . ? 1_555 ? 
# 
_pdbx_entry_details.entry_id                   5BZF 
_pdbx_entry_details.compound_details           ? 
_pdbx_entry_details.source_details             ? 
_pdbx_entry_details.nonpolymer_details         ? 
_pdbx_entry_details.sequence_details           ? 
_pdbx_entry_details.has_ligand_of_interest     ? 
_pdbx_entry_details.has_protein_modification   Y 
# 
loop_
_pdbx_validate_rmsd_bond.id 
_pdbx_validate_rmsd_bond.PDB_model_num 
_pdbx_validate_rmsd_bond.auth_atom_id_1 
_pdbx_validate_rmsd_bond.auth_asym_id_1 
_pdbx_validate_rmsd_bond.auth_comp_id_1 
_pdbx_validate_rmsd_bond.auth_seq_id_1 
_pdbx_validate_rmsd_bond.PDB_ins_code_1 
_pdbx_validate_rmsd_bond.label_alt_id_1 
_pdbx_validate_rmsd_bond.auth_atom_id_2 
_pdbx_validate_rmsd_bond.auth_asym_id_2 
_pdbx_validate_rmsd_bond.auth_comp_id_2 
_pdbx_validate_rmsd_bond.auth_seq_id_2 
_pdbx_validate_rmsd_bond.PDB_ins_code_2 
_pdbx_validate_rmsd_bond.label_alt_id_2 
_pdbx_validate_rmsd_bond.bond_value 
_pdbx_validate_rmsd_bond.bond_target_value 
_pdbx_validate_rmsd_bond.bond_deviation 
_pdbx_validate_rmsd_bond.bond_standard_deviation 
_pdbx_validate_rmsd_bond.linker_flag 
1 1 CG A GLU 52 ? ? CD  A GLU 52 ? ? 1.399 1.515 -0.116 0.015 N 
2 1 CD A GLU 52 ? ? OE2 A GLU 52 ? ? 1.186 1.252 -0.066 0.011 N 
# 
loop_
_pdbx_validate_torsion.id 
_pdbx_validate_torsion.PDB_model_num 
_pdbx_validate_torsion.auth_comp_id 
_pdbx_validate_torsion.auth_asym_id 
_pdbx_validate_torsion.auth_seq_id 
_pdbx_validate_torsion.PDB_ins_code 
_pdbx_validate_torsion.label_alt_id 
_pdbx_validate_torsion.phi 
_pdbx_validate_torsion.psi 
1 1 TYR A 46  ? ? -60.25  99.27   
2 1 SER A 47  ? ? -147.19 27.65   
3 1 ILE A 86  ? ? -128.04 -168.26 
4 1 ILE A 95  ? ? -99.15  -62.82  
5 1 ALA A 102 ? ? 46.11   21.04   
6 1 ALA A 103 ? ? 59.06   71.81   
7 1 ASN A 104 ? ? 48.48   8.37    
8 1 GLU A 131 ? ? -123.14 -134.39 
9 1 LEU A 140 ? ? -115.33 75.93   
# 
_phasing.method   MR 
# 
_pdbx_unobs_or_zero_occ_residues.id               1 
_pdbx_unobs_or_zero_occ_residues.PDB_model_num    1 
_pdbx_unobs_or_zero_occ_residues.polymer_flag     Y 
_pdbx_unobs_or_zero_occ_residues.occupancy_flag   1 
_pdbx_unobs_or_zero_occ_residues.auth_asym_id     A 
_pdbx_unobs_or_zero_occ_residues.auth_comp_id     MET 
_pdbx_unobs_or_zero_occ_residues.auth_seq_id      23 
_pdbx_unobs_or_zero_occ_residues.PDB_ins_code     ? 
_pdbx_unobs_or_zero_occ_residues.label_asym_id    A 
_pdbx_unobs_or_zero_occ_residues.label_comp_id    MET 
_pdbx_unobs_or_zero_occ_residues.label_seq_id     1 
# 
loop_
_chem_comp_atom.comp_id 
_chem_comp_atom.atom_id 
_chem_comp_atom.type_symbol 
_chem_comp_atom.pdbx_aromatic_flag 
_chem_comp_atom.pdbx_stereo_config 
_chem_comp_atom.pdbx_ordinal 
4X3 CAH  C N N 1   
4X3 CAG  C N N 2   
4X3 CAL  C Y N 3   
4X3 CAJ  C Y N 4   
4X3 NAB  N N N 5   
4X3 CAD  C Y N 6   
4X3 CAC  C Y N 7   
4X3 CAE  C Y N 8   
4X3 CAK  C Y N 9   
4X3 CAI  C N N 10  
4X3 NAM  N N N 11  
4X3 CAF  C N N 12  
4X3 CAA  C N N 13  
4X3 H1   H N N 14  
4X3 H2   H N N 15  
4X3 H3   H N N 16  
4X3 H4   H N N 17  
4X3 H5   H N N 18  
4X3 H6   H N N 19  
4X3 H7   H N N 20  
4X3 H8   H N N 21  
4X3 H9   H N N 22  
4X3 H10  H N N 23  
4X3 H11  H N N 24  
4X3 H13  H N N 25  
4X3 H14  H N N 26  
4X3 H15  H N N 27  
4X3 H16  H N N 28  
4X3 H17  H N N 29  
ALA N    N N N 30  
ALA CA   C N S 31  
ALA C    C N N 32  
ALA O    O N N 33  
ALA CB   C N N 34  
ALA OXT  O N N 35  
ALA H    H N N 36  
ALA H2   H N N 37  
ALA HA   H N N 38  
ALA HB1  H N N 39  
ALA HB2  H N N 40  
ALA HB3  H N N 41  
ALA HXT  H N N 42  
ARG N    N N N 43  
ARG CA   C N S 44  
ARG C    C N N 45  
ARG O    O N N 46  
ARG CB   C N N 47  
ARG CG   C N N 48  
ARG CD   C N N 49  
ARG NE   N N N 50  
ARG CZ   C N N 51  
ARG NH1  N N N 52  
ARG NH2  N N N 53  
ARG OXT  O N N 54  
ARG H    H N N 55  
ARG H2   H N N 56  
ARG HA   H N N 57  
ARG HB2  H N N 58  
ARG HB3  H N N 59  
ARG HG2  H N N 60  
ARG HG3  H N N 61  
ARG HD2  H N N 62  
ARG HD3  H N N 63  
ARG HE   H N N 64  
ARG HH11 H N N 65  
ARG HH12 H N N 66  
ARG HH21 H N N 67  
ARG HH22 H N N 68  
ARG HXT  H N N 69  
ASN N    N N N 70  
ASN CA   C N S 71  
ASN C    C N N 72  
ASN O    O N N 73  
ASN CB   C N N 74  
ASN CG   C N N 75  
ASN OD1  O N N 76  
ASN ND2  N N N 77  
ASN OXT  O N N 78  
ASN H    H N N 79  
ASN H2   H N N 80  
ASN HA   H N N 81  
ASN HB2  H N N 82  
ASN HB3  H N N 83  
ASN HD21 H N N 84  
ASN HD22 H N N 85  
ASN HXT  H N N 86  
ASP N    N N N 87  
ASP CA   C N S 88  
ASP C    C N N 89  
ASP O    O N N 90  
ASP CB   C N N 91  
ASP CG   C N N 92  
ASP OD1  O N N 93  
ASP OD2  O N N 94  
ASP OXT  O N N 95  
ASP H    H N N 96  
ASP H2   H N N 97  
ASP HA   H N N 98  
ASP HB2  H N N 99  
ASP HB3  H N N 100 
ASP HD2  H N N 101 
ASP HXT  H N N 102 
CYS N    N N N 103 
CYS CA   C N R 104 
CYS C    C N N 105 
CYS O    O N N 106 
CYS CB   C N N 107 
CYS SG   S N N 108 
CYS OXT  O N N 109 
CYS H    H N N 110 
CYS H2   H N N 111 
CYS HA   H N N 112 
CYS HB2  H N N 113 
CYS HB3  H N N 114 
CYS HG   H N N 115 
CYS HXT  H N N 116 
GLN N    N N N 117 
GLN CA   C N S 118 
GLN C    C N N 119 
GLN O    O N N 120 
GLN CB   C N N 121 
GLN CG   C N N 122 
GLN CD   C N N 123 
GLN OE1  O N N 124 
GLN NE2  N N N 125 
GLN OXT  O N N 126 
GLN H    H N N 127 
GLN H2   H N N 128 
GLN HA   H N N 129 
GLN HB2  H N N 130 
GLN HB3  H N N 131 
GLN HG2  H N N 132 
GLN HG3  H N N 133 
GLN HE21 H N N 134 
GLN HE22 H N N 135 
GLN HXT  H N N 136 
GLU N    N N N 137 
GLU CA   C N S 138 
GLU C    C N N 139 
GLU O    O N N 140 
GLU CB   C N N 141 
GLU CG   C N N 142 
GLU CD   C N N 143 
GLU OE1  O N N 144 
GLU OE2  O N N 145 
GLU OXT  O N N 146 
GLU H    H N N 147 
GLU H2   H N N 148 
GLU HA   H N N 149 
GLU HB2  H N N 150 
GLU HB3  H N N 151 
GLU HG2  H N N 152 
GLU HG3  H N N 153 
GLU HE2  H N N 154 
GLU HXT  H N N 155 
GLY N    N N N 156 
GLY CA   C N N 157 
GLY C    C N N 158 
GLY O    O N N 159 
GLY OXT  O N N 160 
GLY H    H N N 161 
GLY H2   H N N 162 
GLY HA2  H N N 163 
GLY HA3  H N N 164 
GLY HXT  H N N 165 
HIS N    N N N 166 
HIS CA   C N S 167 
HIS C    C N N 168 
HIS O    O N N 169 
HIS CB   C N N 170 
HIS CG   C Y N 171 
HIS ND1  N Y N 172 
HIS CD2  C Y N 173 
HIS CE1  C Y N 174 
HIS NE2  N Y N 175 
HIS OXT  O N N 176 
HIS H    H N N 177 
HIS H2   H N N 178 
HIS HA   H N N 179 
HIS HB2  H N N 180 
HIS HB3  H N N 181 
HIS HD1  H N N 182 
HIS HD2  H N N 183 
HIS HE1  H N N 184 
HIS HE2  H N N 185 
HIS HXT  H N N 186 
HOH O    O N N 187 
HOH H1   H N N 188 
HOH H2   H N N 189 
ILE N    N N N 190 
ILE CA   C N S 191 
ILE C    C N N 192 
ILE O    O N N 193 
ILE CB   C N S 194 
ILE CG1  C N N 195 
ILE CG2  C N N 196 
ILE CD1  C N N 197 
ILE OXT  O N N 198 
ILE H    H N N 199 
ILE H2   H N N 200 
ILE HA   H N N 201 
ILE HB   H N N 202 
ILE HG12 H N N 203 
ILE HG13 H N N 204 
ILE HG21 H N N 205 
ILE HG22 H N N 206 
ILE HG23 H N N 207 
ILE HD11 H N N 208 
ILE HD12 H N N 209 
ILE HD13 H N N 210 
ILE HXT  H N N 211 
LEU N    N N N 212 
LEU CA   C N S 213 
LEU C    C N N 214 
LEU O    O N N 215 
LEU CB   C N N 216 
LEU CG   C N N 217 
LEU CD1  C N N 218 
LEU CD2  C N N 219 
LEU OXT  O N N 220 
LEU H    H N N 221 
LEU H2   H N N 222 
LEU HA   H N N 223 
LEU HB2  H N N 224 
LEU HB3  H N N 225 
LEU HG   H N N 226 
LEU HD11 H N N 227 
LEU HD12 H N N 228 
LEU HD13 H N N 229 
LEU HD21 H N N 230 
LEU HD22 H N N 231 
LEU HD23 H N N 232 
LEU HXT  H N N 233 
LYS N    N N N 234 
LYS CA   C N S 235 
LYS C    C N N 236 
LYS O    O N N 237 
LYS CB   C N N 238 
LYS CG   C N N 239 
LYS CD   C N N 240 
LYS CE   C N N 241 
LYS NZ   N N N 242 
LYS OXT  O N N 243 
LYS H    H N N 244 
LYS H2   H N N 245 
LYS HA   H N N 246 
LYS HB2  H N N 247 
LYS HB3  H N N 248 
LYS HG2  H N N 249 
LYS HG3  H N N 250 
LYS HD2  H N N 251 
LYS HD3  H N N 252 
LYS HE2  H N N 253 
LYS HE3  H N N 254 
LYS HZ1  H N N 255 
LYS HZ2  H N N 256 
LYS HZ3  H N N 257 
LYS HXT  H N N 258 
MET N    N N N 259 
MET CA   C N S 260 
MET C    C N N 261 
MET O    O N N 262 
MET CB   C N N 263 
MET CG   C N N 264 
MET SD   S N N 265 
MET CE   C N N 266 
MET OXT  O N N 267 
MET H    H N N 268 
MET H2   H N N 269 
MET HA   H N N 270 
MET HB2  H N N 271 
MET HB3  H N N 272 
MET HG2  H N N 273 
MET HG3  H N N 274 
MET HE1  H N N 275 
MET HE2  H N N 276 
MET HE3  H N N 277 
MET HXT  H N N 278 
PHE N    N N N 279 
PHE CA   C N S 280 
PHE C    C N N 281 
PHE O    O N N 282 
PHE CB   C N N 283 
PHE CG   C Y N 284 
PHE CD1  C Y N 285 
PHE CD2  C Y N 286 
PHE CE1  C Y N 287 
PHE CE2  C Y N 288 
PHE CZ   C Y N 289 
PHE OXT  O N N 290 
PHE H    H N N 291 
PHE H2   H N N 292 
PHE HA   H N N 293 
PHE HB2  H N N 294 
PHE HB3  H N N 295 
PHE HD1  H N N 296 
PHE HD2  H N N 297 
PHE HE1  H N N 298 
PHE HE2  H N N 299 
PHE HZ   H N N 300 
PHE HXT  H N N 301 
PRO N    N N N 302 
PRO CA   C N S 303 
PRO C    C N N 304 
PRO O    O N N 305 
PRO CB   C N N 306 
PRO CG   C N N 307 
PRO CD   C N N 308 
PRO OXT  O N N 309 
PRO H    H N N 310 
PRO HA   H N N 311 
PRO HB2  H N N 312 
PRO HB3  H N N 313 
PRO HG2  H N N 314 
PRO HG3  H N N 315 
PRO HD2  H N N 316 
PRO HD3  H N N 317 
PRO HXT  H N N 318 
SER N    N N N 319 
SER CA   C N S 320 
SER C    C N N 321 
SER O    O N N 322 
SER CB   C N N 323 
SER OG   O N N 324 
SER OXT  O N N 325 
SER H    H N N 326 
SER H2   H N N 327 
SER HA   H N N 328 
SER HB2  H N N 329 
SER HB3  H N N 330 
SER HG   H N N 331 
SER HXT  H N N 332 
THR N    N N N 333 
THR CA   C N S 334 
THR C    C N N 335 
THR O    O N N 336 
THR CB   C N R 337 
THR OG1  O N N 338 
THR CG2  C N N 339 
THR OXT  O N N 340 
THR H    H N N 341 
THR H2   H N N 342 
THR HA   H N N 343 
THR HB   H N N 344 
THR HG1  H N N 345 
THR HG21 H N N 346 
THR HG22 H N N 347 
THR HG23 H N N 348 
THR HXT  H N N 349 
TYR N    N N N 350 
TYR CA   C N S 351 
TYR C    C N N 352 
TYR O    O N N 353 
TYR CB   C N N 354 
TYR CG   C Y N 355 
TYR CD1  C Y N 356 
TYR CD2  C Y N 357 
TYR CE1  C Y N 358 
TYR CE2  C Y N 359 
TYR CZ   C Y N 360 
TYR OH   O N N 361 
TYR OXT  O N N 362 
TYR H    H N N 363 
TYR H2   H N N 364 
TYR HA   H N N 365 
TYR HB2  H N N 366 
TYR HB3  H N N 367 
TYR HD1  H N N 368 
TYR HD2  H N N 369 
TYR HE1  H N N 370 
TYR HE2  H N N 371 
TYR HH   H N N 372 
TYR HXT  H N N 373 
VAL N    N N N 374 
VAL CA   C N S 375 
VAL C    C N N 376 
VAL O    O N N 377 
VAL CB   C N N 378 
VAL CG1  C N N 379 
VAL CG2  C N N 380 
VAL OXT  O N N 381 
VAL H    H N N 382 
VAL H2   H N N 383 
VAL HA   H N N 384 
VAL HB   H N N 385 
VAL HG11 H N N 386 
VAL HG12 H N N 387 
VAL HG13 H N N 388 
VAL HG21 H N N 389 
VAL HG22 H N N 390 
VAL HG23 H N N 391 
VAL HXT  H N N 392 
# 
loop_
_chem_comp_bond.comp_id 
_chem_comp_bond.atom_id_1 
_chem_comp_bond.atom_id_2 
_chem_comp_bond.value_order 
_chem_comp_bond.pdbx_aromatic_flag 
_chem_comp_bond.pdbx_stereo_config 
_chem_comp_bond.pdbx_ordinal 
4X3 CAD CAC  doub Y N 1   
4X3 CAD CAJ  sing Y N 2   
4X3 CAC CAE  sing Y N 3   
4X3 NAB CAJ  sing N N 4   
4X3 CAJ CAL  doub Y N 5   
4X3 CAE CAK  doub Y N 6   
4X3 CAL CAK  sing Y N 7   
4X3 CAL CAG  sing N N 8   
4X3 CAK CAI  sing N N 9   
4X3 CAG CAH  sing N N 10  
4X3 CAI NAM  sing N N 11  
4X3 CAH NAM  sing N N 12  
4X3 NAM CAF  sing N N 13  
4X3 CAF CAA  sing N N 14  
4X3 CAH H1   sing N N 15  
4X3 CAH H2   sing N N 16  
4X3 CAG H3   sing N N 17  
4X3 CAG H4   sing N N 18  
4X3 NAB H5   sing N N 19  
4X3 NAB H6   sing N N 20  
4X3 CAD H7   sing N N 21  
4X3 CAC H8   sing N N 22  
4X3 CAE H9   sing N N 23  
4X3 CAI H10  sing N N 24  
4X3 CAI H11  sing N N 25  
4X3 CAF H13  sing N N 26  
4X3 CAF H14  sing N N 27  
4X3 CAA H15  sing N N 28  
4X3 CAA H16  sing N N 29  
4X3 CAA H17  sing N N 30  
ALA N   CA   sing N N 31  
ALA N   H    sing N N 32  
ALA N   H2   sing N N 33  
ALA CA  C    sing N N 34  
ALA CA  CB   sing N N 35  
ALA CA  HA   sing N N 36  
ALA C   O    doub N N 37  
ALA C   OXT  sing N N 38  
ALA CB  HB1  sing N N 39  
ALA CB  HB2  sing N N 40  
ALA CB  HB3  sing N N 41  
ALA OXT HXT  sing N N 42  
ARG N   CA   sing N N 43  
ARG N   H    sing N N 44  
ARG N   H2   sing N N 45  
ARG CA  C    sing N N 46  
ARG CA  CB   sing N N 47  
ARG CA  HA   sing N N 48  
ARG C   O    doub N N 49  
ARG C   OXT  sing N N 50  
ARG CB  CG   sing N N 51  
ARG CB  HB2  sing N N 52  
ARG CB  HB3  sing N N 53  
ARG CG  CD   sing N N 54  
ARG CG  HG2  sing N N 55  
ARG CG  HG3  sing N N 56  
ARG CD  NE   sing N N 57  
ARG CD  HD2  sing N N 58  
ARG CD  HD3  sing N N 59  
ARG NE  CZ   sing N N 60  
ARG NE  HE   sing N N 61  
ARG CZ  NH1  sing N N 62  
ARG CZ  NH2  doub N N 63  
ARG NH1 HH11 sing N N 64  
ARG NH1 HH12 sing N N 65  
ARG NH2 HH21 sing N N 66  
ARG NH2 HH22 sing N N 67  
ARG OXT HXT  sing N N 68  
ASN N   CA   sing N N 69  
ASN N   H    sing N N 70  
ASN N   H2   sing N N 71  
ASN CA  C    sing N N 72  
ASN CA  CB   sing N N 73  
ASN CA  HA   sing N N 74  
ASN C   O    doub N N 75  
ASN C   OXT  sing N N 76  
ASN CB  CG   sing N N 77  
ASN CB  HB2  sing N N 78  
ASN CB  HB3  sing N N 79  
ASN CG  OD1  doub N N 80  
ASN CG  ND2  sing N N 81  
ASN ND2 HD21 sing N N 82  
ASN ND2 HD22 sing N N 83  
ASN OXT HXT  sing N N 84  
ASP N   CA   sing N N 85  
ASP N   H    sing N N 86  
ASP N   H2   sing N N 87  
ASP CA  C    sing N N 88  
ASP CA  CB   sing N N 89  
ASP CA  HA   sing N N 90  
ASP C   O    doub N N 91  
ASP C   OXT  sing N N 92  
ASP CB  CG   sing N N 93  
ASP CB  HB2  sing N N 94  
ASP CB  HB3  sing N N 95  
ASP CG  OD1  doub N N 96  
ASP CG  OD2  sing N N 97  
ASP OD2 HD2  sing N N 98  
ASP OXT HXT  sing N N 99  
CYS N   CA   sing N N 100 
CYS N   H    sing N N 101 
CYS N   H2   sing N N 102 
CYS CA  C    sing N N 103 
CYS CA  CB   sing N N 104 
CYS CA  HA   sing N N 105 
CYS C   O    doub N N 106 
CYS C   OXT  sing N N 107 
CYS CB  SG   sing N N 108 
CYS CB  HB2  sing N N 109 
CYS CB  HB3  sing N N 110 
CYS SG  HG   sing N N 111 
CYS OXT HXT  sing N N 112 
GLN N   CA   sing N N 113 
GLN N   H    sing N N 114 
GLN N   H2   sing N N 115 
GLN CA  C    sing N N 116 
GLN CA  CB   sing N N 117 
GLN CA  HA   sing N N 118 
GLN C   O    doub N N 119 
GLN C   OXT  sing N N 120 
GLN CB  CG   sing N N 121 
GLN CB  HB2  sing N N 122 
GLN CB  HB3  sing N N 123 
GLN CG  CD   sing N N 124 
GLN CG  HG2  sing N N 125 
GLN CG  HG3  sing N N 126 
GLN CD  OE1  doub N N 127 
GLN CD  NE2  sing N N 128 
GLN NE2 HE21 sing N N 129 
GLN NE2 HE22 sing N N 130 
GLN OXT HXT  sing N N 131 
GLU N   CA   sing N N 132 
GLU N   H    sing N N 133 
GLU N   H2   sing N N 134 
GLU CA  C    sing N N 135 
GLU CA  CB   sing N N 136 
GLU CA  HA   sing N N 137 
GLU C   O    doub N N 138 
GLU C   OXT  sing N N 139 
GLU CB  CG   sing N N 140 
GLU CB  HB2  sing N N 141 
GLU CB  HB3  sing N N 142 
GLU CG  CD   sing N N 143 
GLU CG  HG2  sing N N 144 
GLU CG  HG3  sing N N 145 
GLU CD  OE1  doub N N 146 
GLU CD  OE2  sing N N 147 
GLU OE2 HE2  sing N N 148 
GLU OXT HXT  sing N N 149 
GLY N   CA   sing N N 150 
GLY N   H    sing N N 151 
GLY N   H2   sing N N 152 
GLY CA  C    sing N N 153 
GLY CA  HA2  sing N N 154 
GLY CA  HA3  sing N N 155 
GLY C   O    doub N N 156 
GLY C   OXT  sing N N 157 
GLY OXT HXT  sing N N 158 
HIS N   CA   sing N N 159 
HIS N   H    sing N N 160 
HIS N   H2   sing N N 161 
HIS CA  C    sing N N 162 
HIS CA  CB   sing N N 163 
HIS CA  HA   sing N N 164 
HIS C   O    doub N N 165 
HIS C   OXT  sing N N 166 
HIS CB  CG   sing N N 167 
HIS CB  HB2  sing N N 168 
HIS CB  HB3  sing N N 169 
HIS CG  ND1  sing Y N 170 
HIS CG  CD2  doub Y N 171 
HIS ND1 CE1  doub Y N 172 
HIS ND1 HD1  sing N N 173 
HIS CD2 NE2  sing Y N 174 
HIS CD2 HD2  sing N N 175 
HIS CE1 NE2  sing Y N 176 
HIS CE1 HE1  sing N N 177 
HIS NE2 HE2  sing N N 178 
HIS OXT HXT  sing N N 179 
HOH O   H1   sing N N 180 
HOH O   H2   sing N N 181 
ILE N   CA   sing N N 182 
ILE N   H    sing N N 183 
ILE N   H2   sing N N 184 
ILE CA  C    sing N N 185 
ILE CA  CB   sing N N 186 
ILE CA  HA   sing N N 187 
ILE C   O    doub N N 188 
ILE C   OXT  sing N N 189 
ILE CB  CG1  sing N N 190 
ILE CB  CG2  sing N N 191 
ILE CB  HB   sing N N 192 
ILE CG1 CD1  sing N N 193 
ILE CG1 HG12 sing N N 194 
ILE CG1 HG13 sing N N 195 
ILE CG2 HG21 sing N N 196 
ILE CG2 HG22 sing N N 197 
ILE CG2 HG23 sing N N 198 
ILE CD1 HD11 sing N N 199 
ILE CD1 HD12 sing N N 200 
ILE CD1 HD13 sing N N 201 
ILE OXT HXT  sing N N 202 
LEU N   CA   sing N N 203 
LEU N   H    sing N N 204 
LEU N   H2   sing N N 205 
LEU CA  C    sing N N 206 
LEU CA  CB   sing N N 207 
LEU CA  HA   sing N N 208 
LEU C   O    doub N N 209 
LEU C   OXT  sing N N 210 
LEU CB  CG   sing N N 211 
LEU CB  HB2  sing N N 212 
LEU CB  HB3  sing N N 213 
LEU CG  CD1  sing N N 214 
LEU CG  CD2  sing N N 215 
LEU CG  HG   sing N N 216 
LEU CD1 HD11 sing N N 217 
LEU CD1 HD12 sing N N 218 
LEU CD1 HD13 sing N N 219 
LEU CD2 HD21 sing N N 220 
LEU CD2 HD22 sing N N 221 
LEU CD2 HD23 sing N N 222 
LEU OXT HXT  sing N N 223 
LYS N   CA   sing N N 224 
LYS N   H    sing N N 225 
LYS N   H2   sing N N 226 
LYS CA  C    sing N N 227 
LYS CA  CB   sing N N 228 
LYS CA  HA   sing N N 229 
LYS C   O    doub N N 230 
LYS C   OXT  sing N N 231 
LYS CB  CG   sing N N 232 
LYS CB  HB2  sing N N 233 
LYS CB  HB3  sing N N 234 
LYS CG  CD   sing N N 235 
LYS CG  HG2  sing N N 236 
LYS CG  HG3  sing N N 237 
LYS CD  CE   sing N N 238 
LYS CD  HD2  sing N N 239 
LYS CD  HD3  sing N N 240 
LYS CE  NZ   sing N N 241 
LYS CE  HE2  sing N N 242 
LYS CE  HE3  sing N N 243 
LYS NZ  HZ1  sing N N 244 
LYS NZ  HZ2  sing N N 245 
LYS NZ  HZ3  sing N N 246 
LYS OXT HXT  sing N N 247 
MET N   CA   sing N N 248 
MET N   H    sing N N 249 
MET N   H2   sing N N 250 
MET CA  C    sing N N 251 
MET CA  CB   sing N N 252 
MET CA  HA   sing N N 253 
MET C   O    doub N N 254 
MET C   OXT  sing N N 255 
MET CB  CG   sing N N 256 
MET CB  HB2  sing N N 257 
MET CB  HB3  sing N N 258 
MET CG  SD   sing N N 259 
MET CG  HG2  sing N N 260 
MET CG  HG3  sing N N 261 
MET SD  CE   sing N N 262 
MET CE  HE1  sing N N 263 
MET CE  HE2  sing N N 264 
MET CE  HE3  sing N N 265 
MET OXT HXT  sing N N 266 
PHE N   CA   sing N N 267 
PHE N   H    sing N N 268 
PHE N   H2   sing N N 269 
PHE CA  C    sing N N 270 
PHE CA  CB   sing N N 271 
PHE CA  HA   sing N N 272 
PHE C   O    doub N N 273 
PHE C   OXT  sing N N 274 
PHE CB  CG   sing N N 275 
PHE CB  HB2  sing N N 276 
PHE CB  HB3  sing N N 277 
PHE CG  CD1  doub Y N 278 
PHE CG  CD2  sing Y N 279 
PHE CD1 CE1  sing Y N 280 
PHE CD1 HD1  sing N N 281 
PHE CD2 CE2  doub Y N 282 
PHE CD2 HD2  sing N N 283 
PHE CE1 CZ   doub Y N 284 
PHE CE1 HE1  sing N N 285 
PHE CE2 CZ   sing Y N 286 
PHE CE2 HE2  sing N N 287 
PHE CZ  HZ   sing N N 288 
PHE OXT HXT  sing N N 289 
PRO N   CA   sing N N 290 
PRO N   CD   sing N N 291 
PRO N   H    sing N N 292 
PRO CA  C    sing N N 293 
PRO CA  CB   sing N N 294 
PRO CA  HA   sing N N 295 
PRO C   O    doub N N 296 
PRO C   OXT  sing N N 297 
PRO CB  CG   sing N N 298 
PRO CB  HB2  sing N N 299 
PRO CB  HB3  sing N N 300 
PRO CG  CD   sing N N 301 
PRO CG  HG2  sing N N 302 
PRO CG  HG3  sing N N 303 
PRO CD  HD2  sing N N 304 
PRO CD  HD3  sing N N 305 
PRO OXT HXT  sing N N 306 
SER N   CA   sing N N 307 
SER N   H    sing N N 308 
SER N   H2   sing N N 309 
SER CA  C    sing N N 310 
SER CA  CB   sing N N 311 
SER CA  HA   sing N N 312 
SER C   O    doub N N 313 
SER C   OXT  sing N N 314 
SER CB  OG   sing N N 315 
SER CB  HB2  sing N N 316 
SER CB  HB3  sing N N 317 
SER OG  HG   sing N N 318 
SER OXT HXT  sing N N 319 
THR N   CA   sing N N 320 
THR N   H    sing N N 321 
THR N   H2   sing N N 322 
THR CA  C    sing N N 323 
THR CA  CB   sing N N 324 
THR CA  HA   sing N N 325 
THR C   O    doub N N 326 
THR C   OXT  sing N N 327 
THR CB  OG1  sing N N 328 
THR CB  CG2  sing N N 329 
THR CB  HB   sing N N 330 
THR OG1 HG1  sing N N 331 
THR CG2 HG21 sing N N 332 
THR CG2 HG22 sing N N 333 
THR CG2 HG23 sing N N 334 
THR OXT HXT  sing N N 335 
TYR N   CA   sing N N 336 
TYR N   H    sing N N 337 
TYR N   H2   sing N N 338 
TYR CA  C    sing N N 339 
TYR CA  CB   sing N N 340 
TYR CA  HA   sing N N 341 
TYR C   O    doub N N 342 
TYR C   OXT  sing N N 343 
TYR CB  CG   sing N N 344 
TYR CB  HB2  sing N N 345 
TYR CB  HB3  sing N N 346 
TYR CG  CD1  doub Y N 347 
TYR CG  CD2  sing Y N 348 
TYR CD1 CE1  sing Y N 349 
TYR CD1 HD1  sing N N 350 
TYR CD2 CE2  doub Y N 351 
TYR CD2 HD2  sing N N 352 
TYR CE1 CZ   doub Y N 353 
TYR CE1 HE1  sing N N 354 
TYR CE2 CZ   sing Y N 355 
TYR CE2 HE2  sing N N 356 
TYR CZ  OH   sing N N 357 
TYR OH  HH   sing N N 358 
TYR OXT HXT  sing N N 359 
VAL N   CA   sing N N 360 
VAL N   H    sing N N 361 
VAL N   H2   sing N N 362 
VAL CA  C    sing N N 363 
VAL CA  CB   sing N N 364 
VAL CA  HA   sing N N 365 
VAL C   O    doub N N 366 
VAL C   OXT  sing N N 367 
VAL CB  CG1  sing N N 368 
VAL CB  CG2  sing N N 369 
VAL CB  HB   sing N N 370 
VAL CG1 HG11 sing N N 371 
VAL CG1 HG12 sing N N 372 
VAL CG1 HG13 sing N N 373 
VAL CG2 HG21 sing N N 374 
VAL CG2 HG22 sing N N 375 
VAL CG2 HG23 sing N N 376 
VAL OXT HXT  sing N N 377 
# 
_atom_sites.entry_id                    5BZF 
_atom_sites.fract_transf_matrix[1][1]   0.01823797 
_atom_sites.fract_transf_matrix[1][2]   -0.02612947 
_atom_sites.fract_transf_matrix[1][3]   0.01813463 
_atom_sites.fract_transf_matrix[2][1]   -0.01050830 
_atom_sites.fract_transf_matrix[2][2]   -0.00398105 
_atom_sites.fract_transf_matrix[2][3]   0.00483205 
_atom_sites.fract_transf_matrix[3][1]   0.00445700 
_atom_sites.fract_transf_matrix[3][2]   -0.03124923 
_atom_sites.fract_transf_matrix[3][3]   -0.01605309 
_atom_sites.fract_transf_vector[1]      0.094548 
_atom_sites.fract_transf_vector[2]      -0.006888 
_atom_sites.fract_transf_vector[3]      0.082350 
# 
loop_
_atom_type.symbol 
C 
N 
O 
S 
# 
loop_
_atom_site.group_PDB 
_atom_site.id 
_atom_site.type_symbol 
_atom_site.label_atom_id 
_atom_site.label_alt_id 
_atom_site.label_comp_id 
_atom_site.label_asym_id 
_atom_site.label_entity_id 
_atom_site.label_seq_id 
_atom_site.pdbx_PDB_ins_code 
_atom_site.Cartn_x 
_atom_site.Cartn_y 
_atom_site.Cartn_z 
_atom_site.occupancy 
_atom_site.B_iso_or_equiv 
_atom_site.pdbx_formal_charge 
_atom_site.auth_seq_id 
_atom_site.auth_comp_id 
_atom_site.auth_asym_id 
_atom_site.auth_atom_id 
_atom_site.pdbx_PDB_model_num 
ATOM   1    N N   . GLN A 1 2   ? -4.185  -12.557 17.188  1.00 20.71 ? 24  GLN A N   1 
ATOM   2    C CA  . GLN A 1 2   ? -5.181  -11.870 16.287  1.00 21.04 ? 24  GLN A CA  1 
ATOM   3    C C   . GLN A 1 2   ? -4.831  -10.405 16.030  1.00 20.26 ? 24  GLN A C   1 
ATOM   4    O O   . GLN A 1 2   ? -5.665  -9.514  16.201  1.00 20.34 ? 24  GLN A O   1 
ATOM   5    C CB  . GLN A 1 2   ? -6.613  -11.973 16.852  1.00 21.33 ? 24  GLN A CB  1 
ATOM   6    C CG  . GLN A 1 2   ? -7.417  -13.183 16.355  1.00 23.79 ? 24  GLN A CG  1 
ATOM   7    C CD  . GLN A 1 2   ? -7.784  -13.114 14.871  1.00 26.87 ? 24  GLN A CD  1 
ATOM   8    O OE1 . GLN A 1 2   ? -7.068  -12.515 14.056  1.00 29.00 ? 24  GLN A OE1 1 
ATOM   9    N NE2 . GLN A 1 2   ? -8.902  -13.745 14.513  1.00 27.28 ? 24  GLN A NE2 1 
ATOM   10   N N   . GLN A 1 3   ? -3.636  -10.153 15.583  1.00 19.44 ? 25  GLN A N   1 
ATOM   11   C CA  . GLN A 1 3   ? -3.191  -8.800  15.478  1.00 18.88 ? 25  GLN A CA  1 
ATOM   12   C C   . GLN A 1 3   ? -2.473  -8.542  14.190  1.00 17.89 ? 25  GLN A C   1 
ATOM   13   O O   . GLN A 1 3   ? -1.616  -9.252  13.834  1.00 17.70 ? 25  GLN A O   1 
ATOM   14   C CB  . GLN A 1 3   ? -2.313  -8.470  16.674  1.00 19.20 ? 25  GLN A CB  1 
ATOM   15   C CG  . GLN A 1 3   ? -1.927  -7.060  16.877  1.00 20.39 ? 25  GLN A CG  1 
ATOM   16   C CD  . GLN A 1 3   ? -0.837  -6.528  15.957  1.00 21.80 ? 25  GLN A CD  1 
ATOM   17   O OE1 . GLN A 1 3   ? 0.103   -7.198  15.576  1.00 21.32 ? 25  GLN A OE1 1 
ATOM   18   N NE2 . GLN A 1 3   ? -0.971  -5.291  15.629  1.00 20.90 ? 25  GLN A NE2 1 
ATOM   19   N N   . ILE A 1 4   ? -2.866  -7.499  13.497  1.00 16.85 ? 26  ILE A N   1 
ATOM   20   C CA  . ILE A 1 4   ? -2.268  -7.094  12.223  1.00 15.66 ? 26  ILE A CA  1 
ATOM   21   C C   . ILE A 1 4   ? -1.704  -5.681  12.306  1.00 15.00 ? 26  ILE A C   1 
ATOM   22   O O   . ILE A 1 4   ? -2.401  -4.737  12.693  1.00 14.83 ? 26  ILE A O   1 
ATOM   23   C CB  . ILE A 1 4   ? -3.272  -7.181  11.052  1.00 15.36 ? 26  ILE A CB  1 
ATOM   24   C CG1 . ILE A 1 4   ? -3.638  -8.629  10.750  1.00 15.47 ? 26  ILE A CG1 1 
ATOM   25   C CG2 . ILE A 1 4   ? -2.687  -6.591  9.807   1.00 16.06 ? 26  ILE A CG2 1 
ATOM   26   C CD1 . ILE A 1 4   ? -4.751  -8.771  9.718   1.00 15.26 ? 26  ILE A CD1 1 
ATOM   27   N N   . ASP A 1 5   ? -0.426  -5.553  11.960  1.00 14.43 ? 27  ASP A N   1 
ATOM   28   C CA  . ASP A 1 5   ? 0.165   -4.247  11.669  1.00 13.92 ? 27  ASP A CA  1 
ATOM   29   C C   . ASP A 1 5   ? -0.096  -3.938  10.191  1.00 13.13 ? 27  ASP A C   1 
ATOM   30   O O   . ASP A 1 5   ? 0.056   -4.823  9.334   1.00 12.96 ? 27  ASP A O   1 
ATOM   31   C CB  . ASP A 1 5   ? 1.682   -4.230  11.949  1.00 14.02 ? 27  ASP A CB  1 
ATOM   32   C CG  . ASP A 1 5   ? 2.028   -4.313  13.447  1.00 14.67 ? 27  ASP A CG  1 
ATOM   33   O OD1 . ASP A 1 5   ? 1.122   -4.289  14.298  1.00 15.86 ? 27  ASP A OD1 1 
ATOM   34   O OD2 . ASP A 1 5   ? 3.230   -4.406  13.781  1.00 15.89 ? 27  ASP A OD2 1 
ATOM   35   N N   . LEU A 1 6   ? -0.524  -2.707  9.905   1.00 11.98 ? 28  LEU A N   1 
ATOM   36   C CA  . LEU A 1 6   ? -0.559  -2.195  8.530   1.00 11.03 ? 28  LEU A CA  1 
ATOM   37   C C   . LEU A 1 6   ? 0.400   -1.022  8.445   1.00 10.36 ? 28  LEU A C   1 
ATOM   38   O O   . LEU A 1 6   ? 0.156   0.014   9.068   1.00 10.24 ? 28  LEU A O   1 
ATOM   39   C CB  . LEU A 1 6   ? -1.968  -1.752  8.131   1.00 10.92 ? 28  LEU A CB  1 
ATOM   40   C CG  . LEU A 1 6   ? -3.102  -2.786  8.186   1.00 11.09 ? 28  LEU A CG  1 
ATOM   41   C CD1 . LEU A 1 6   ? -4.430  -2.119  7.888   1.00 10.28 ? 28  LEU A CD1 1 
ATOM   42   C CD2 . LEU A 1 6   ? -2.871  -3.984  7.241   1.00 10.69 ? 28  LEU A CD2 1 
ATOM   43   N N   . ASN A 1 7   ? 1.503   -1.204  7.712   1.00 9.50  ? 29  ASN A N   1 
ATOM   44   C CA  . ASN A 1 7   ? 2.551   -0.177  7.611   1.00 8.87  ? 29  ASN A CA  1 
ATOM   45   C C   . ASN A 1 7   ? 2.239   0.755   6.450   1.00 8.89  ? 29  ASN A C   1 
ATOM   46   O O   . ASN A 1 7   ? 2.174   0.302   5.314   1.00 8.97  ? 29  ASN A O   1 
ATOM   47   C CB  . ASN A 1 7   ? 3.945   -0.802  7.413   1.00 8.42  ? 29  ASN A CB  1 
ATOM   48   C CG  . ASN A 1 7   ? 4.432   -1.610  8.626   1.00 7.70  ? 29  ASN A CG  1 
ATOM   49   O OD1 . ASN A 1 7   ? 4.348   -1.164  9.768   1.00 6.57  ? 29  ASN A OD1 1 
ATOM   50   N ND2 . ASN A 1 7   ? 4.984   -2.791  8.363   1.00 6.62  ? 29  ASN A ND2 1 
ATOM   51   N N   . VAL A 1 8   ? 2.043   2.047   6.722   1.00 8.80  ? 30  VAL A N   1 
ATOM   52   C CA  . VAL A 1 8   ? 1.667   2.997   5.659   1.00 8.95  ? 30  VAL A CA  1 
ATOM   53   C C   . VAL A 1 8   ? 2.724   4.081   5.376   1.00 9.11  ? 30  VAL A C   1 
ATOM   54   O O   . VAL A 1 8   ? 3.449   4.511   6.286   1.00 9.21  ? 30  VAL A O   1 
ATOM   55   C CB  . VAL A 1 8   ? 0.284   3.654   5.923   1.00 8.75  ? 30  VAL A CB  1 
ATOM   56   C CG1 . VAL A 1 8   ? -0.803  2.604   5.966   1.00 8.87  ? 30  VAL A CG1 1 
ATOM   57   C CG2 . VAL A 1 8   ? 0.295   4.451   7.222   1.00 9.51  ? 30  VAL A CG2 1 
ATOM   58   N N   . THR A 1 9   ? 2.801   4.523   4.118   1.00 9.04  ? 31  THR A N   1 
ATOM   59   C CA  . THR A 1 9   ? 3.747   5.581   3.726   1.00 9.05  ? 31  THR A CA  1 
ATOM   60   C C   . THR A 1 9   ? 3.090   6.951   3.592   1.00 9.32  ? 31  THR A C   1 
ATOM   61   O O   . THR A 1 9   ? 1.883   7.111   3.843   1.00 9.45  ? 31  THR A O   1 
ATOM   62   C CB  . THR A 1 9   ? 4.494   5.293   2.383   1.00 9.05  ? 31  THR A CB  1 
ATOM   63   O OG1 . THR A 1 9   ? 3.563   5.236   1.292   1.00 8.37  ? 31  THR A OG1 1 
ATOM   64   C CG2 . THR A 1 9   ? 5.325   4.024   2.457   1.00 8.11  ? 31  THR A CG2 1 
ATOM   65   N N   . CYS A 1 10  ? 3.899   7.942   3.203   1.00 9.11  ? 32  CYS A N   1 
ATOM   66   C CA  . CYS A 1 10  ? 3.369   9.225   2.787   1.00 8.92  ? 32  CYS A CA  1 
ATOM   67   C C   . CYS A 1 10  ? 2.553   8.946   1.553   1.00 8.51  ? 32  CYS A C   1 
ATOM   68   O O   . CYS A 1 10  ? 2.939   8.121   0.726   1.00 8.72  ? 32  CYS A O   1 
ATOM   69   C CB  . CYS A 1 10  ? 4.481   10.183  2.397   1.00 8.98  ? 32  CYS A CB  1 
ATOM   70   S SG  . CYS A 1 10  ? 5.662   10.513  3.649   1.00 10.13 ? 32  CYS A SG  1 
ATOM   71   N N   . ARG A 1 11  ? 1.468   9.628   1.394   1.00 7.74  ? 33  ARG A N   1 
ATOM   72   C CA  . ARG A 1 11  ? 0.691   9.579   0.233   1.00 7.11  ? 33  ARG A CA  1 
ATOM   73   C C   . ARG A 1 11  ? 1.303   10.556  -0.739  1.00 7.29  ? 33  ARG A C   1 
ATOM   74   O O   . ARG A 1 11  ? 1.724   11.591  -0.387  1.00 7.31  ? 33  ARG A O   1 
ATOM   75   C CB  . ARG A 1 11  ? -0.744  9.942   0.568   1.00 7.05  ? 33  ARG A CB  1 
ATOM   76   C CG  . ARG A 1 11  ? -1.594  8.929   1.290   1.00 5.72  ? 33  ARG A CG  1 
ATOM   77   C CD  . ARG A 1 11  ? -1.235  8.645   2.709   1.00 2.72  ? 33  ARG A CD  1 
ATOM   78   N NE  . ARG A 1 11  ? -1.190  9.810   3.545   1.00 2.75  ? 33  ARG A NE  1 
ATOM   79   C CZ  . ARG A 1 11  ? -0.451  9.945   4.617   1.00 2.50  ? 33  ARG A CZ  1 
ATOM   80   N NH1 . ARG A 1 11  ? 0.314   8.988   5.031   1.00 2.77  ? 33  ARG A NH1 1 
ATOM   81   N NH2 . ARG A 1 11  ? -0.500  11.033  5.277   1.00 2.00  ? 33  ARG A NH2 1 
ATOM   82   N N   . TYR A 1 12  ? 1.389   10.180  -1.988  1.00 7.03  ? 34  TYR A N   1 
ATOM   83   C CA  . TYR A 1 12  ? 1.853   11.069  -3.041  1.00 6.76  ? 34  TYR A CA  1 
ATOM   84   C C   . TYR A 1 12  ? 0.798   11.094  -4.135  1.00 6.71  ? 34  TYR A C   1 
ATOM   85   O O   . TYR A 1 12  ? 0.559   10.077  -4.797  1.00 6.36  ? 34  TYR A O   1 
ATOM   86   C CB  . TYR A 1 12  ? 3.204   10.611  -3.602  1.00 7.02  ? 34  TYR A CB  1 
ATOM   87   C CG  . TYR A 1 12  ? 4.363   10.880  -2.684  1.00 7.24  ? 34  TYR A CG  1 
ATOM   88   C CD1 . TYR A 1 12  ? 5.055   12.090  -2.738  1.00 7.48  ? 34  TYR A CD1 1 
ATOM   89   C CD2 . TYR A 1 12  ? 4.757   9.931   -1.737  1.00 7.18  ? 34  TYR A CD2 1 
ATOM   90   C CE1 . TYR A 1 12  ? 6.128   12.342  -1.870  1.00 8.06  ? 34  TYR A CE1 1 
ATOM   91   C CE2 . TYR A 1 12  ? 5.826   10.161  -0.876  1.00 7.51  ? 34  TYR A CE2 1 
ATOM   92   C CZ  . TYR A 1 12  ? 6.507   11.367  -0.940  1.00 8.31  ? 34  TYR A CZ  1 
ATOM   93   O OH  . TYR A 1 12  ? 7.557   11.584  -0.072  1.00 8.42  ? 34  TYR A OH  1 
ATOM   94   N N   . ALA A 1 13  ? 0.179   12.265  -4.317  1.00 6.48  ? 35  ALA A N   1 
ATOM   95   C CA  . ALA A 1 13  ? -0.991  12.425  -5.185  1.00 6.38  ? 35  ALA A CA  1 
ATOM   96   C C   . ALA A 1 13  ? -2.076  11.374  -4.883  1.00 6.67  ? 35  ALA A C   1 
ATOM   97   O O   . ALA A 1 13  ? -2.757  10.864  -5.787  1.00 6.90  ? 35  ALA A O   1 
ATOM   98   C CB  . ALA A 1 13  ? -0.593  12.417  -6.652  1.00 5.98  ? 35  ALA A CB  1 
ATOM   99   N N   . GLY A 1 14  ? -2.237  11.066  -3.598  1.00 6.51  ? 36  GLY A N   1 
ATOM   100  C CA  . GLY A 1 14  ? -3.229  10.103  -3.167  1.00 6.48  ? 36  GLY A CA  1 
ATOM   101  C C   . GLY A 1 14  ? -2.753  8.666   -3.163  1.00 6.71  ? 36  GLY A C   1 
ATOM   102  O O   . GLY A 1 14  ? -3.465  7.797   -2.688  1.00 6.91  ? 36  GLY A O   1 
ATOM   103  N N   . VAL A 1 15  ? -1.561  8.398   -3.683  1.00 6.70  ? 37  VAL A N   1 
ATOM   104  C CA  . VAL A 1 15  ? -1.067  7.021   -3.714  1.00 7.06  ? 37  VAL A CA  1 
ATOM   105  C C   . VAL A 1 15  ? -0.083  6.753   -2.578  1.00 7.54  ? 37  VAL A C   1 
ATOM   106  O O   . VAL A 1 15  ? 0.927   7.445   -2.439  1.00 7.75  ? 37  VAL A O   1 
ATOM   107  C CB  . VAL A 1 15  ? -0.411  6.631   -5.075  1.00 6.91  ? 37  VAL A CB  1 
ATOM   108  C CG1 . VAL A 1 15  ? 0.029   5.193   -5.046  1.00 6.11  ? 37  VAL A CG1 1 
ATOM   109  C CG2 . VAL A 1 15  ? -1.362  6.870   -6.244  1.00 6.80  ? 37  VAL A CG2 1 
ATOM   110  N N   . PHE A 1 16  ? -0.381  5.732   -1.778  1.00 7.92  ? 38  PHE A N   1 
ATOM   111  C CA  . PHE A 1 16  ? 0.504   5.314   -0.690  1.00 8.16  ? 38  PHE A CA  1 
ATOM   112  C C   . PHE A 1 16  ? 0.877   3.820   -0.741  1.00 8.52  ? 38  PHE A C   1 
ATOM   113  O O   . PHE A 1 16  ? 0.308   3.040   -1.514  1.00 8.62  ? 38  PHE A O   1 
ATOM   114  C CB  . PHE A 1 16  ? -0.088  5.698   0.680   1.00 8.27  ? 38  PHE A CB  1 
ATOM   115  C CG  . PHE A 1 16  ? -1.471  5.130   0.956   1.00 8.08  ? 38  PHE A CG  1 
ATOM   116  C CD1 . PHE A 1 16  ? -1.664  4.223   1.999   1.00 7.09  ? 38  PHE A CD1 1 
ATOM   117  C CD2 . PHE A 1 16  ? -2.582  5.519   0.193   1.00 7.86  ? 38  PHE A CD2 1 
ATOM   118  C CE1 . PHE A 1 16  ? -2.932  3.700   2.277   1.00 6.67  ? 38  PHE A CE1 1 
ATOM   119  C CE2 . PHE A 1 16  ? -3.855  4.995   0.456   1.00 7.49  ? 38  PHE A CE2 1 
ATOM   120  C CZ  . PHE A 1 16  ? -4.030  4.082   1.508   1.00 6.99  ? 38  PHE A CZ  1 
ATOM   121  N N   . HIS A 1 17  ? 1.850   3.446   0.085   1.00 8.66  ? 39  HIS A N   1 
ATOM   122  C CA  . HIS A 1 17  ? 2.326   2.078   0.190   1.00 8.53  ? 39  HIS A CA  1 
ATOM   123  C C   . HIS A 1 17  ? 1.834   1.459   1.493   1.00 8.82  ? 39  HIS A C   1 
ATOM   124  O O   . HIS A 1 17  ? 1.904   2.087   2.546   1.00 8.85  ? 39  HIS A O   1 
ATOM   125  C CB  . HIS A 1 17  ? 3.852   2.066   0.143   1.00 8.36  ? 39  HIS A CB  1 
ATOM   126  C CG  . HIS A 1 17  ? 4.456   0.701   0.218   1.00 8.46  ? 39  HIS A CG  1 
ATOM   127  N ND1 . HIS A 1 17  ? 5.256   0.299   1.267   1.00 8.59  ? 39  HIS A ND1 1 
ATOM   128  C CD2 . HIS A 1 17  ? 4.386   -0.354  -0.630  1.00 8.75  ? 39  HIS A CD2 1 
ATOM   129  C CE1 . HIS A 1 17  ? 5.651   -0.945  1.064   1.00 8.73  ? 39  HIS A CE1 1 
ATOM   130  N NE2 . HIS A 1 17  ? 5.133   -1.366  -0.077  1.00 9.44  ? 39  HIS A NE2 1 
ATOM   131  N N   . VAL A 1 18  ? 1.327   0.229   1.401   1.00 9.14  ? 40  VAL A N   1 
ATOM   132  C CA  . VAL A 1 18  ? 0.898   -0.550  2.553   1.00 9.36  ? 40  VAL A CA  1 
ATOM   133  C C   . VAL A 1 18  ? 1.549   -1.928  2.490   1.00 10.43 ? 40  VAL A C   1 
ATOM   134  O O   . VAL A 1 18  ? 1.397   -2.658  1.499   1.00 10.64 ? 40  VAL A O   1 
ATOM   135  C CB  . VAL A 1 18  ? -0.635  -0.755  2.588   1.00 9.14  ? 40  VAL A CB  1 
ATOM   136  C CG1 . VAL A 1 18  ? -1.056  -1.467  3.873   1.00 7.65  ? 40  VAL A CG1 1 
ATOM   137  C CG2 . VAL A 1 18  ? -1.379  0.562   2.420   1.00 8.82  ? 40  VAL A CG2 1 
ATOM   138  N N   . GLU A 1 19  ? 2.326   -2.259  3.513   1.00 11.21 ? 41  GLU A N   1 
ATOM   139  C CA  . GLU A 1 19  ? 2.763   -3.580  3.909   1.00 12.05 ? 41  GLU A CA  1 
ATOM   140  C C   . GLU A 1 19  ? 1.952   -4.237  4.997   1.00 12.40 ? 41  GLU A C   1 
ATOM   141  O O   . GLU A 1 19  ? 1.768   -3.675  6.008   1.00 12.44 ? 41  GLU A O   1 
ATOM   142  C CB  . GLU A 1 19  ? 4.140   -3.507  4.496   1.00 12.02 ? 41  GLU A CB  1 
ATOM   143  C CG  . GLU A 1 19  ? 5.153   -2.983  3.647   1.00 13.57 ? 41  GLU A CG  1 
ATOM   144  C CD  . GLU A 1 19  ? 6.341   -2.482  4.368   1.00 16.67 ? 41  GLU A CD  1 
ATOM   145  O OE1 . GLU A 1 19  ? 7.202   -1.890  3.729   1.00 15.63 ? 41  GLU A OE1 1 
ATOM   146  O OE2 . GLU A 1 19  ? 6.417   -2.663  5.562   1.00 19.05 ? 41  GLU A OE2 1 
ATOM   147  N N   . LYS A 1 20  ? 1.576   -5.491  4.840   1.00 13.15 ? 42  LYS A N   1 
ATOM   148  C CA  . LYS A 1 20  ? 0.963   -6.202  5.959   1.00 13.66 ? 42  LYS A CA  1 
ATOM   149  C C   . LYS A 1 20  ? 2.025   -6.968  6.745   1.00 14.06 ? 42  LYS A C   1 
ATOM   150  O O   . LYS A 1 20  ? 2.731   -7.810  6.178   1.00 14.47 ? 42  LYS A O   1 
ATOM   151  C CB  . LYS A 1 20  ? -0.112  -7.152  5.441   1.00 13.91 ? 42  LYS A CB  1 
ATOM   152  C CG  . LYS A 1 20  ? -0.673  -8.134  6.450   1.00 14.41 ? 42  LYS A CG  1 
ATOM   153  C CD  . LYS A 1 20  ? -1.506  -9.168  5.722   1.00 15.38 ? 42  LYS A CD  1 
ATOM   154  C CE  . LYS A 1 20  ? -1.599  -10.462 6.499   1.00 16.25 ? 42  LYS A CE  1 
ATOM   155  N NZ  . LYS A 1 20  ? -2.852  -11.154 6.126   1.00 17.45 ? 42  LYS A NZ  1 
ATOM   156  N N   . ASN A 1 21  ? 2.135   -6.660  8.044   1.00 14.23 ? 43  ASN A N   1 
ATOM   157  C CA  . ASN A 1 21  ? 3.117   -7.273  8.959   1.00 13.87 ? 43  ASN A CA  1 
ATOM   158  C C   . ASN A 1 21  ? 4.577   -7.195  8.498   1.00 14.20 ? 43  ASN A C   1 
ATOM   159  O O   . ASN A 1 21  ? 5.384   -8.069  8.810   1.00 14.09 ? 43  ASN A O   1 
ATOM   160  C CB  . ASN A 1 21  ? 2.724   -8.710  9.288   1.00 13.58 ? 43  ASN A CB  1 
ATOM   161  C CG  . ASN A 1 21  ? 1.422   -8.792  10.042  1.00 12.65 ? 43  ASN A CG  1 
ATOM   162  O OD1 . ASN A 1 21  ? 1.254   -8.165  11.086  1.00 11.38 ? 43  ASN A OD1 1 
ATOM   163  N ND2 . ASN A 1 21  ? 0.488   -9.565  9.517   1.00 11.42 ? 43  ASN A ND2 1 
ATOM   164  N N   . GLY A 1 22  ? 4.897   -6.134  7.762   1.00 14.56 ? 44  GLY A N   1 
ATOM   165  C CA  . GLY A 1 22  ? 6.244   -5.890  7.277   1.00 15.13 ? 44  GLY A CA  1 
ATOM   166  C C   . GLY A 1 22  ? 6.800   -6.944  6.338   1.00 15.75 ? 44  GLY A C   1 
ATOM   167  O O   . GLY A 1 22  ? 7.985   -6.920  6.028   1.00 16.47 ? 44  GLY A O   1 
ATOM   168  N N   . ARG A 1 23  ? 5.965   -7.876  5.890   1.00 15.80 ? 45  ARG A N   1 
ATOM   169  C CA  . ARG A 1 23  ? 6.392   -8.871  4.906   1.00 16.09 ? 45  ARG A CA  1 
ATOM   170  C C   . ARG A 1 23  ? 5.375   -9.076  3.761   1.00 15.97 ? 45  ARG A C   1 
ATOM   171  O O   . ARG A 1 23  ? 4.173   -8.824  3.921   1.00 16.17 ? 45  ARG A O   1 
ATOM   172  C CB  . ARG A 1 23  ? 6.719   -10.199 5.589   1.00 16.40 ? 45  ARG A CB  1 
ATOM   173  C CG  . ARG A 1 23  ? 5.667   -10.679 6.569   1.00 17.91 ? 45  ARG A CG  1 
ATOM   174  C CD  . ARG A 1 23  ? 5.895   -12.120 6.988   1.00 20.13 ? 45  ARG A CD  1 
ATOM   175  N NE  . ARG A 1 23  ? 5.076   -12.468 8.154   1.00 22.12 ? 45  ARG A NE  1 
ATOM   176  C CZ  . ARG A 1 23  ? 3.824   -12.930 8.104   1.00 22.93 ? 45  ARG A CZ  1 
ATOM   177  N NH1 . ARG A 1 23  ? 3.204   -13.105 6.938   1.00 22.66 ? 45  ARG A NH1 1 
ATOM   178  N NH2 . ARG A 1 23  ? 3.187   -13.213 9.234   1.00 22.57 ? 45  ARG A NH2 1 
ATOM   179  N N   . TYR A 1 24  ? 5.869   -9.511  2.604   1.00 15.44 ? 46  TYR A N   1 
ATOM   180  C CA  . TYR A 1 24  ? 5.004   -9.799  1.464   1.00 14.98 ? 46  TYR A CA  1 
ATOM   181  C C   . TYR A 1 24  ? 3.993   -10.899 1.830   1.00 14.85 ? 46  TYR A C   1 
ATOM   182  O O   . TYR A 1 24  ? 4.323   -12.087 1.817   1.00 14.88 ? 46  TYR A O   1 
ATOM   183  C CB  . TYR A 1 24  ? 5.830   -10.244 0.250   1.00 14.68 ? 46  TYR A CB  1 
ATOM   184  C CG  . TYR A 1 24  ? 6.797   -9.228  -0.325  1.00 13.71 ? 46  TYR A CG  1 
ATOM   185  C CD1 . TYR A 1 24  ? 6.348   -8.027  -0.874  1.00 12.70 ? 46  TYR A CD1 1 
ATOM   186  C CD2 . TYR A 1 24  ? 8.163   -9.497  -0.372  1.00 13.03 ? 46  TYR A CD2 1 
ATOM   187  C CE1 . TYR A 1 24  ? 7.239   -7.115  -1.425  1.00 12.08 ? 46  TYR A CE1 1 
ATOM   188  C CE2 . TYR A 1 24  ? 9.055   -8.592  -0.921  1.00 12.17 ? 46  TYR A CE2 1 
ATOM   189  C CZ  . TYR A 1 24  ? 8.588   -7.405  -1.439  1.00 11.96 ? 46  TYR A CZ  1 
ATOM   190  O OH  . TYR A 1 24  ? 9.479   -6.512  -1.975  1.00 12.64 ? 46  TYR A OH  1 
ATOM   191  N N   . SER A 1 25  ? 2.771   -10.502 2.165   1.00 14.59 ? 47  SER A N   1 
ATOM   192  C CA  . SER A 1 25  ? 1.745   -11.462 2.557   1.00 14.54 ? 47  SER A CA  1 
ATOM   193  C C   . SER A 1 25  ? 0.322   -11.054 2.155   1.00 14.75 ? 47  SER A C   1 
ATOM   194  O O   . SER A 1 25  ? -0.640  -11.461 2.816   1.00 15.15 ? 47  SER A O   1 
ATOM   195  C CB  . SER A 1 25  ? 1.819   -11.731 4.065   1.00 14.41 ? 47  SER A CB  1 
ATOM   196  O OG  . SER A 1 25  ? 1.691   -10.534 4.802   1.00 13.78 ? 47  SER A OG  1 
ATOM   197  N N   . ILE A 1 26  ? 0.196   -10.268 1.079   1.00 14.75 ? 48  ILE A N   1 
ATOM   198  C CA  . ILE A 1 26  ? -1.107  -9.793  0.584   1.00 14.73 ? 48  ILE A CA  1 
ATOM   199  C C   . ILE A 1 26  ? -1.424  -10.349 -0.802  1.00 15.10 ? 48  ILE A C   1 
ATOM   200  O O   . ILE A 1 26  ? -0.606  -10.240 -1.721  1.00 15.39 ? 48  ILE A O   1 
ATOM   201  C CB  . ILE A 1 26  ? -1.173  -8.255  0.509   1.00 14.66 ? 48  ILE A CB  1 
ATOM   202  C CG1 . ILE A 1 26  ? -0.961  -7.624  1.886   1.00 13.88 ? 48  ILE A CG1 1 
ATOM   203  C CG2 . ILE A 1 26  ? -2.509  -7.804  -0.093  1.00 14.57 ? 48  ILE A CG2 1 
ATOM   204  C CD1 . ILE A 1 26  ? -0.688  -6.128  1.837   1.00 12.39 ? 48  ILE A CD1 1 
ATOM   205  N N   . SER A 1 27  ? -2.611  -10.938 -0.945  1.00 15.39 ? 49  SER A N   1 
ATOM   206  C CA  . SER A 1 27  ? -3.084  -11.478 -2.230  1.00 15.76 ? 49  SER A CA  1 
ATOM   207  C C   . SER A 1 27  ? -3.718  -10.361 -3.051  1.00 15.88 ? 49  SER A C   1 
ATOM   208  O O   . SER A 1 27  ? -3.935  -9.268  -2.521  1.00 16.02 ? 49  SER A O   1 
ATOM   209  C CB  . SER A 1 27  ? -4.110  -12.582 -1.991  1.00 15.65 ? 49  SER A CB  1 
ATOM   210  O OG  . SER A 1 27  ? -5.189  -12.079 -1.221  1.00 16.13 ? 49  SER A OG  1 
ATOM   211  N N   . ARG A 1 28  ? -4.094  -10.609 -4.271  1.00 15.99 ? 50  ARG A N   1 
ATOM   212  C CA  . ARG A 1 28  ? -4.708  -9.617  -5.067  1.00 16.45 ? 50  ARG A CA  1 
ATOM   213  C C   . ARG A 1 28  ? -6.093  -9.317  -4.578  1.00 16.47 ? 50  ARG A C   1 
ATOM   214  O O   . ARG A 1 28  ? -6.517  -8.239  -4.516  1.00 16.90 ? 50  ARG A O   1 
ATOM   215  C CB  . ARG A 1 28  ? -4.725  -10.129 -6.452  1.00 16.38 ? 50  ARG A CB  1 
ATOM   216  C CG  . ARG A 1 28  ? -5.266  -9.250  -7.471  1.00 19.03 ? 50  ARG A CG  1 
ATOM   217  C CD  . ARG A 1 28  ? -4.739  -7.868  -7.425  1.00 21.79 ? 50  ARG A CD  1 
ATOM   218  N NE  . ARG A 1 28  ? -5.338  -7.128  -8.501  1.00 24.32 ? 50  ARG A NE  1 
ATOM   219  C CZ  . ARG A 1 28  ? -6.457  -6.431  -8.402  1.00 25.98 ? 50  ARG A CZ  1 
ATOM   220  N NH1 . ARG A 1 28  ? -7.084  -6.303  -7.256  1.00 26.94 ? 50  ARG A NH1 1 
ATOM   221  N NH2 . ARG A 1 28  ? -6.923  -5.817  -9.469  1.00 24.85 ? 50  ARG A NH2 1 
ATOM   222  N N   . THR A 1 29  ? -6.798  -10.311 -4.175  1.00 16.32 ? 51  THR A N   1 
ATOM   223  C CA  . THR A 1 29  ? -8.101  -10.107 -3.556  1.00 16.02 ? 51  THR A CA  1 
ATOM   224  C C   . THR A 1 29  ? -7.996  -9.281  -2.269  1.00 15.65 ? 51  THR A C   1 
ATOM   225  O O   . THR A 1 29  ? -8.772  -8.338  -2.078  1.00 15.72 ? 51  THR A O   1 
ATOM   226  C CB  . THR A 1 29  ? -8.814  -11.429 -3.287  1.00 16.12 ? 51  THR A CB  1 
ATOM   227  O OG1 . THR A 1 29  ? -7.915  -12.313 -2.615  1.00 16.84 ? 51  THR A OG1 1 
ATOM   228  C CG2 . THR A 1 29  ? -9.263  -12.070 -4.604  1.00 16.68 ? 51  THR A CG2 1 
ATOM   229  N N   . GLU A 1 30  ? -7.037  -9.563  -1.417  1.00 14.96 ? 52  GLU A N   1 
ATOM   230  C CA  . GLU A 1 30  ? -6.845  -8.818  -0.190  1.00 14.34 ? 52  GLU A CA  1 
ATOM   231  C C   . GLU A 1 30  ? -6.339  -7.384  -0.391  1.00 14.45 ? 52  GLU A C   1 
ATOM   232  O O   . GLU A 1 30  ? -6.557  -6.514  0.413   1.00 14.07 ? 52  GLU A O   1 
ATOM   233  C CB  . GLU A 1 30  ? -5.899  -9.578  0.692   1.00 13.98 ? 52  GLU A CB  1 
ATOM   234  C CG  . GLU A 1 30  ? -5.798  -9.024  1.994   1.00 13.07 ? 52  GLU A CG  1 
ATOM   235  C CD  . GLU A 1 30  ? -4.850  -9.687  2.780   1.00 13.69 ? 52  GLU A CD  1 
ATOM   236  O OE1 . GLU A 1 30  ? -4.285  -10.629 2.317   1.00 14.68 ? 52  GLU A OE1 1 
ATOM   237  O OE2 . GLU A 1 30  ? -4.689  -9.317  3.895   1.00 13.34 ? 52  GLU A OE2 1 
ATOM   238  N N   . ALA A 1 31  ? -5.626  -7.179  -1.486  1.00 14.50 ? 53  ALA A N   1 
ATOM   239  C CA  . ALA A 1 31  ? -5.185  -5.845  -1.876  1.00 14.48 ? 53  ALA A CA  1 
ATOM   240  C C   . ALA A 1 31  ? -6.409  -4.957  -2.085  1.00 14.58 ? 53  ALA A C   1 
ATOM   241  O O   . ALA A 1 31  ? -6.450  -3.813  -1.620  1.00 14.61 ? 53  ALA A O   1 
ATOM   242  C CB  . ALA A 1 31  ? -4.341  -5.915  -3.142  1.00 14.31 ? 53  ALA A CB  1 
ATOM   243  N N   . ALA A 1 32  ? -7.413  -5.506  -2.769  1.00 14.60 ? 54  ALA A N   1 
ATOM   244  C CA  . ALA A 1 32  ? -8.653  -4.795  -3.031  1.00 14.50 ? 54  ALA A CA  1 
ATOM   245  C C   . ALA A 1 32  ? -9.382  -4.477  -1.726  1.00 14.46 ? 54  ALA A C   1 
ATOM   246  O O   . ALA A 1 32  ? -9.768  -3.324  -1.508  1.00 15.01 ? 54  ALA A O   1 
ATOM   247  C CB  . ALA A 1 32  ? -9.540  -5.593  -3.986  1.00 14.68 ? 54  ALA A CB  1 
ATOM   248  N N   . ASP A 1 33  ? -9.546  -5.482  -0.862  1.00 13.70 ? 55  ASP A N   1 
ATOM   249  C CA  . ASP A 1 33  ? -10.246 -5.312  0.404   1.00 13.35 ? 55  ASP A CA  1 
ATOM   250  C C   . ASP A 1 33  ? -9.540  -4.320  1.304   1.00 13.61 ? 55  ASP A C   1 
ATOM   251  O O   . ASP A 1 33  ? -10.182 -3.459  1.914   1.00 13.72 ? 55  ASP A O   1 
ATOM   252  C CB  . ASP A 1 33  ? -10.363 -6.642  1.141   1.00 13.29 ? 55  ASP A CB  1 
ATOM   253  C CG  . ASP A 1 33  ? -11.314 -7.605  0.466   1.00 12.75 ? 55  ASP A CG  1 
ATOM   254  O OD1 . ASP A 1 33  ? -12.094 -7.159  -0.398  1.00 10.72 ? 55  ASP A OD1 1 
ATOM   255  O OD2 . ASP A 1 33  ? -11.273 -8.811  0.805   1.00 12.78 ? 55  ASP A OD2 1 
ATOM   256  N N   . LEU A 1 34  ? -8.216  -4.452  1.389   1.00 13.93 ? 56  LEU A N   1 
ATOM   257  C CA  . LEU A 1 34  ? -7.389  -3.584  2.233   1.00 13.83 ? 56  LEU A CA  1 
ATOM   258  C C   . LEU A 1 34  ? -7.491  -2.114  1.815   1.00 13.66 ? 56  LEU A C   1 
ATOM   259  O O   . LEU A 1 34  ? -7.696  -1.231  2.666   1.00 13.79 ? 56  LEU A O   1 
ATOM   260  C CB  . LEU A 1 34  ? -5.926  -4.055  2.237   1.00 13.92 ? 56  LEU A CB  1 
ATOM   261  C CG  . LEU A 1 34  ? -4.920  -3.334  3.153   1.00 14.40 ? 56  LEU A CG  1 
ATOM   262  C CD1 . LEU A 1 34  ? -5.409  -3.278  4.609   1.00 14.02 ? 56  LEU A CD1 1 
ATOM   263  C CD2 . LEU A 1 34  ? -3.539  -3.975  3.067   1.00 12.68 ? 56  LEU A CD2 1 
ATOM   264  N N   . CYS A 1 35  ? -7.368  -1.859  0.511   1.00 13.03 ? 57  CYS A N   1 
ATOM   265  C CA  . CYS A 1 35  ? -7.468  -0.503  -0.015  1.00 12.44 ? 57  CYS A CA  1 
ATOM   266  C C   . CYS A 1 35  ? -8.843  0.046   0.246   1.00 12.68 ? 57  CYS A C   1 
ATOM   267  O O   . CYS A 1 35  ? -8.983  1.206   0.601   1.00 12.39 ? 57  CYS A O   1 
ATOM   268  C CB  . CYS A 1 35  ? -7.160  -0.468  -1.512  1.00 12.43 ? 57  CYS A CB  1 
ATOM   269  S SG  . CYS A 1 35  ? -5.407  -0.638  -1.928  1.00 10.34 ? 57  CYS A SG  1 
ATOM   270  N N   . GLN A 1 36  ? -9.856  -0.810  0.089   1.00 13.44 ? 58  GLN A N   1 
ATOM   271  C CA  . GLN A 1 36  ? -11.253 -0.420  0.308   1.00 14.01 ? 58  GLN A CA  1 
ATOM   272  C C   . GLN A 1 36  ? -11.556 -0.110  1.774   1.00 13.84 ? 58  GLN A C   1 
ATOM   273  O O   . GLN A 1 36  ? -12.498 0.615   2.071   1.00 13.96 ? 58  GLN A O   1 
ATOM   274  C CB  . GLN A 1 36  ? -12.223 -1.478  -0.211  1.00 14.24 ? 58  GLN A CB  1 
ATOM   275  C CG  . GLN A 1 36  ? -13.685 -1.028  -0.126  1.00 16.53 ? 58  GLN A CG  1 
ATOM   276  C CD  . GLN A 1 36  ? -14.648 -2.002  -0.796  1.00 18.48 ? 58  GLN A CD  1 
ATOM   277  O OE1 . GLN A 1 36  ? -14.242 -2.991  -1.419  1.00 18.57 ? 58  GLN A OE1 1 
ATOM   278  N NE2 . GLN A 1 36  ? -15.938 -1.718  -0.668  1.00 19.24 ? 58  GLN A NE2 1 
ATOM   279  N N   . ALA A 1 37  ? -10.747 -0.652  2.683   1.00 13.87 ? 59  ALA A N   1 
ATOM   280  C CA  . ALA A 1 37  ? -10.811 -0.283  4.098   1.00 13.66 ? 59  ALA A CA  1 
ATOM   281  C C   . ALA A 1 37  ? -10.259 1.129   4.361   1.00 13.67 ? 59  ALA A C   1 
ATOM   282  O O   . ALA A 1 37  ? -10.709 1.808   5.287   1.00 13.62 ? 59  ALA A O   1 
ATOM   283  C CB  . ALA A 1 37  ? -10.084 -1.313  4.940   1.00 13.63 ? 59  ALA A CB  1 
ATOM   284  N N   . PHE A 1 38  ? -9.287  1.562   3.550   1.00 13.60 ? 60  PHE A N   1 
ATOM   285  C CA  . PHE A 1 38  ? -8.797  2.947   3.577   1.00 13.38 ? 60  PHE A CA  1 
ATOM   286  C C   . PHE A 1 38  ? -9.666  3.916   2.759   1.00 13.91 ? 60  PHE A C   1 
ATOM   287  O O   . PHE A 1 38  ? -9.235  5.035   2.486   1.00 14.41 ? 60  PHE A O   1 
ATOM   288  C CB  . PHE A 1 38  ? -7.342  3.036   3.079   1.00 12.94 ? 60  PHE A CB  1 
ATOM   289  C CG  . PHE A 1 38  ? -6.335  2.529   4.054   1.00 11.78 ? 60  PHE A CG  1 
ATOM   290  C CD1 . PHE A 1 38  ? -6.041  3.245   5.207   1.00 11.45 ? 60  PHE A CD1 1 
ATOM   291  C CD2 . PHE A 1 38  ? -5.684  1.325   3.831   1.00 11.97 ? 60  PHE A CD2 1 
ATOM   292  C CE1 . PHE A 1 38  ? -5.112  2.768   6.136   1.00 10.96 ? 60  PHE A CE1 1 
ATOM   293  C CE2 . PHE A 1 38  ? -4.746  0.834   4.745   1.00 11.53 ? 60  PHE A CE2 1 
ATOM   294  C CZ  . PHE A 1 38  ? -4.464  1.557   5.904   1.00 11.29 ? 60  PHE A CZ  1 
ATOM   295  N N   . ASN A 1 39  ? -10.878 3.507   2.376   1.00 14.38 ? 61  ASN A N   1 
ATOM   296  C CA  . ASN A 1 39  ? -11.704 4.286   1.430   1.00 14.81 ? 61  ASN A CA  1 
ATOM   297  C C   . ASN A 1 39  ? -10.943 4.605   0.146   1.00 14.52 ? 61  ASN A C   1 
ATOM   298  O O   . ASN A 1 39  ? -11.036 5.717   -0.385  1.00 14.73 ? 61  ASN A O   1 
ATOM   299  C CB  . ASN A 1 39  ? -12.235 5.584   2.064   1.00 15.13 ? 61  ASN A CB  1 
ATOM   300  C CG  . ASN A 1 39  ? -13.419 5.343   2.983   1.00 17.06 ? 61  ASN A CG  1 
ATOM   301  O OD1 . ASN A 1 39  ? -14.303 4.528   2.681   1.00 19.72 ? 61  ASN A OD1 1 
ATOM   302  N ND2 . ASN A 1 39  ? -13.445 6.048   4.117   1.00 16.99 ? 61  ASN A ND2 1 
ATOM   303  N N   . SER A 1 40  ? -10.191 3.621   -0.343  1.00 14.06 ? 62  SER A N   1 
ATOM   304  C CA  . SER A 1 40  ? -9.300  3.812   -1.482  1.00 13.43 ? 62  SER A CA  1 
ATOM   305  C C   . SER A 1 40  ? -9.525  2.741   -2.523  1.00 13.29 ? 62  SER A C   1 
ATOM   306  O O   . SER A 1 40  ? -10.163 1.719   -2.243  1.00 13.77 ? 62  SER A O   1 
ATOM   307  C CB  . SER A 1 40  ? -7.849  3.763   -1.018  1.00 13.02 ? 62  SER A CB  1 
ATOM   308  O OG  . SER A 1 40  ? -7.605  4.808   -0.105  1.00 12.67 ? 62  SER A OG  1 
ATOM   309  N N   . THR A 1 41  ? -9.005  2.976   -3.724  1.00 12.61 ? 63  THR A N   1 
ATOM   310  C CA  . THR A 1 41  ? -8.964  1.947   -4.757  1.00 11.87 ? 63  THR A CA  1 
ATOM   311  C C   . THR A 1 41  ? -7.508  1.640   -5.063  1.00 11.62 ? 63  THR A C   1 
ATOM   312  O O   . THR A 1 41  ? -6.635  2.454   -4.787  1.00 11.99 ? 63  THR A O   1 
ATOM   313  C CB  . THR A 1 41  ? -9.724  2.381   -6.053  1.00 11.92 ? 63  THR A CB  1 
ATOM   314  O OG1 . THR A 1 41  ? -9.084  3.515   -6.660  1.00 11.05 ? 63  THR A OG1 1 
ATOM   315  C CG2 . THR A 1 41  ? -11.193 2.720   -5.740  1.00 11.40 ? 63  THR A CG2 1 
ATOM   316  N N   . LEU A 1 42  ? -7.236  0.459   -5.602  1.00 11.32 ? 64  LEU A N   1 
ATOM   317  C CA  . LEU A 1 42  ? -5.931  0.188   -6.198  1.00 10.95 ? 64  LEU A CA  1 
ATOM   318  C C   . LEU A 1 42  ? -5.654  1.260   -7.261  1.00 10.65 ? 64  LEU A C   1 
ATOM   319  O O   . LEU A 1 42  ? -6.569  1.605   -8.025  1.00 11.07 ? 64  LEU A O   1 
ATOM   320  C CB  . LEU A 1 42  ? -5.930  -1.198  -6.856  1.00 10.97 ? 64  LEU A CB  1 
ATOM   321  C CG  . LEU A 1 42  ? -5.626  -2.474  -6.059  1.00 10.82 ? 64  LEU A CG  1 
ATOM   322  C CD1 . LEU A 1 42  ? -4.255  -2.422  -5.424  1.00 10.35 ? 64  LEU A CD1 1 
ATOM   323  C CD2 . LEU A 1 42  ? -6.666  -2.732  -5.011  1.00 12.17 ? 64  LEU A CD2 1 
ATOM   324  N N   . PRO A 1 43  ? -4.415  1.805   -7.308  1.00 10.02 ? 65  PRO A N   1 
ATOM   325  C CA  . PRO A 1 43  ? -4.086  2.828   -8.305  1.00 9.58  ? 65  PRO A CA  1 
ATOM   326  C C   . PRO A 1 43  ? -4.126  2.294   -9.735  1.00 9.12  ? 65  PRO A C   1 
ATOM   327  O O   . PRO A 1 43  ? -3.911  1.113   -9.942  1.00 8.98  ? 65  PRO A O   1 
ATOM   328  C CB  . PRO A 1 43  ? -2.638  3.220   -7.947  1.00 9.46  ? 65  PRO A CB  1 
ATOM   329  C CG  . PRO A 1 43  ? -2.435  2.764   -6.570  1.00 9.46  ? 65  PRO A CG  1 
ATOM   330  C CD  . PRO A 1 43  ? -3.263  1.529   -6.431  1.00 10.02 ? 65  PRO A CD  1 
ATOM   331  N N   . THR A 1 44  ? -4.411  3.156   -10.704 1.00 8.86  ? 66  THR A N   1 
ATOM   332  C CA  . THR A 1 44  ? -4.129  2.841   -12.102 1.00 8.91  ? 66  THR A CA  1 
ATOM   333  C C   . THR A 1 44  ? -2.645  3.123   -12.342 1.00 9.04  ? 66  THR A C   1 
ATOM   334  O O   . THR A 1 44  ? -1.963  3.662   -11.457 1.00 8.76  ? 66  THR A O   1 
ATOM   335  C CB  . THR A 1 44  ? -4.985  3.674   -13.085 1.00 8.77  ? 66  THR A CB  1 
ATOM   336  O OG1 . THR A 1 44  ? -4.750  5.070   -12.872 1.00 9.16  ? 66  THR A OG1 1 
ATOM   337  C CG2 . THR A 1 44  ? -6.466  3.403   -12.893 1.00 8.98  ? 66  THR A CG2 1 
ATOM   338  N N   . MET A 1 45  ? -2.135  2.760   -13.519 1.00 9.46  ? 67  MET A N   1 
ATOM   339  C CA  . MET A 1 45  ? -0.745  3.077   -13.861 1.00 10.10 ? 67  MET A CA  1 
ATOM   340  C C   . MET A 1 45  ? -0.547  4.584   -13.905 1.00 10.28 ? 67  MET A C   1 
ATOM   341  O O   . MET A 1 45  ? 0.488   5.083   -13.481 1.00 9.79  ? 67  MET A O   1 
ATOM   342  C CB  . MET A 1 45  ? -0.308  2.436   -15.184 1.00 10.18 ? 67  MET A CB  1 
ATOM   343  C CG  . MET A 1 45  ? 1.180   2.618   -15.508 1.00 11.38 ? 67  MET A CG  1 
ATOM   344  S SD  . MET A 1 45  ? 2.352   1.707   -14.441 1.00 14.99 ? 67  MET A SD  1 
ATOM   345  C CE  . MET A 1 45  ? 2.237   0.088   -15.194 1.00 11.88 ? 67  MET A CE  1 
ATOM   346  N N   . ASP A 1 46  ? -1.561  5.297   -14.391 1.00 11.04 ? 68  ASP A N   1 
ATOM   347  C CA  . ASP A 1 46  ? -1.481  6.740   -14.522 1.00 12.08 ? 68  ASP A CA  1 
ATOM   348  C C   . ASP A 1 46  ? -1.375  7.432   -13.165 1.00 12.29 ? 68  ASP A C   1 
ATOM   349  O O   . ASP A 1 46  ? -0.475  8.256   -12.930 1.00 12.66 ? 68  ASP A O   1 
ATOM   350  C CB  . ASP A 1 46  ? -2.665  7.282   -15.306 1.00 12.38 ? 68  ASP A CB  1 
ATOM   351  C CG  . ASP A 1 46  ? -2.556  8.784   -15.542 1.00 14.73 ? 68  ASP A CG  1 
ATOM   352  O OD1 . ASP A 1 46  ? -1.522  9.363   -15.090 1.00 15.58 ? 68  ASP A OD1 1 
ATOM   353  O OD2 . ASP A 1 46  ? -3.489  9.369   -16.167 1.00 13.89 ? 68  ASP A OD2 1 
ATOM   354  N N   . GLN A 1 47  ? -2.283  7.075   -12.266 1.00 12.13 ? 69  GLN A N   1 
ATOM   355  C CA  . GLN A 1 47  ? -2.246  7.584   -10.914 1.00 12.00 ? 69  GLN A CA  1 
ATOM   356  C C   . GLN A 1 47  ? -0.879  7.324   -10.283 1.00 12.23 ? 69  GLN A C   1 
ATOM   357  O O   . GLN A 1 47  ? -0.345  8.195   -9.600  1.00 12.56 ? 69  GLN A O   1 
ATOM   358  C CB  . GLN A 1 47  ? -3.365  6.961   -10.091 1.00 11.95 ? 69  GLN A CB  1 
ATOM   359  C CG  . GLN A 1 47  ? -4.725  7.177   -10.715 1.00 11.24 ? 69  GLN A CG  1 
ATOM   360  C CD  . GLN A 1 47  ? -5.814  6.366   -10.057 1.00 10.73 ? 69  GLN A CD  1 
ATOM   361  O OE1 . GLN A 1 47  ? -5.608  5.218   -9.651  1.00 9.76  ? 69  GLN A OE1 1 
ATOM   362  N NE2 . GLN A 1 47  ? -6.993  6.962   -9.951  1.00 9.77  ? 69  GLN A NE2 1 
ATOM   363  N N   . MET A 1 48  ? -0.309  6.144   -10.533 1.00 12.21 ? 70  MET A N   1 
ATOM   364  C CA  . MET A 1 48  ? 1.022   5.800   -10.025 1.00 12.14 ? 70  MET A CA  1 
ATOM   365  C C   . MET A 1 48  ? 2.111   6.659   -10.674 1.00 12.05 ? 70  MET A C   1 
ATOM   366  O O   . MET A 1 48  ? 3.084   7.047   -10.013 1.00 12.23 ? 70  MET A O   1 
ATOM   367  C CB  . MET A 1 48  ? 1.320   4.314   -10.242 1.00 12.15 ? 70  MET A CB  1 
ATOM   368  C CG  . MET A 1 48  ? 2.661   3.832   -9.664  1.00 12.70 ? 70  MET A CG  1 
ATOM   369  S SD  . MET A 1 48  ? 2.896   4.136   -7.886  1.00 13.49 ? 70  MET A SD  1 
ATOM   370  C CE  . MET A 1 48  ? 1.610   3.100   -7.194  1.00 13.95 ? 70  MET A CE  1 
ATOM   371  N N   . LYS A 1 49  ? 1.940   6.968   -11.957 1.00 11.58 ? 71  LYS A N   1 
ATOM   372  C CA  . LYS A 1 49  ? 2.940   7.747   -12.683 1.00 11.27 ? 71  LYS A CA  1 
ATOM   373  C C   . LYS A 1 49  ? 2.936   9.198   -12.233 1.00 11.20 ? 71  LYS A C   1 
ATOM   374  O O   . LYS A 1 49  ? 3.967   9.874   -12.281 1.00 11.21 ? 71  LYS A O   1 
ATOM   375  C CB  . LYS A 1 49  ? 2.746   7.640   -14.199 1.00 11.26 ? 71  LYS A CB  1 
ATOM   376  C CG  . LYS A 1 49  ? 3.323   6.367   -14.791 1.00 10.94 ? 71  LYS A CG  1 
ATOM   377  C CD  . LYS A 1 49  ? 3.312   6.410   -16.285 1.00 11.43 ? 71  LYS A CD  1 
ATOM   378  C CE  . LYS A 1 49  ? 3.717   5.065   -16.848 1.00 13.46 ? 71  LYS A CE  1 
ATOM   379  N NZ  . LYS A 1 49  ? 3.165   4.885   -18.228 1.00 14.60 ? 71  LYS A NZ  1 
ATOM   380  N N   . LEU A 1 50  ? 1.776   9.672   -11.787 1.00 10.92 ? 72  LEU A N   1 
ATOM   381  C CA  . LEU A 1 50  ? 1.696   11.002  -11.213 1.00 10.65 ? 72  LEU A CA  1 
ATOM   382  C C   . LEU A 1 50  ? 2.166   10.955  -9.764  1.00 10.62 ? 72  LEU A C   1 
ATOM   383  O O   . LEU A 1 50  ? 2.827   11.886  -9.293  1.00 10.96 ? 72  LEU A O   1 
ATOM   384  C CB  . LEU A 1 50  ? 0.283   11.584  -11.326 1.00 10.75 ? 72  LEU A CB  1 
ATOM   385  C CG  . LEU A 1 50  ? 0.120   13.035  -10.847 1.00 10.67 ? 72  LEU A CG  1 
ATOM   386  C CD1 . LEU A 1 50  ? 0.760   14.025  -11.813 1.00 9.25  ? 72  LEU A CD1 1 
ATOM   387  C CD2 . LEU A 1 50  ? -1.346  13.374  -10.603 1.00 9.96  ? 72  LEU A CD2 1 
ATOM   388  N N   . ALA A 1 51  ? 1.840   9.873   -9.060  1.00 10.40 ? 73  ALA A N   1 
ATOM   389  C CA  . ALA A 1 51  ? 2.372   9.659   -7.711  1.00 10.24 ? 73  ALA A CA  1 
ATOM   390  C C   . ALA A 1 51  ? 3.889   9.814   -7.764  1.00 10.25 ? 73  ALA A C   1 
ATOM   391  O O   . ALA A 1 51  ? 4.451   10.672  -7.077  1.00 10.37 ? 73  ALA A O   1 
ATOM   392  C CB  . ALA A 1 51  ? 1.984   8.301   -7.180  1.00 9.92  ? 73  ALA A CB  1 
ATOM   393  N N   . LEU A 1 52  ? 4.529   9.030   -8.629  1.00 10.20 ? 74  LEU A N   1 
ATOM   394  C CA  . LEU A 1 52  ? 5.987   9.089   -8.826  1.00 10.43 ? 74  LEU A CA  1 
ATOM   395  C C   . LEU A 1 52  ? 6.546   10.498  -9.096  1.00 10.48 ? 74  LEU A C   1 
ATOM   396  O O   . LEU A 1 52  ? 7.555   10.891  -8.502  1.00 10.71 ? 74  LEU A O   1 
ATOM   397  C CB  . LEU A 1 52  ? 6.420   8.101   -9.916  1.00 10.15 ? 74  LEU A CB  1 
ATOM   398  C CG  . LEU A 1 52  ? 7.796   8.242   -10.563 1.00 10.38 ? 74  LEU A CG  1 
ATOM   399  C CD1 . LEU A 1 52  ? 8.844   7.492   -9.785  1.00 10.64 ? 74  LEU A CD1 1 
ATOM   400  C CD2 . LEU A 1 52  ? 7.732   7.704   -11.984 1.00 11.84 ? 74  LEU A CD2 1 
ATOM   401  N N   . SER A 1 53  ? 5.896   11.269  -9.968  1.00 10.66 ? 75  SER A N   1 
ATOM   402  C CA  . SER A 1 53  ? 6.434   12.601  -10.295 1.00 10.79 ? 75  SER A CA  1 
ATOM   403  C C   . SER A 1 53  ? 6.337   13.576  -9.117  1.00 10.86 ? 75  SER A C   1 
ATOM   404  O O   . SER A 1 53  ? 7.099   14.539  -9.031  1.00 11.04 ? 75  SER A O   1 
ATOM   405  C CB  . SER A 1 53  ? 5.849   13.173  -11.591 1.00 10.31 ? 75  SER A CB  1 
ATOM   406  O OG  . SER A 1 53  ? 4.451   13.067  -11.609 1.00 10.05 ? 75  SER A OG  1 
ATOM   407  N N   . LYS A 1 54  ? 5.429   13.279  -8.194  1.00 10.95 ? 76  LYS A N   1 
ATOM   408  C CA  . LYS A 1 54  ? 5.279   14.049  -6.961  1.00 10.96 ? 76  LYS A CA  1 
ATOM   409  C C   . LYS A 1 54  ? 6.340   13.664  -5.916  1.00 10.73 ? 76  LYS A C   1 
ATOM   410  O O   . LYS A 1 54  ? 6.450   14.278  -4.849  1.00 10.47 ? 76  LYS A O   1 
ATOM   411  C CB  . LYS A 1 54  ? 3.858   13.879  -6.408  1.00 11.15 ? 76  LYS A CB  1 
ATOM   412  C CG  . LYS A 1 54  ? 2.761   14.343  -7.363  1.00 11.55 ? 76  LYS A CG  1 
ATOM   413  C CD  . LYS A 1 54  ? 2.987   15.790  -7.807  1.00 12.75 ? 76  LYS A CD  1 
ATOM   414  C CE  . LYS A 1 54  ? 1.845   16.319  -8.691  1.00 13.30 ? 76  LYS A CE  1 
ATOM   415  N NZ  . LYS A 1 54  ? 2.125   17.721  -9.155  1.00 12.96 ? 76  LYS A NZ  1 
ATOM   416  N N   . GLY A 1 55  ? 7.120   12.638  -6.230  1.00 10.66 ? 77  GLY A N   1 
ATOM   417  C CA  . GLY A 1 55  ? 8.293   12.325  -5.424  1.00 10.48 ? 77  GLY A CA  1 
ATOM   418  C C   . GLY A 1 55  ? 8.164   11.041  -4.646  1.00 10.31 ? 77  GLY A C   1 
ATOM   419  O O   . GLY A 1 55  ? 8.653   10.954  -3.507  1.00 10.60 ? 77  GLY A O   1 
ATOM   420  N N   . PHE A 1 56  ? 7.541   10.044  -5.279  1.00 9.54  ? 78  PHE A N   1 
ATOM   421  C CA  . PHE A 1 56  ? 7.183   8.792   -4.630  1.00 8.90  ? 78  PHE A CA  1 
ATOM   422  C C   . PHE A 1 56  ? 8.072   7.668   -5.097  1.00 8.80  ? 78  PHE A C   1 
ATOM   423  O O   . PHE A 1 56  ? 8.248   7.456   -6.299  1.00 8.51  ? 78  PHE A O   1 
ATOM   424  C CB  . PHE A 1 56  ? 5.726   8.458   -4.948  1.00 9.06  ? 78  PHE A CB  1 
ATOM   425  C CG  . PHE A 1 56  ? 5.189   7.242   -4.234  1.00 8.36  ? 78  PHE A CG  1 
ATOM   426  C CD1 . PHE A 1 56  ? 5.167   7.176   -2.845  1.00 8.20  ? 78  PHE A CD1 1 
ATOM   427  C CD2 . PHE A 1 56  ? 4.654   6.192   -4.955  1.00 6.82  ? 78  PHE A CD2 1 
ATOM   428  C CE1 . PHE A 1 56  ? 4.644   6.074   -2.191  1.00 7.81  ? 78  PHE A CE1 1 
ATOM   429  C CE2 . PHE A 1 56  ? 4.124   5.091   -4.311  1.00 7.50  ? 78  PHE A CE2 1 
ATOM   430  C CZ  . PHE A 1 56  ? 4.126   5.027   -2.924  1.00 8.05  ? 78  PHE A CZ  1 
ATOM   431  N N   . GLU A 1 57  ? 8.642   6.954   -4.132  1.00 8.83  ? 79  GLU A N   1 
ATOM   432  C CA  . GLU A 1 57  ? 9.398   5.739   -4.411  1.00 8.68  ? 79  GLU A CA  1 
ATOM   433  C C   . GLU A 1 57  ? 9.393   4.804   -3.202  1.00 9.02  ? 79  GLU A C   1 
ATOM   434  O O   . GLU A 1 57  ? 9.276   5.243   -2.068  1.00 8.78  ? 79  GLU A O   1 
ATOM   435  C CB  . GLU A 1 57  ? 10.823  6.049   -4.910  1.00 8.28  ? 79  GLU A CB  1 
ATOM   436  C CG  . GLU A 1 57  ? 11.873  6.354   -3.842  1.00 7.28  ? 79  GLU A CG  1 
ATOM   437  C CD  . GLU A 1 57  ? 13.229  6.738   -4.445  1.00 6.79  ? 79  GLU A CD  1 
ATOM   438  O OE1 . GLU A 1 57  ? 13.671  6.080   -5.410  1.00 5.07  ? 79  GLU A OE1 1 
ATOM   439  O OE2 . GLU A 1 57  ? 13.852  7.707   -3.956  1.00 5.63  ? 79  GLU A OE2 1 
ATOM   440  N N   . THR A 1 58  ? 9.461   3.506   -3.476  1.00 9.93  ? 80  THR A N   1 
ATOM   441  C CA  . THR A 1 58  ? 9.582   2.471   -2.452  1.00 10.78 ? 80  THR A CA  1 
ATOM   442  C C   . THR A 1 58  ? 10.635  1.479   -2.951  1.00 11.40 ? 80  THR A C   1 
ATOM   443  O O   . THR A 1 58  ? 11.146  1.618   -4.063  1.00 11.21 ? 80  THR A O   1 
ATOM   444  C CB  . THR A 1 58  ? 8.238   1.716   -2.211  1.00 11.01 ? 80  THR A CB  1 
ATOM   445  O OG1 . THR A 1 58  ? 7.932   0.897   -3.356  1.00 11.34 ? 80  THR A OG1 1 
ATOM   446  C CG2 . THR A 1 58  ? 7.057   2.691   -1.907  1.00 9.69  ? 80  THR A CG2 1 
ATOM   447  N N   . CYS A 1 59  ? 10.959  0.486   -2.129  1.00 12.32 ? 81  CYS A N   1 
ATOM   448  C CA  . CYS A 1 59  ? 11.865  -0.590  -2.538  1.00 13.25 ? 81  CYS A CA  1 
ATOM   449  C C   . CYS A 1 59  ? 11.166  -1.955  -2.444  1.00 13.68 ? 81  CYS A C   1 
ATOM   450  O O   . CYS A 1 59  ? 11.806  -2.974  -2.174  1.00 13.64 ? 81  CYS A O   1 
ATOM   451  C CB  . CYS A 1 59  ? 13.135  -0.570  -1.684  1.00 13.19 ? 81  CYS A CB  1 
ATOM   452  S SG  . CYS A 1 59  ? 14.446  -1.644  -2.313  1.00 14.36 ? 81  CYS A SG  1 
ATOM   453  N N   . ARG A 1 60  ? 9.849   -1.958  -2.678  1.00 14.27 ? 82  ARG A N   1 
ATOM   454  C CA  . ARG A 1 60  ? 8.994   -3.129  -2.430  1.00 14.60 ? 82  ARG A CA  1 
ATOM   455  C C   . ARG A 1 60  ? 7.908   -3.300  -3.501  1.00 14.61 ? 82  ARG A C   1 
ATOM   456  O O   . ARG A 1 60  ? 7.231   -2.347  -3.879  1.00 14.74 ? 82  ARG A O   1 
ATOM   457  C CB  . ARG A 1 60  ? 8.327   -3.011  -1.056  1.00 14.58 ? 82  ARG A CB  1 
ATOM   458  C CG  . ARG A 1 60  ? 9.279   -2.703  0.092   1.00 15.27 ? 82  ARG A CG  1 
ATOM   459  C CD  . ARG A 1 60  ? 9.588   -3.944  0.892   1.00 17.54 ? 82  ARG A CD  1 
ATOM   460  N NE  . ARG A 1 60  ? 8.434   -4.354  1.689   1.00 19.26 ? 82  ARG A NE  1 
ATOM   461  C CZ  . ARG A 1 60  ? 8.267   -5.563  2.220   1.00 20.55 ? 82  ARG A CZ  1 
ATOM   462  N NH1 . ARG A 1 60  ? 7.172   -5.821  2.929   1.00 20.50 ? 82  ARG A NH1 1 
ATOM   463  N NH2 . ARG A 1 60  ? 9.187   -6.513  2.041   1.00 20.78 ? 82  ARG A NH2 1 
ATOM   464  N N   . TYR A 1 61  ? 7.749   -4.525  -3.982  1.00 14.68 ? 83  TYR A N   1 
ATOM   465  C CA  . TYR A 1 61  ? 6.683   -4.862  -4.917  1.00 14.81 ? 83  TYR A CA  1 
ATOM   466  C C   . TYR A 1 61  ? 5.314   -4.718  -4.263  1.00 14.87 ? 83  TYR A C   1 
ATOM   467  O O   . TYR A 1 61  ? 5.128   -5.070  -3.093  1.00 14.76 ? 83  TYR A O   1 
ATOM   468  C CB  . TYR A 1 61  ? 6.855   -6.294  -5.425  1.00 14.82 ? 83  TYR A CB  1 
ATOM   469  C CG  . TYR A 1 61  ? 8.103   -6.500  -6.243  1.00 15.30 ? 83  TYR A CG  1 
ATOM   470  C CD1 . TYR A 1 61  ? 8.129   -6.169  -7.593  1.00 16.52 ? 83  TYR A CD1 1 
ATOM   471  C CD2 . TYR A 1 61  ? 9.261   -7.028  -5.669  1.00 15.99 ? 83  TYR A CD2 1 
ATOM   472  C CE1 . TYR A 1 61  ? 9.272   -6.357  -8.362  1.00 18.13 ? 83  TYR A CE1 1 
ATOM   473  C CE2 . TYR A 1 61  ? 10.419  -7.216  -6.427  1.00 17.25 ? 83  TYR A CE2 1 
ATOM   474  C CZ  . TYR A 1 61  ? 10.412  -6.879  -7.774  1.00 17.87 ? 83  TYR A CZ  1 
ATOM   475  O OH  . TYR A 1 61  ? 11.533  -7.055  -8.546  1.00 18.16 ? 83  TYR A OH  1 
ATOM   476  N N   . GLY A 1 62  ? 4.360   -4.197  -5.025  1.00 14.76 ? 84  GLY A N   1 
ATOM   477  C CA  . GLY A 1 62  ? 3.001   -4.044  -4.543  1.00 14.49 ? 84  GLY A CA  1 
ATOM   478  C C   . GLY A 1 62  ? 2.024   -4.009  -5.690  1.00 14.64 ? 84  GLY A C   1 
ATOM   479  O O   . GLY A 1 62  ? 2.377   -3.637  -6.809  1.00 14.70 ? 84  GLY A O   1 
ATOM   480  N N   . PHE A 1 63  ? 0.785   -4.392  -5.407  1.00 14.74 ? 85  PHE A N   1 
ATOM   481  C CA  . PHE A 1 63  ? -0.268  -4.406  -6.416  1.00 14.54 ? 85  PHE A CA  1 
ATOM   482  C C   . PHE A 1 63  ? -0.727  -3.003  -6.802  1.00 14.69 ? 85  PHE A C   1 
ATOM   483  O O   . PHE A 1 63  ? -0.779  -2.103  -5.957  1.00 14.67 ? 85  PHE A O   1 
ATOM   484  C CB  . PHE A 1 63  ? -1.471  -5.178  -5.895  1.00 14.19 ? 85  PHE A CB  1 
ATOM   485  C CG  . PHE A 1 63  ? -1.211  -6.637  -5.675  1.00 14.06 ? 85  PHE A CG  1 
ATOM   486  C CD1 . PHE A 1 63  ? -1.110  -7.508  -6.748  1.00 12.84 ? 85  PHE A CD1 1 
ATOM   487  C CD2 . PHE A 1 63  ? -1.088  -7.145  -4.388  1.00 13.72 ? 85  PHE A CD2 1 
ATOM   488  C CE1 . PHE A 1 63  ? -0.894  -8.854  -6.539  1.00 12.21 ? 85  PHE A CE1 1 
ATOM   489  C CE2 . PHE A 1 63  ? -0.869  -8.495  -4.175  1.00 12.89 ? 85  PHE A CE2 1 
ATOM   490  C CZ  . PHE A 1 63  ? -0.774  -9.351  -5.253  1.00 12.79 ? 85  PHE A CZ  1 
ATOM   491  N N   . ILE A 1 64  ? -1.036  -2.832  -8.086  1.00 14.72 ? 86  ILE A N   1 
ATOM   492  C CA  . ILE A 1 64  ? -1.892  -1.743  -8.562  1.00 14.88 ? 86  ILE A CA  1 
ATOM   493  C C   . ILE A 1 64  ? -3.020  -2.338  -9.438  1.00 15.18 ? 86  ILE A C   1 
ATOM   494  O O   . ILE A 1 64  ? -3.237  -3.553  -9.439  1.00 15.53 ? 86  ILE A O   1 
ATOM   495  C CB  . ILE A 1 64  ? -1.097  -0.607  -9.278  1.00 14.87 ? 86  ILE A CB  1 
ATOM   496  C CG1 . ILE A 1 64  ? -0.442  -1.092  -10.579 1.00 14.77 ? 86  ILE A CG1 1 
ATOM   497  C CG2 . ILE A 1 64  ? -0.060  -0.007  -8.340  1.00 14.54 ? 86  ILE A CG2 1 
ATOM   498  C CD1 . ILE A 1 64  ? -0.264  0.009   -11.637 1.00 13.14 ? 86  ILE A CD1 1 
ATOM   499  N N   . GLU A 1 65  ? -3.760  -1.502  -10.157 1.00 15.26 ? 87  GLU A N   1 
ATOM   500  C CA  . GLU A 1 65  ? -4.794  -2.014  -11.049 1.00 15.43 ? 87  GLU A CA  1 
ATOM   501  C C   . GLU A 1 65  ? -4.132  -2.598  -12.305 1.00 15.23 ? 87  GLU A C   1 
ATOM   502  O O   . GLU A 1 65  ? -3.815  -1.870  -13.266 1.00 15.79 ? 87  GLU A O   1 
ATOM   503  C CB  . GLU A 1 65  ? -5.809  -0.919  -11.414 1.00 15.64 ? 87  GLU A CB  1 
ATOM   504  C CG  . GLU A 1 65  ? -6.985  -1.396  -12.254 1.00 17.29 ? 87  GLU A CG  1 
ATOM   505  C CD  . GLU A 1 65  ? -7.697  -2.622  -11.658 1.00 20.08 ? 87  GLU A CD  1 
ATOM   506  O OE1 . GLU A 1 65  ? -8.061  -2.599  -10.452 1.00 20.45 ? 87  GLU A OE1 1 
ATOM   507  O OE2 . GLU A 1 65  ? -7.900  -3.607  -12.408 1.00 21.11 ? 87  GLU A OE2 1 
ATOM   508  N N   . GLY A 1 66  ? -3.892  -3.906  -12.281 1.00 14.16 ? 88  GLY A N   1 
ATOM   509  C CA  . GLY A 1 66  ? -3.336  -4.584  -13.435 1.00 13.02 ? 88  GLY A CA  1 
ATOM   510  C C   . GLY A 1 66  ? -2.013  -5.275  -13.217 1.00 12.39 ? 88  GLY A C   1 
ATOM   511  O O   . GLY A 1 66  ? -1.779  -6.321  -13.782 1.00 12.26 ? 88  GLY A O   1 
ATOM   512  N N   . ASN A 1 67  ? -1.144  -4.700  -12.396 1.00 12.16 ? 89  ASN A N   1 
ATOM   513  C CA  . ASN A 1 67  ? 0.218   -5.211  -12.246 1.00 11.94 ? 89  ASN A CA  1 
ATOM   514  C C   . ASN A 1 67  ? 0.717   -5.227  -10.809 1.00 12.06 ? 89  ASN A C   1 
ATOM   515  O O   . ASN A 1 67  ? -0.015  -4.886  -9.873  1.00 12.54 ? 89  ASN A O   1 
ATOM   516  C CB  . ASN A 1 67  ? 1.198   -4.400  -13.109 1.00 11.76 ? 89  ASN A CB  1 
ATOM   517  C CG  . ASN A 1 67  ? 0.837   -4.420  -14.569 1.00 11.67 ? 89  ASN A CG  1 
ATOM   518  O OD1 . ASN A 1 67  ? 1.328   -5.248  -15.323 1.00 11.57 ? 89  ASN A OD1 1 
ATOM   519  N ND2 . ASN A 1 67  ? -0.047  -3.514  -14.977 1.00 12.31 ? 89  ASN A ND2 1 
ATOM   520  N N   . VAL A 1 68  ? 1.971   -5.647  -10.660 1.00 11.84 ? 90  VAL A N   1 
ATOM   521  C CA  . VAL A 1 68  ? 2.736   -5.581  -9.425  1.00 11.73 ? 90  VAL A CA  1 
ATOM   522  C C   . VAL A 1 68  ? 3.974   -4.724  -9.731  1.00 11.92 ? 90  VAL A C   1 
ATOM   523  O O   . VAL A 1 68  ? 4.700   -4.997  -10.686 1.00 12.00 ? 90  VAL A O   1 
ATOM   524  C CB  . VAL A 1 68  ? 3.151   -6.999  -8.982  1.00 11.79 ? 90  VAL A CB  1 
ATOM   525  C CG1 . VAL A 1 68  ? 4.242   -6.968  -7.913  1.00 10.97 ? 90  VAL A CG1 1 
ATOM   526  C CG2 . VAL A 1 68  ? 1.927   -7.791  -8.517  1.00 11.89 ? 90  VAL A CG2 1 
ATOM   527  N N   . VAL A 1 69  ? 4.218   -3.691  -8.932  1.00 11.98 ? 91  VAL A N   1 
ATOM   528  C CA  . VAL A 1 69  ? 5.221   -2.696  -9.288  1.00 12.22 ? 91  VAL A CA  1 
ATOM   529  C C   . VAL A 1 69  ? 6.033   -2.165  -8.115  1.00 12.27 ? 91  VAL A C   1 
ATOM   530  O O   . VAL A 1 69  ? 5.666   -2.344  -6.944  1.00 12.53 ? 91  VAL A O   1 
ATOM   531  C CB  . VAL A 1 69  ? 4.572   -1.473  -9.979  1.00 12.53 ? 91  VAL A CB  1 
ATOM   532  C CG1 . VAL A 1 69  ? 3.978   -1.848  -11.356 1.00 12.69 ? 91  VAL A CG1 1 
ATOM   533  C CG2 . VAL A 1 69  ? 3.517   -0.826  -9.053  1.00 12.99 ? 91  VAL A CG2 1 
ATOM   534  N N   . ILE A 1 70  ? 7.147   -1.520  -8.459  1.00 11.86 ? 92  ILE A N   1 
ATOM   535  C CA  . ILE A 1 70  ? 7.932   -0.715  -7.532  1.00 11.38 ? 92  ILE A CA  1 
ATOM   536  C C   . ILE A 1 70  ? 8.185   0.626   -8.224  1.00 11.25 ? 92  ILE A C   1 
ATOM   537  O O   . ILE A 1 70  ? 8.828   0.646   -9.281  1.00 11.59 ? 92  ILE A O   1 
ATOM   538  C CB  . ILE A 1 70  ? 9.317   -1.340  -7.222  1.00 11.36 ? 92  ILE A CB  1 
ATOM   539  C CG1 . ILE A 1 70  ? 9.192   -2.784  -6.710  1.00 11.06 ? 92  ILE A CG1 1 
ATOM   540  C CG2 . ILE A 1 70  ? 10.087  -0.458  -6.229  1.00 11.23 ? 92  ILE A CG2 1 
ATOM   541  C CD1 . ILE A 1 70  ? 10.518  -3.508  -6.498  1.00 9.37  ? 92  ILE A CD1 1 
ATOM   542  N N   . PRO A 1 71  ? 7.655   1.737   -7.656  1.00 10.69 ? 93  PRO A N   1 
ATOM   543  C CA  . PRO A 1 71  ? 7.960   3.099   -8.106  1.00 10.27 ? 93  PRO A CA  1 
ATOM   544  C C   . PRO A 1 71  ? 9.383   3.492   -7.710  1.00 10.11 ? 93  PRO A C   1 
ATOM   545  O O   . PRO A 1 71  ? 9.782   3.274   -6.568  1.00 10.13 ? 93  PRO A O   1 
ATOM   546  C CB  . PRO A 1 71  ? 6.924   3.958   -7.363  1.00 9.93  ? 93  PRO A CB  1 
ATOM   547  C CG  . PRO A 1 71  ? 6.545   3.168   -6.190  1.00 9.81  ? 93  PRO A CG  1 
ATOM   548  C CD  . PRO A 1 71  ? 6.609   1.737   -6.617  1.00 10.72 ? 93  PRO A CD  1 
ATOM   549  N N   . ARG A 1 72  ? 10.139  4.051   -8.650  1.00 10.04 ? 94  ARG A N   1 
ATOM   550  C CA  . ARG A 1 72  ? 11.565  4.297   -8.441  1.00 10.31 ? 94  ARG A CA  1 
ATOM   551  C C   . ARG A 1 72  ? 12.024  5.654   -8.984  1.00 10.67 ? 94  ARG A C   1 
ATOM   552  O O   . ARG A 1 72  ? 11.861  5.949   -10.168 1.00 10.38 ? 94  ARG A O   1 
ATOM   553  C CB  . ARG A 1 72  ? 12.400  3.181   -9.091  1.00 10.24 ? 94  ARG A CB  1 
ATOM   554  C CG  . ARG A 1 72  ? 12.407  1.819   -8.408  1.00 9.46  ? 94  ARG A CG  1 
ATOM   555  C CD  . ARG A 1 72  ? 12.812  1.858   -6.945  1.00 8.74  ? 94  ARG A CD  1 
ATOM   556  N NE  . ARG A 1 72  ? 14.032  2.612   -6.681  1.00 9.67  ? 94  ARG A NE  1 
ATOM   557  C CZ  . ARG A 1 72  ? 14.472  2.906   -5.459  1.00 10.10 ? 94  ARG A CZ  1 
ATOM   558  N NH1 . ARG A 1 72  ? 13.786  2.505   -4.398  1.00 10.17 ? 94  ARG A NH1 1 
ATOM   559  N NH2 . ARG A 1 72  ? 15.592  3.601   -5.293  1.00 9.44  ? 94  ARG A NH2 1 
ATOM   560  N N   . ILE A 1 73  ? 12.606  6.475   -8.118  1.00 11.34 ? 95  ILE A N   1 
ATOM   561  C CA  . ILE A 1 73  ? 13.166  7.754   -8.556  1.00 12.31 ? 95  ILE A CA  1 
ATOM   562  C C   . ILE A 1 73  ? 14.683  7.636   -8.743  1.00 13.15 ? 95  ILE A C   1 
ATOM   563  O O   . ILE A 1 73  ? 15.180  7.778   -9.857  1.00 12.94 ? 95  ILE A O   1 
ATOM   564  C CB  . ILE A 1 73  ? 12.787  8.914   -7.593  1.00 12.31 ? 95  ILE A CB  1 
ATOM   565  C CG1 . ILE A 1 73  ? 11.259  9.084   -7.548  1.00 11.85 ? 95  ILE A CG1 1 
ATOM   566  C CG2 . ILE A 1 73  ? 13.495  10.219  -8.005  1.00 12.01 ? 95  ILE A CG2 1 
ATOM   567  C CD1 . ILE A 1 73  ? 10.760  10.179  -6.635  1.00 10.75 ? 95  ILE A CD1 1 
ATOM   568  N N   . HIS A 1 74  ? 15.394  7.348   -7.649  1.00 14.38 ? 96  HIS A N   1 
ATOM   569  C CA  . HIS A 1 74  ? 16.852  7.181   -7.651  1.00 15.40 ? 96  HIS A CA  1 
ATOM   570  C C   . HIS A 1 74  ? 17.282  5.749   -8.017  1.00 15.76 ? 96  HIS A C   1 
ATOM   571  O O   . HIS A 1 74  ? 16.877  4.783   -7.359  1.00 15.60 ? 96  HIS A O   1 
ATOM   572  C CB  . HIS A 1 74  ? 17.446  7.585   -6.297  1.00 15.35 ? 96  HIS A CB  1 
ATOM   573  C CG  . HIS A 1 74  ? 16.991  8.922   -5.814  1.00 16.98 ? 96  HIS A CG  1 
ATOM   574  N ND1 . HIS A 1 74  ? 15.935  9.077   -4.939  1.00 19.45 ? 96  HIS A ND1 1 
ATOM   575  C CD2 . HIS A 1 74  ? 17.441  10.171  -6.083  1.00 18.93 ? 96  HIS A CD2 1 
ATOM   576  C CE1 . HIS A 1 74  ? 15.760  10.363  -4.682  1.00 20.07 ? 96  HIS A CE1 1 
ATOM   577  N NE2 . HIS A 1 74  ? 16.659  11.048  -5.367  1.00 20.21 ? 96  HIS A NE2 1 
ATOM   578  N N   . PRO A 1 75  ? 18.095  5.607   -9.081  1.00 16.39 ? 97  PRO A N   1 
ATOM   579  C CA  . PRO A 1 75  ? 18.602  4.276   -9.396  1.00 16.95 ? 97  PRO A CA  1 
ATOM   580  C C   . PRO A 1 75  ? 19.344  3.674   -8.198  1.00 17.42 ? 97  PRO A C   1 
ATOM   581  O O   . PRO A 1 75  ? 20.244  4.304   -7.648  1.00 17.80 ? 97  PRO A O   1 
ATOM   582  C CB  . PRO A 1 75  ? 19.548  4.516   -10.588 1.00 16.82 ? 97  PRO A CB  1 
ATOM   583  C CG  . PRO A 1 75  ? 19.644  6.001   -10.759 1.00 16.62 ? 97  PRO A CG  1 
ATOM   584  C CD  . PRO A 1 75  ? 18.438  6.591   -10.126 1.00 16.47 ? 97  PRO A CD  1 
ATOM   585  N N   . ASN A 1 76  ? 18.924  2.481   -7.787  1.00 17.73 ? 98  ASN A N   1 
ATOM   586  C CA  . ASN A 1 76  ? 19.554  1.749   -6.694  1.00 17.63 ? 98  ASN A CA  1 
ATOM   587  C C   . ASN A 1 76  ? 19.721  0.297   -7.104  1.00 17.86 ? 98  ASN A C   1 
ATOM   588  O O   . ASN A 1 76  ? 18.827  -0.295  -7.726  1.00 17.84 ? 98  ASN A O   1 
ATOM   589  C CB  . ASN A 1 76  ? 18.709  1.837   -5.422  1.00 17.67 ? 98  ASN A CB  1 
ATOM   590  C CG  . ASN A 1 76  ? 19.478  1.426   -4.168  1.00 17.32 ? 98  ASN A CG  1 
ATOM   591  O OD1 . ASN A 1 76  ? 20.150  0.398   -4.147  1.00 17.45 ? 98  ASN A OD1 1 
ATOM   592  N ND2 . ASN A 1 76  ? 19.371  2.231   -3.114  1.00 16.45 ? 98  ASN A ND2 1 
ATOM   593  N N   . ALA A 1 77  ? 20.871  -0.270  -6.748  1.00 17.82 ? 99  ALA A N   1 
ATOM   594  C CA  . ALA A 1 77  ? 21.236  -1.617  -7.160  1.00 17.79 ? 99  ALA A CA  1 
ATOM   595  C C   . ALA A 1 77  ? 20.330  -2.693  -6.560  1.00 17.80 ? 99  ALA A C   1 
ATOM   596  O O   . ALA A 1 77  ? 19.996  -3.674  -7.226  1.00 17.87 ? 99  ALA A O   1 
ATOM   597  C CB  . ALA A 1 77  ? 22.692  -1.884  -6.819  1.00 17.98 ? 99  ALA A CB  1 
ATOM   598  N N   . ILE A 1 78  ? 19.922  -2.501  -5.311  1.00 17.82 ? 100 ILE A N   1 
ATOM   599  C CA  . ILE A 1 78  ? 19.108  -3.504  -4.613  1.00 17.97 ? 100 ILE A CA  1 
ATOM   600  C C   . ILE A 1 78  ? 17.581  -3.249  -4.668  1.00 17.85 ? 100 ILE A C   1 
ATOM   601  O O   . ILE A 1 78  ? 16.808  -3.995  -4.062  1.00 17.93 ? 100 ILE A O   1 
ATOM   602  C CB  . ILE A 1 78  ? 19.602  -3.741  -3.153  1.00 17.89 ? 100 ILE A CB  1 
ATOM   603  C CG1 . ILE A 1 78  ? 19.553  -2.450  -2.330  1.00 17.60 ? 100 ILE A CG1 1 
ATOM   604  C CG2 . ILE A 1 78  ? 21.002  -4.328  -3.171  1.00 18.01 ? 100 ILE A CG2 1 
ATOM   605  C CD1 . ILE A 1 78  ? 19.802  -2.651  -0.832  1.00 18.45 ? 100 ILE A CD1 1 
ATOM   606  N N   . CYS A 1 79  ? 17.168  -2.210  -5.398  1.00 17.42 ? 101 CYS A N   1 
ATOM   607  C CA  . CYS A 1 79  ? 15.754  -1.896  -5.601  1.00 16.95 ? 101 CYS A CA  1 
ATOM   608  C C   . CYS A 1 79  ? 15.419  -1.903  -7.087  1.00 17.24 ? 101 CYS A C   1 
ATOM   609  O O   . CYS A 1 79  ? 15.959  -1.110  -7.860  1.00 16.97 ? 101 CYS A O   1 
ATOM   610  C CB  . CYS A 1 79  ? 15.390  -0.533  -4.997  1.00 16.69 ? 101 CYS A CB  1 
ATOM   611  S SG  . CYS A 1 79  ? 15.739  -0.353  -3.242  1.00 15.05 ? 101 CYS A SG  1 
ATOM   612  N N   . ALA A 1 80  ? 14.531  -2.813  -7.482  1.00 17.83 ? 102 ALA A N   1 
ATOM   613  C CA  . ALA A 1 80  ? 14.082  -2.937  -8.876  1.00 18.47 ? 102 ALA A CA  1 
ATOM   614  C C   . ALA A 1 80  ? 15.227  -2.905  -9.922  1.00 18.82 ? 102 ALA A C   1 
ATOM   615  O O   . ALA A 1 80  ? 14.997  -2.626  -11.106 1.00 19.11 ? 102 ALA A O   1 
ATOM   616  C CB  . ALA A 1 80  ? 13.004  -1.889  -9.185  1.00 18.17 ? 102 ALA A CB  1 
ATOM   617  N N   . ALA A 1 81  ? 16.443  -3.207  -9.464  1.00 19.15 ? 103 ALA A N   1 
ATOM   618  C CA  . ALA A 1 81  ? 17.644  -3.349  -10.305 1.00 19.57 ? 103 ALA A CA  1 
ATOM   619  C C   . ALA A 1 81  ? 18.008  -2.097  -11.110 1.00 19.72 ? 103 ALA A C   1 
ATOM   620  O O   . ALA A 1 81  ? 17.842  -2.075  -12.334 1.00 19.85 ? 103 ALA A O   1 
ATOM   621  C CB  . ALA A 1 81  ? 17.526  -4.582  -11.227 1.00 19.58 ? 103 ALA A CB  1 
ATOM   622  N N   . ASN A 1 82  ? 18.501  -1.069  -10.417 1.00 19.65 ? 104 ASN A N   1 
ATOM   623  C CA  . ASN A 1 82  ? 18.872  0.210   -11.042 1.00 19.94 ? 104 ASN A CA  1 
ATOM   624  C C   . ASN A 1 82  ? 17.849  0.856   -12.001 1.00 19.71 ? 104 ASN A C   1 
ATOM   625  O O   . ASN A 1 82  ? 18.156  1.857   -12.665 1.00 19.88 ? 104 ASN A O   1 
ATOM   626  C CB  . ASN A 1 82  ? 20.251  0.117   -11.708 1.00 20.27 ? 104 ASN A CB  1 
ATOM   627  C CG  . ASN A 1 82  ? 21.383  0.481   -10.758 1.00 21.60 ? 104 ASN A CG  1 
ATOM   628  O OD1 . ASN A 1 82  ? 21.201  1.243   -9.795  1.00 22.83 ? 104 ASN A OD1 1 
ATOM   629  N ND2 . ASN A 1 82  ? 22.562  -0.064  -11.023 1.00 22.55 ? 104 ASN A ND2 1 
ATOM   630  N N   . HIS A 1 83  ? 16.640  0.304   -12.064 1.00 19.26 ? 105 HIS A N   1 
ATOM   631  C CA  . HIS A 1 83  ? 15.587  0.906   -12.869 1.00 19.07 ? 105 HIS A CA  1 
ATOM   632  C C   . HIS A 1 83  ? 14.997  2.148   -12.185 1.00 18.61 ? 105 HIS A C   1 
ATOM   633  O O   . HIS A 1 83  ? 15.015  2.257   -10.957 1.00 18.47 ? 105 HIS A O   1 
ATOM   634  C CB  . HIS A 1 83  ? 14.496  -0.117  -13.188 1.00 19.28 ? 105 HIS A CB  1 
ATOM   635  C CG  . HIS A 1 83  ? 14.904  -1.143  -14.202 1.00 20.10 ? 105 HIS A CG  1 
ATOM   636  N ND1 . HIS A 1 83  ? 15.587  -2.295  -13.868 1.00 20.53 ? 105 HIS A ND1 1 
ATOM   637  C CD2 . HIS A 1 83  ? 14.714  -1.194  -15.543 1.00 20.25 ? 105 HIS A CD2 1 
ATOM   638  C CE1 . HIS A 1 83  ? 15.799  -3.012  -14.958 1.00 20.38 ? 105 HIS A CE1 1 
ATOM   639  N NE2 . HIS A 1 83  ? 15.276  -2.367  -15.988 1.00 20.33 ? 105 HIS A NE2 1 
ATOM   640  N N   . THR A 1 84  ? 14.523  3.092   -13.002 1.00 18.09 ? 106 THR A N   1 
ATOM   641  C CA  . THR A 1 84  ? 13.777  4.266   -12.540 1.00 17.27 ? 106 THR A CA  1 
ATOM   642  C C   . THR A 1 84  ? 12.419  4.273   -13.222 1.00 17.00 ? 106 THR A C   1 
ATOM   643  O O   . THR A 1 84  ? 12.190  3.537   -14.178 1.00 16.85 ? 106 THR A O   1 
ATOM   644  C CB  . THR A 1 84  ? 14.491  5.620   -12.843 1.00 17.24 ? 106 THR A CB  1 
ATOM   645  O OG1 . THR A 1 84  ? 14.375  5.936   -14.238 1.00 16.83 ? 106 THR A OG1 1 
ATOM   646  C CG2 . THR A 1 84  ? 15.945  5.583   -12.431 1.00 16.59 ? 106 THR A CG2 1 
ATOM   647  N N   . GLY A 1 85  ? 11.527  5.123   -12.734 1.00 16.81 ? 107 GLY A N   1 
ATOM   648  C CA  . GLY A 1 85  ? 10.147  5.125   -13.183 1.00 16.58 ? 107 GLY A CA  1 
ATOM   649  C C   . GLY A 1 85  ? 9.415   3.968   -12.539 1.00 16.55 ? 107 GLY A C   1 
ATOM   650  O O   . GLY A 1 85  ? 9.916   3.344   -11.597 1.00 16.22 ? 107 GLY A O   1 
ATOM   651  N N   . VAL A 1 86  ? 8.227   3.675   -13.052 1.00 16.70 ? 108 VAL A N   1 
ATOM   652  C CA  . VAL A 1 86  ? 7.442   2.563   -12.533 1.00 16.97 ? 108 VAL A CA  1 
ATOM   653  C C   . VAL A 1 86  ? 7.979   1.246   -13.096 1.00 16.96 ? 108 VAL A C   1 
ATOM   654  O O   . VAL A 1 86  ? 7.875   0.982   -14.301 1.00 16.78 ? 108 VAL A O   1 
ATOM   655  C CB  . VAL A 1 86  ? 5.936   2.718   -12.830 1.00 16.86 ? 108 VAL A CB  1 
ATOM   656  C CG1 . VAL A 1 86  ? 5.135   1.719   -12.009 1.00 17.21 ? 108 VAL A CG1 1 
ATOM   657  C CG2 . VAL A 1 86  ? 5.484   4.125   -12.504 1.00 17.15 ? 108 VAL A CG2 1 
ATOM   658  N N   . TYR A 1 87  ? 8.572   0.444   -12.213 1.00 16.88 ? 109 TYR A N   1 
ATOM   659  C CA  . TYR A 1 87  ? 9.119   -0.848  -12.597 1.00 17.19 ? 109 TYR A CA  1 
ATOM   660  C C   . TYR A 1 87  ? 8.068   -1.965  -12.470 1.00 17.10 ? 109 TYR A C   1 
ATOM   661  O O   . TYR A 1 87  ? 7.495   -2.220  -11.395 1.00 17.23 ? 109 TYR A O   1 
ATOM   662  C CB  . TYR A 1 87  ? 10.394  -1.167  -11.804 1.00 17.32 ? 109 TYR A CB  1 
ATOM   663  C CG  . TYR A 1 87  ? 11.051  -2.482  -12.176 1.00 18.67 ? 109 TYR A CG  1 
ATOM   664  C CD1 . TYR A 1 87  ? 11.703  -2.640  -13.404 1.00 19.91 ? 109 TYR A CD1 1 
ATOM   665  C CD2 . TYR A 1 87  ? 11.026  -3.573  -11.297 1.00 20.53 ? 109 TYR A CD2 1 
ATOM   666  C CE1 . TYR A 1 87  ? 12.309  -3.852  -13.754 1.00 20.42 ? 109 TYR A CE1 1 
ATOM   667  C CE2 . TYR A 1 87  ? 11.640  -4.793  -11.633 1.00 21.47 ? 109 TYR A CE2 1 
ATOM   668  C CZ  . TYR A 1 87  ? 12.274  -4.922  -12.864 1.00 21.09 ? 109 TYR A CZ  1 
ATOM   669  O OH  . TYR A 1 87  ? 12.876  -6.114  -13.198 1.00 21.12 ? 109 TYR A OH  1 
ATOM   670  N N   . ILE A 1 88  ? 7.812   -2.619  -13.591 1.00 16.49 ? 110 ILE A N   1 
ATOM   671  C CA  . ILE A 1 88  ? 6.804   -3.641  -13.638 1.00 15.89 ? 110 ILE A CA  1 
ATOM   672  C C   . ILE A 1 88  ? 7.479   -4.991  -13.441 1.00 15.72 ? 110 ILE A C   1 
ATOM   673  O O   . ILE A 1 88  ? 8.464   -5.323  -14.116 1.00 15.78 ? 110 ILE A O   1 
ATOM   674  C CB  . ILE A 1 88  ? 6.006   -3.570  -14.966 1.00 15.87 ? 110 ILE A CB  1 
ATOM   675  C CG1 . ILE A 1 88  ? 5.379   -2.185  -15.133 1.00 14.88 ? 110 ILE A CG1 1 
ATOM   676  C CG2 . ILE A 1 88  ? 4.922   -4.646  -15.019 1.00 16.19 ? 110 ILE A CG2 1 
ATOM   677  C CD1 . ILE A 1 88  ? 4.892   -1.906  -16.525 1.00 14.29 ? 110 ILE A CD1 1 
ATOM   678  N N   . LEU A 1 89  ? 6.961   -5.749  -12.480 1.00 15.35 ? 111 LEU A N   1 
ATOM   679  C CA  . LEU A 1 89  ? 7.384   -7.121  -12.285 1.00 14.78 ? 111 LEU A CA  1 
ATOM   680  C C   . LEU A 1 89  ? 6.795   -7.926  -13.423 1.00 14.29 ? 111 LEU A C   1 
ATOM   681  O O   . LEU A 1 89  ? 5.580   -7.908  -13.654 1.00 14.02 ? 111 LEU A O   1 
ATOM   682  C CB  . LEU A 1 89  ? 6.929   -7.659  -10.924 1.00 15.04 ? 111 LEU A CB  1 
ATOM   683  C CG  . LEU A 1 89  ? 7.356   -9.088  -10.534 1.00 15.75 ? 111 LEU A CG  1 
ATOM   684  C CD1 . LEU A 1 89  ? 8.810   -9.389  -10.927 1.00 16.82 ? 111 LEU A CD1 1 
ATOM   685  C CD2 . LEU A 1 89  ? 7.135   -9.355  -9.045  1.00 15.30 ? 111 LEU A CD2 1 
ATOM   686  N N   . VAL A 1 90  ? 7.677   -8.607  -14.148 1.00 13.88 ? 112 VAL A N   1 
ATOM   687  C CA  . VAL A 1 90  ? 7.287   -9.337  -15.347 1.00 13.46 ? 112 VAL A CA  1 
ATOM   688  C C   . VAL A 1 90  ? 7.125   -10.827 -15.042 1.00 13.38 ? 112 VAL A C   1 
ATOM   689  O O   . VAL A 1 90  ? 6.090   -11.425 -15.365 1.00 13.10 ? 112 VAL A O   1 
ATOM   690  C CB  . VAL A 1 90  ? 8.277   -9.071  -16.512 1.00 13.30 ? 112 VAL A CB  1 
ATOM   691  C CG1 . VAL A 1 90  ? 8.106   -10.089 -17.641 1.00 12.95 ? 112 VAL A CG1 1 
ATOM   692  C CG2 . VAL A 1 90  ? 8.103   -7.642  -17.042 1.00 13.00 ? 112 VAL A CG2 1 
ATOM   693  N N   . THR A 1 91  ? 8.132   -11.396 -14.381 1.00 13.16 ? 113 THR A N   1 
ATOM   694  C CA  . THR A 1 91  ? 8.180   -12.824 -14.091 1.00 12.89 ? 113 THR A CA  1 
ATOM   695  C C   . THR A 1 91  ? 8.279   -13.095 -12.586 1.00 12.70 ? 113 THR A C   1 
ATOM   696  O O   . THR A 1 91  ? 9.113   -12.523 -11.887 1.00 12.53 ? 113 THR A O   1 
ATOM   697  C CB  . THR A 1 91  ? 9.353   -13.487 -14.844 1.00 12.90 ? 113 THR A CB  1 
ATOM   698  O OG1 . THR A 1 91  ? 9.516   -12.854 -16.118 1.00 13.19 ? 113 THR A OG1 1 
ATOM   699  C CG2 . THR A 1 91  ? 9.095   -14.965 -15.068 1.00 12.66 ? 113 THR A CG2 1 
ATOM   700  N N   . SER A 1 92  ? 7.409   -13.971 -12.094 1.00 12.74 ? 114 SER A N   1 
ATOM   701  C CA  . SER A 1 92  ? 7.393   -14.347 -10.681 1.00 12.70 ? 114 SER A CA  1 
ATOM   702  C C   . SER A 1 92  ? 6.533   -15.591 -10.464 1.00 12.77 ? 114 SER A C   1 
ATOM   703  O O   . SER A 1 92  ? 5.425   -15.685 -11.013 1.00 13.10 ? 114 SER A O   1 
ATOM   704  C CB  . SER A 1 92  ? 6.859   -13.202 -9.827  1.00 12.58 ? 114 SER A CB  1 
ATOM   705  O OG  . SER A 1 92  ? 6.870   -13.538 -8.454  1.00 12.60 ? 114 SER A OG  1 
ATOM   706  N N   . ASN A 1 93  ? 7.056   -16.534 -9.676  1.00 12.28 ? 115 ASN A N   1 
ATOM   707  C CA  . ASN A 1 93  ? 6.353   -17.765 -9.315  1.00 11.95 ? 115 ASN A CA  1 
ATOM   708  C C   . ASN A 1 93  ? 5.129   -17.522 -8.411  1.00 11.85 ? 115 ASN A C   1 
ATOM   709  O O   . ASN A 1 93  ? 4.138   -18.275 -8.460  1.00 11.42 ? 115 ASN A O   1 
ATOM   710  C CB  . ASN A 1 93  ? 7.307   -18.695 -8.560  1.00 11.99 ? 115 ASN A CB  1 
ATOM   711  C CG  . ASN A 1 93  ? 8.199   -19.505 -9.470  1.00 12.57 ? 115 ASN A CG  1 
ATOM   712  O OD1 . ASN A 1 93  ? 7.893   -19.718 -10.641 1.00 13.75 ? 115 ASN A OD1 1 
ATOM   713  N ND2 . ASN A 1 93  ? 9.318   -19.976 -8.924  1.00 13.23 ? 115 ASN A ND2 1 
ATOM   714  N N   . THR A 1 94  ? 5.225   -16.452 -7.616  1.00 11.34 ? 116 THR A N   1 
ATOM   715  C CA  . THR A 1 94  ? 4.481   -16.265 -6.376  1.00 11.04 ? 116 THR A CA  1 
ATOM   716  C C   . THR A 1 94  ? 3.431   -15.147 -6.435  1.00 11.18 ? 116 THR A C   1 
ATOM   717  O O   . THR A 1 94  ? 3.519   -14.249 -7.268  1.00 11.06 ? 116 THR A O   1 
ATOM   718  C CB  . THR A 1 94  ? 5.464   -15.880 -5.286  1.00 11.14 ? 116 THR A CB  1 
ATOM   719  O OG1 . THR A 1 94  ? 6.082   -14.637 -5.647  1.00 11.49 ? 116 THR A OG1 1 
ATOM   720  C CG2 . THR A 1 94  ? 6.540   -16.944 -5.116  1.00 10.37 ? 116 THR A CG2 1 
ATOM   721  N N   . SER A 1 95  ? 2.464   -15.178 -5.516  1.00 11.25 ? 117 SER A N   1 
ATOM   722  C CA  . SER A 1 95  ? 1.323   -14.248 -5.565  1.00 11.24 ? 117 SER A CA  1 
ATOM   723  C C   . SER A 1 95  ? 1.322   -13.142 -4.522  1.00 11.51 ? 117 SER A C   1 
ATOM   724  O O   . SER A 1 95  ? 0.839   -12.039 -4.783  1.00 11.90 ? 117 SER A O   1 
ATOM   725  C CB  . SER A 1 95  ? -0.012  -14.999 -5.507  1.00 11.14 ? 117 SER A CB  1 
ATOM   726  O OG  . SER A 1 95  ? -0.004  -16.007 -4.522  1.00 10.63 ? 117 SER A OG  1 
ATOM   727  N N   . HIS A 1 96  ? 1.834   -13.428 -3.333  1.00 11.50 ? 118 HIS A N   1 
ATOM   728  C CA  . HIS A 1 96  ? 1.727   -12.459 -2.251  1.00 11.40 ? 118 HIS A CA  1 
ATOM   729  C C   . HIS A 1 96  ? 2.836   -11.396 -2.285  1.00 11.34 ? 118 HIS A C   1 
ATOM   730  O O   . HIS A 1 96  ? 4.035   -11.710 -2.358  1.00 11.41 ? 118 HIS A O   1 
ATOM   731  C CB  . HIS A 1 96  ? 1.556   -13.162 -0.898  1.00 11.25 ? 118 HIS A CB  1 
ATOM   732  C CG  . HIS A 1 96  ? 0.225   -13.851 -0.743  1.00 12.30 ? 118 HIS A CG  1 
ATOM   733  N ND1 . HIS A 1 96  ? -0.255  -14.773 -1.654  1.00 12.16 ? 118 HIS A ND1 1 
ATOM   734  C CD2 . HIS A 1 96  ? -0.729  -13.748 0.216   1.00 12.51 ? 118 HIS A CD2 1 
ATOM   735  C CE1 . HIS A 1 96  ? -1.442  -15.204 -1.265  1.00 11.22 ? 118 HIS A CE1 1 
ATOM   736  N NE2 . HIS A 1 96  ? -1.753  -14.600 -0.131  1.00 11.82 ? 118 HIS A NE2 1 
ATOM   737  N N   . TYR A 1 97  ? 2.398   -10.137 -2.306  1.00 11.00 ? 119 TYR A N   1 
ATOM   738  C CA  . TYR A 1 97  ? 3.280   -8.974  -2.260  1.00 10.69 ? 119 TYR A CA  1 
ATOM   739  C C   . TYR A 1 97  ? 2.706   -7.964  -1.261  1.00 10.96 ? 119 TYR A C   1 
ATOM   740  O O   . TYR A 1 97  ? 1.860   -8.312  -0.431  1.00 11.07 ? 119 TYR A O   1 
ATOM   741  C CB  . TYR A 1 97  ? 3.413   -8.329  -3.650  1.00 10.28 ? 119 TYR A CB  1 
ATOM   742  C CG  . TYR A 1 97  ? 3.884   -9.274  -4.741  1.00 9.44  ? 119 TYR A CG  1 
ATOM   743  C CD1 . TYR A 1 97  ? 5.255   -9.464  -4.991  1.00 8.09  ? 119 TYR A CD1 1 
ATOM   744  C CD2 . TYR A 1 97  ? 2.962   -9.976  -5.532  1.00 7.29  ? 119 TYR A CD2 1 
ATOM   745  C CE1 . TYR A 1 97  ? 5.690   -10.333 -5.990  1.00 5.80  ? 119 TYR A CE1 1 
ATOM   746  C CE2 . TYR A 1 97  ? 3.388   -10.850 -6.521  1.00 5.86  ? 119 TYR A CE2 1 
ATOM   747  C CZ  . TYR A 1 97  ? 4.751   -11.024 -6.744  1.00 5.23  ? 119 TYR A CZ  1 
ATOM   748  O OH  . TYR A 1 97  ? 5.172   -11.891 -7.720  1.00 2.09  ? 119 TYR A OH  1 
ATOM   749  N N   . ASP A 1 98  ? 3.179   -6.723  -1.330  1.00 10.90 ? 120 ASP A N   1 
ATOM   750  C CA  . ASP A 1 98  ? 2.514   -5.617  -0.657  1.00 11.04 ? 120 ASP A CA  1 
ATOM   751  C C   . ASP A 1 98  ? 1.428   -5.096  -1.614  1.00 10.94 ? 120 ASP A C   1 
ATOM   752  O O   . ASP A 1 98  ? 1.137   -5.720  -2.651  1.00 10.60 ? 120 ASP A O   1 
ATOM   753  C CB  . ASP A 1 98  ? 3.515   -4.496  -0.287  1.00 11.34 ? 120 ASP A CB  1 
ATOM   754  C CG  . ASP A 1 98  ? 4.672   -4.981  0.632   1.00 12.43 ? 120 ASP A CG  1 
ATOM   755  O OD1 . ASP A 1 98  ? 4.504   -5.992  1.371   1.00 14.28 ? 120 ASP A OD1 1 
ATOM   756  O OD2 . ASP A 1 98  ? 5.750   -4.330  0.624   1.00 11.01 ? 120 ASP A OD2 1 
ATOM   757  N N   . THR A 1 99  ? 0.825   -3.961  -1.260  1.00 10.75 ? 121 THR A N   1 
ATOM   758  C CA  . THR A 1 99  ? -0.136  -3.280  -2.136  1.00 10.34 ? 121 THR A CA  1 
ATOM   759  C C   . THR A 1 99  ? 0.105   -1.768  -2.153  1.00 10.09 ? 121 THR A C   1 
ATOM   760  O O   . THR A 1 99  ? 0.756   -1.221  -1.267  1.00 9.75  ? 121 THR A O   1 
ATOM   761  C CB  . THR A 1 99  ? -1.620  -3.600  -1.761  1.00 10.21 ? 121 THR A CB  1 
ATOM   762  O OG1 . THR A 1 99  ? -2.493  -3.103  -2.777  1.00 10.35 ? 121 THR A OG1 1 
ATOM   763  C CG2 . THR A 1 99  ? -2.018  -2.972  -0.433  1.00 10.40 ? 121 THR A CG2 1 
ATOM   764  N N   . TYR A 1 100 ? -0.396  -1.109  -3.190  1.00 9.97  ? 122 TYR A N   1 
ATOM   765  C CA  . TYR A 1 100 ? -0.503  0.340   -3.183  1.00 9.85  ? 122 TYR A CA  1 
ATOM   766  C C   . TYR A 1 100 ? -1.975  0.639   -3.140  1.00 9.63  ? 122 TYR A C   1 
ATOM   767  O O   . TYR A 1 100 ? -2.768  -0.145  -3.645  1.00 9.59  ? 122 TYR A O   1 
ATOM   768  C CB  . TYR A 1 100 ? 0.148   0.948   -4.427  1.00 9.86  ? 122 TYR A CB  1 
ATOM   769  C CG  . TYR A 1 100 ? 1.643   0.763   -4.428  1.00 9.98  ? 122 TYR A CG  1 
ATOM   770  C CD1 . TYR A 1 100 ? 2.489   1.753   -3.940  1.00 10.45 ? 122 TYR A CD1 1 
ATOM   771  C CD2 . TYR A 1 100 ? 2.212   -0.417  -4.887  1.00 10.59 ? 122 TYR A CD2 1 
ATOM   772  C CE1 . TYR A 1 100 ? 3.861   1.575   -3.925  1.00 10.71 ? 122 TYR A CE1 1 
ATOM   773  C CE2 . TYR A 1 100 ? 3.582   -0.605  -4.874  1.00 11.09 ? 122 TYR A CE2 1 
ATOM   774  C CZ  . TYR A 1 100 ? 4.401   0.391   -4.389  1.00 10.98 ? 122 TYR A CZ  1 
ATOM   775  O OH  . TYR A 1 100 ? 5.765   0.194   -4.379  1.00 10.91 ? 122 TYR A OH  1 
ATOM   776  N N   . CYS A 1 101 ? -2.344  1.738   -2.496  1.00 9.61  ? 123 CYS A N   1 
ATOM   777  C CA  . CYS A 1 101 ? -3.728  2.213   -2.545  1.00 9.78  ? 123 CYS A CA  1 
ATOM   778  C C   . CYS A 1 101 ? -3.782  3.649   -3.023  1.00 9.62  ? 123 CYS A C   1 
ATOM   779  O O   . CYS A 1 101 ? -2.754  4.307   -3.143  1.00 9.70  ? 123 CYS A O   1 
ATOM   780  C CB  . CYS A 1 101 ? -4.415  2.094   -1.185  1.00 9.98  ? 123 CYS A CB  1 
ATOM   781  S SG  . CYS A 1 101 ? -4.485  0.455   -0.509  1.00 9.51  ? 123 CYS A SG  1 
ATOM   782  N N   . PHE A 1 102 ? -4.983  4.130   -3.300  1.00 9.63  ? 124 PHE A N   1 
ATOM   783  C CA  . PHE A 1 102 ? -5.142  5.484   -3.779  1.00 10.10 ? 124 PHE A CA  1 
ATOM   784  C C   . PHE A 1 102 ? -6.351  6.122   -3.136  1.00 10.81 ? 124 PHE A C   1 
ATOM   785  O O   . PHE A 1 102 ? -7.465  5.635   -3.333  1.00 11.49 ? 124 PHE A O   1 
ATOM   786  C CB  . PHE A 1 102 ? -5.271  5.508   -5.304  1.00 9.41  ? 124 PHE A CB  1 
ATOM   787  C CG  . PHE A 1 102 ? -5.827  6.793   -5.844  1.00 8.65  ? 124 PHE A CG  1 
ATOM   788  C CD1 . PHE A 1 102 ? -5.083  7.972   -5.792  1.00 8.86  ? 124 PHE A CD1 1 
ATOM   789  C CD2 . PHE A 1 102 ? -7.094  6.835   -6.403  1.00 7.01  ? 124 PHE A CD2 1 
ATOM   790  C CE1 . PHE A 1 102 ? -5.600  9.166   -6.289  1.00 6.86  ? 124 PHE A CE1 1 
ATOM   791  C CE2 . PHE A 1 102 ? -7.610  8.019   -6.900  1.00 5.92  ? 124 PHE A CE2 1 
ATOM   792  C CZ  . PHE A 1 102 ? -6.862  9.181   -6.847  1.00 6.19  ? 124 PHE A CZ  1 
ATOM   793  N N   . ASN A 1 103 ? -6.132  7.189   -2.366  1.00 11.22 ? 125 ASN A N   1 
ATOM   794  C CA  . ASN A 1 103 ? -7.223  8.001   -1.835  1.00 12.26 ? 125 ASN A CA  1 
ATOM   795  C C   . ASN A 1 103 ? -7.372  9.294   -2.640  1.00 12.68 ? 125 ASN A C   1 
ATOM   796  O O   . ASN A 1 103 ? -6.416  10.071  -2.774  1.00 13.15 ? 125 ASN A O   1 
ATOM   797  C CB  . ASN A 1 103 ? -7.017  8.316   -0.348  1.00 12.37 ? 125 ASN A CB  1 
ATOM   798  C CG  . ASN A 1 103 ? -8.330  8.646   0.371   1.00 13.74 ? 125 ASN A CG  1 
ATOM   799  O OD1 . ASN A 1 103 ? -8.338  9.335   1.389   1.00 15.28 ? 125 ASN A OD1 1 
ATOM   800  N ND2 . ASN A 1 103 ? -9.442  8.147   -0.160  1.00 14.85 ? 125 ASN A ND2 1 
ATOM   801  N N   . ALA A 1 104 ? -8.559  9.522   -3.187  1.00 12.80 ? 126 ALA A N   1 
ATOM   802  C CA  . ALA A 1 104 ? -8.768  10.686  -4.049  1.00 13.31 ? 126 ALA A CA  1 
ATOM   803  C C   . ALA A 1 104 ? -8.915  11.986  -3.249  1.00 13.55 ? 126 ALA A C   1 
ATOM   804  O O   . ALA A 1 104 ? -8.614  13.069  -3.763  1.00 13.36 ? 126 ALA A O   1 
ATOM   805  C CB  . ALA A 1 104 ? -9.960  10.461  -4.989  1.00 13.30 ? 126 ALA A CB  1 
ATOM   806  N N   . SER A 1 105 ? -9.376  11.842  -1.999  1.00 13.83 ? 127 SER A N   1 
ATOM   807  C CA  . SER A 1 105 ? -9.467  12.904  -0.978  1.00 13.95 ? 127 SER A CA  1 
ATOM   808  C C   . SER A 1 105 ? -8.136  13.443  -0.464  1.00 13.80 ? 127 SER A C   1 
ATOM   809  O O   . SER A 1 105 ? -8.114  14.436  0.265   1.00 14.19 ? 127 SER A O   1 
ATOM   810  C CB  . SER A 1 105 ? -10.215 12.374  0.253   1.00 14.18 ? 127 SER A CB  1 
ATOM   811  O OG  . SER A 1 105 ? -11.590 12.682  0.194   1.00 14.96 ? 127 SER A OG  1 
ATOM   812  N N   . ALA A 1 106 ? -7.038  12.773  -0.800  1.00 13.51 ? 128 ALA A N   1 
ATOM   813  C CA  . ALA A 1 106 ? -5.712  13.154  -0.309  1.00 13.32 ? 128 ALA A CA  1 
ATOM   814  C C   . ALA A 1 106 ? -5.219  14.499  -0.900  1.00 13.15 ? 128 ALA A C   1 
ATOM   815  O O   . ALA A 1 106 ? -5.721  14.933  -1.939  1.00 13.25 ? 128 ALA A O   1 
ATOM   816  C CB  . ALA A 1 106 ? -4.726  12.027  -0.595  1.00 13.01 ? 128 ALA A CB  1 
ATOM   817  N N   . PRO A 1 107 ? -4.264  15.185  -0.225  1.00 13.02 ? 129 PRO A N   1 
ATOM   818  C CA  . PRO A 1 107 ? -3.632  16.331  -0.901  1.00 12.91 ? 129 PRO A CA  1 
ATOM   819  C C   . PRO A 1 107 ? -2.960  15.922  -2.213  1.00 12.97 ? 129 PRO A C   1 
ATOM   820  O O   . PRO A 1 107 ? -2.511  14.783  -2.343  1.00 12.92 ? 129 PRO A O   1 
ATOM   821  C CB  . PRO A 1 107 ? -2.595  16.823  0.122   1.00 12.86 ? 129 PRO A CB  1 
ATOM   822  C CG  . PRO A 1 107 ? -3.188  16.451  1.447   1.00 12.56 ? 129 PRO A CG  1 
ATOM   823  C CD  . PRO A 1 107 ? -3.915  15.138  1.212   1.00 13.03 ? 129 PRO A CD  1 
ATOM   824  N N   . PRO A 1 108 ? -2.900  16.850  -3.182  1.00 13.26 ? 130 PRO A N   1 
ATOM   825  C CA  . PRO A 1 108 ? -2.416  16.606  -4.543  1.00 13.44 ? 130 PRO A CA  1 
ATOM   826  C C   . PRO A 1 108 ? -0.927  16.278  -4.692  1.00 13.76 ? 130 PRO A C   1 
ATOM   827  O O   . PRO A 1 108 ? -0.530  15.748  -5.733  1.00 14.00 ? 130 PRO A O   1 
ATOM   828  C CB  . PRO A 1 108 ? -2.722  17.931  -5.254  1.00 13.69 ? 130 PRO A CB  1 
ATOM   829  C CG  . PRO A 1 108 ? -2.722  18.947  -4.156  1.00 13.38 ? 130 PRO A CG  1 
ATOM   830  C CD  . PRO A 1 108 ? -3.386  18.234  -3.027  1.00 13.25 ? 130 PRO A CD  1 
ATOM   831  N N   . GLU A 1 109 ? -0.110  16.602  -3.694  1.00 14.04 ? 131 GLU A N   1 
ATOM   832  C CA  . GLU A 1 109 ? 1.323   16.315  -3.773  1.00 14.52 ? 131 GLU A CA  1 
ATOM   833  C C   . GLU A 1 109 ? 1.823   15.454  -2.616  1.00 14.77 ? 131 GLU A C   1 
ATOM   834  O O   . GLU A 1 109 ? 1.189   14.445  -2.289  1.00 15.21 ? 131 GLU A O   1 
ATOM   835  C CB  . GLU A 1 109 ? 2.127   17.610  -3.902  1.00 14.69 ? 131 GLU A CB  1 
ATOM   836  C CG  . GLU A 1 109 ? 2.447   17.967  -5.330  1.00 15.10 ? 131 GLU A CG  1 
ATOM   837  C CD  . GLU A 1 109 ? 2.322   19.443  -5.622  1.00 16.66 ? 131 GLU A CD  1 
ATOM   838  O OE1 . GLU A 1 109 ? 2.021   20.233  -4.695  1.00 17.09 ? 131 GLU A OE1 1 
ATOM   839  O OE2 . GLU A 1 109 ? 2.515   19.807  -6.801  1.00 16.81 ? 131 GLU A OE2 1 
ATOM   840  N N   . GLU A 1 110 ? 2.956   15.832  -2.019  1.00 14.90 ? 132 GLU A N   1 
ATOM   841  C CA  . GLU A 1 110 ? 3.503   15.135  -0.849  1.00 15.15 ? 132 GLU A CA  1 
ATOM   842  C C   . GLU A 1 110 ? 2.605   15.320  0.362   1.00 14.84 ? 132 GLU A C   1 
ATOM   843  O O   . GLU A 1 110 ? 2.252   16.439  0.712   1.00 14.86 ? 132 GLU A O   1 
ATOM   844  C CB  . GLU A 1 110 ? 4.928   15.616  -0.532  1.00 15.44 ? 132 GLU A CB  1 
ATOM   845  C CG  . GLU A 1 110 ? 5.481   15.163  0.836   1.00 16.77 ? 132 GLU A CG  1 
ATOM   846  C CD  . GLU A 1 110 ? 6.986   14.942  0.815   1.00 18.84 ? 132 GLU A CD  1 
ATOM   847  O OE1 . GLU A 1 110 ? 7.463   14.306  -0.143  1.00 20.43 ? 132 GLU A OE1 1 
ATOM   848  O OE2 . GLU A 1 110 ? 7.698   15.387  1.746   1.00 18.89 ? 132 GLU A OE2 1 
ATOM   849  N N   . ASP A 1 111 ? 2.216   14.210  0.977   1.00 14.82 ? 133 ASP A N   1 
ATOM   850  C CA  . ASP A 1 111 ? 1.489   14.240  2.237   1.00 14.75 ? 133 ASP A CA  1 
ATOM   851  C C   . ASP A 1 111 ? 2.186   13.290  3.178   1.00 14.73 ? 133 ASP A C   1 
ATOM   852  O O   . ASP A 1 111 ? 1.921   12.088  3.164   1.00 14.66 ? 133 ASP A O   1 
ATOM   853  C CB  . ASP A 1 111 ? 0.023   13.828  2.056   1.00 14.62 ? 133 ASP A CB  1 
ATOM   854  C CG  . ASP A 1 111 ? -0.774  13.877  3.361   1.00 15.06 ? 133 ASP A CG  1 
ATOM   855  O OD1 . ASP A 1 111 ? -0.337  14.573  4.300   1.00 14.47 ? 133 ASP A OD1 1 
ATOM   856  O OD2 . ASP A 1 111 ? -1.846  13.221  3.451   1.00 16.41 ? 133 ASP A OD2 1 
ATOM   857  N N   . CYS A 1 112 ? 3.098   13.832  3.976   1.00 14.77 ? 134 CYS A N   1 
ATOM   858  C CA  . CYS A 1 112 ? 3.813   13.032  4.969   1.00 14.82 ? 134 CYS A CA  1 
ATOM   859  C C   . CYS A 1 112 ? 3.284   13.245  6.393   1.00 15.20 ? 134 CYS A C   1 
ATOM   860  O O   . CYS A 1 112 ? 4.022   13.154  7.377   1.00 15.34 ? 134 CYS A O   1 
ATOM   861  C CB  . CYS A 1 112 ? 5.329   13.260  4.867   1.00 14.51 ? 134 CYS A CB  1 
ATOM   862  S SG  . CYS A 1 112 ? 6.054   12.493  3.402   1.00 13.04 ? 134 CYS A SG  1 
ATOM   863  N N   . THR A 1 113 ? 1.994   13.530  6.493   1.00 15.48 ? 135 THR A N   1 
ATOM   864  C CA  . THR A 1 113 ? 1.320   13.504  7.780   1.00 15.94 ? 135 THR A CA  1 
ATOM   865  C C   . THR A 1 113 ? 0.975   12.043  8.129   1.00 16.36 ? 135 THR A C   1 
ATOM   866  O O   . THR A 1 113 ? 0.902   11.188  7.239   1.00 16.32 ? 135 THR A O   1 
ATOM   867  C CB  . THR A 1 113 ? 0.054   14.392  7.779   1.00 15.80 ? 135 THR A CB  1 
ATOM   868  O OG1 . THR A 1 113 ? -0.814  13.979  6.722   1.00 15.72 ? 135 THR A OG1 1 
ATOM   869  C CG2 . THR A 1 113 ? 0.418   15.864  7.590   1.00 14.83 ? 135 THR A CG2 1 
ATOM   870  N N   A SER A 1 114 ? 0.773   11.770  9.417   0.50 16.65 ? 136 SER A N   1 
ATOM   871  N N   B SER A 1 114 ? 0.767   11.772  9.416   0.50 16.62 ? 136 SER A N   1 
ATOM   872  C CA  A SER A 1 114 ? 0.468   10.421  9.896   0.50 16.98 ? 136 SER A CA  1 
ATOM   873  C CA  B SER A 1 114 ? 0.463   10.422  9.890   0.50 16.92 ? 136 SER A CA  1 
ATOM   874  C C   A SER A 1 114 ? -0.963  10.022  9.553   0.50 17.21 ? 136 SER A C   1 
ATOM   875  C C   B SER A 1 114 ? -0.968  10.021  9.556   0.50 17.18 ? 136 SER A C   1 
ATOM   876  O O   A SER A 1 114 ? -1.854  10.867  9.500   0.50 17.06 ? 136 SER A O   1 
ATOM   877  O O   B SER A 1 114 ? -1.863  10.864  9.513   0.50 17.03 ? 136 SER A O   1 
ATOM   878  C CB  A SER A 1 114 ? 0.689   10.314  11.409  0.50 16.89 ? 136 SER A CB  1 
ATOM   879  C CB  B SER A 1 114 ? 0.701   10.313  11.397  0.50 16.82 ? 136 SER A CB  1 
ATOM   880  O OG  A SER A 1 114 ? 2.023   10.637  11.771  0.50 17.22 ? 136 SER A OG  1 
ATOM   881  O OG  B SER A 1 114 ? -0.040  11.294  12.104  0.50 16.90 ? 136 SER A OG  1 
ATOM   882  N N   . VAL A 1 115 ? -1.163  8.729   9.307   1.00 17.64 ? 137 VAL A N   1 
ATOM   883  C CA  . VAL A 1 115 ? -2.493  8.165   9.085   1.00 18.53 ? 137 VAL A CA  1 
ATOM   884  C C   . VAL A 1 115 ? -3.002  7.605   10.415  1.00 19.38 ? 137 VAL A C   1 
ATOM   885  O O   . VAL A 1 115 ? -2.382  6.704   10.995  1.00 19.68 ? 137 VAL A O   1 
ATOM   886  C CB  . VAL A 1 115 ? -2.502  7.080   7.989   1.00 18.31 ? 137 VAL A CB  1 
ATOM   887  C CG1 . VAL A 1 115 ? -3.867  6.428   7.906   1.00 18.33 ? 137 VAL A CG1 1 
ATOM   888  C CG2 . VAL A 1 115 ? -2.144  7.691   6.645   1.00 18.58 ? 137 VAL A CG2 1 
ATOM   889  N N   . THR A 1 116 ? -4.128  8.151   10.880  1.00 20.11 ? 138 THR A N   1 
ATOM   890  C CA  . THR A 1 116 ? -4.673  7.863   12.208  1.00 20.77 ? 138 THR A CA  1 
ATOM   891  C C   . THR A 1 116 ? -5.944  6.999   12.221  1.00 20.90 ? 138 THR A C   1 
ATOM   892  O O   . THR A 1 116 ? -6.545  6.804   13.290  1.00 21.47 ? 138 THR A O   1 
ATOM   893  C CB  . THR A 1 116 ? -4.950  9.175   12.994  1.00 21.01 ? 138 THR A CB  1 
ATOM   894  O OG1 . THR A 1 116 ? -5.417  10.193  12.094  1.00 20.81 ? 138 THR A OG1 1 
ATOM   895  C CG2 . THR A 1 116 ? -3.681  9.654   13.723  1.00 21.59 ? 138 THR A CG2 1 
ATOM   896  N N   . ASP A 1 117 ? -6.357  6.497   11.056  1.00 20.64 ? 139 ASP A N   1 
ATOM   897  C CA  . ASP A 1 117 ? -7.562  5.660   10.956  1.00 20.52 ? 139 ASP A CA  1 
ATOM   898  C C   . ASP A 1 117 ? -7.607  4.793   9.698   1.00 20.10 ? 139 ASP A C   1 
ATOM   899  O O   . ASP A 1 117 ? -6.940  5.076   8.694   1.00 20.51 ? 139 ASP A O   1 
ATOM   900  C CB  . ASP A 1 117 ? -8.853  6.504   11.055  1.00 20.86 ? 139 ASP A CB  1 
ATOM   901  C CG  . ASP A 1 117 ? -10.109 5.655   11.405  1.00 21.58 ? 139 ASP A CG  1 
ATOM   902  O OD1 . ASP A 1 117 ? -9.972  4.478   11.843  1.00 21.77 ? 139 ASP A OD1 1 
ATOM   903  O OD2 . ASP A 1 117 ? -11.238 6.179   11.243  1.00 20.35 ? 139 ASP A OD2 1 
ATOM   904  N N   . LEU A 1 118 ? -8.397  3.726   9.793   1.00 19.11 ? 140 LEU A N   1 
ATOM   905  C CA  . LEU A 1 118 ? -8.752  2.860   8.681   1.00 18.07 ? 140 LEU A CA  1 
ATOM   906  C C   . LEU A 1 118 ? -10.250 3.080   8.571   1.00 17.64 ? 140 LEU A C   1 
ATOM   907  O O   . LEU A 1 118 ? -11.047 2.231   8.998   1.00 17.46 ? 140 LEU A O   1 
ATOM   908  C CB  . LEU A 1 118 ? -8.437  1.410   9.050   1.00 17.87 ? 140 LEU A CB  1 
ATOM   909  C CG  . LEU A 1 118 ? -8.608  0.255   8.078   1.00 17.42 ? 140 LEU A CG  1 
ATOM   910  C CD1 . LEU A 1 118 ? -7.629  0.382   6.938   1.00 17.93 ? 140 LEU A CD1 1 
ATOM   911  C CD2 . LEU A 1 118 ? -8.397  -1.054  8.815   1.00 16.18 ? 140 LEU A CD2 1 
ATOM   912  N N   . PRO A 1 119 ? -10.644 4.242   8.003   1.00 17.12 ? 141 PRO A N   1 
ATOM   913  C CA  . PRO A 1 119 ? -12.004 4.781   8.187   1.00 16.53 ? 141 PRO A CA  1 
ATOM   914  C C   . PRO A 1 119 ? -13.144 3.837   7.799   1.00 15.97 ? 141 PRO A C   1 
ATOM   915  O O   . PRO A 1 119 ? -14.278 4.053   8.227   1.00 15.79 ? 141 PRO A O   1 
ATOM   916  C CB  . PRO A 1 119 ? -12.016 6.048   7.323   1.00 16.35 ? 141 PRO A CB  1 
ATOM   917  C CG  . PRO A 1 119 ? -10.840 5.939   6.423   1.00 16.75 ? 141 PRO A CG  1 
ATOM   918  C CD  . PRO A 1 119 ? -9.838  5.057   7.074   1.00 16.91 ? 141 PRO A CD  1 
ATOM   919  N N   . ASN A 1 120 ? -12.836 2.786   7.038   1.00 15.49 ? 142 ASN A N   1 
ATOM   920  C CA  . ASN A 1 120 ? -13.869 1.918   6.472   1.00 15.31 ? 142 ASN A CA  1 
ATOM   921  C C   . ASN A 1 120 ? -13.669 0.418   6.714   1.00 14.81 ? 142 ASN A C   1 
ATOM   922  O O   . ASN A 1 120 ? -14.201 -0.415  5.985   1.00 14.70 ? 142 ASN A O   1 
ATOM   923  C CB  . ASN A 1 120 ? -14.046 2.205   4.974   1.00 15.56 ? 142 ASN A CB  1 
ATOM   924  C CG  . ASN A 1 120 ? -15.363 1.697   4.442   1.00 16.79 ? 142 ASN A CG  1 
ATOM   925  O OD1 . ASN A 1 120 ? -16.434 2.013   4.981   1.00 19.48 ? 142 ASN A OD1 1 
ATOM   926  N ND2 . ASN A 1 120 ? -15.300 0.881   3.397   1.00 16.92 ? 142 ASN A ND2 1 
ATOM   927  N N   . SER A 1 121 ? -12.893 0.073   7.733   1.00 14.44 ? 143 SER A N   1 
ATOM   928  C CA  . SER A 1 121 ? -12.871 -1.294  8.211   1.00 14.11 ? 143 SER A CA  1 
ATOM   929  C C   . SER A 1 121 ? -14.213 -1.566  8.856   1.00 14.17 ? 143 SER A C   1 
ATOM   930  O O   . SER A 1 121 ? -14.882 -0.648  9.350   1.00 13.94 ? 143 SER A O   1 
ATOM   931  C CB  . SER A 1 121 ? -11.764 -1.503  9.229   1.00 13.87 ? 143 SER A CB  1 
ATOM   932  O OG  . SER A 1 121 ? -11.861 -0.561  10.279  1.00 14.80 ? 143 SER A OG  1 
ATOM   933  N N   . PHE A 1 122 ? -14.613 -2.830  8.834   1.00 14.36 ? 144 PHE A N   1 
ATOM   934  C CA  . PHE A 1 122 ? -15.863 -3.252  9.456   1.00 14.25 ? 144 PHE A CA  1 
ATOM   935  C C   . PHE A 1 122 ? -15.600 -4.094  10.696  1.00 13.89 ? 144 PHE A C   1 
ATOM   936  O O   . PHE A 1 122 ? -14.444 -4.283  11.084  1.00 13.96 ? 144 PHE A O   1 
ATOM   937  C CB  . PHE A 1 122 ? -16.780 -3.976  8.457   1.00 14.28 ? 144 PHE A CB  1 
ATOM   938  C CG  . PHE A 1 122 ? -16.119 -5.099  7.704   1.00 15.18 ? 144 PHE A CG  1 
ATOM   939  C CD1 . PHE A 1 122 ? -16.013 -6.371  8.272   1.00 15.72 ? 144 PHE A CD1 1 
ATOM   940  C CD2 . PHE A 1 122 ? -15.634 -4.891  6.402   1.00 16.21 ? 144 PHE A CD2 1 
ATOM   941  C CE1 . PHE A 1 122 ? -15.411 -7.426  7.556   1.00 17.20 ? 144 PHE A CE1 1 
ATOM   942  C CE2 . PHE A 1 122 ? -15.026 -5.930  5.675   1.00 16.36 ? 144 PHE A CE2 1 
ATOM   943  C CZ  . PHE A 1 122 ? -14.913 -7.203  6.250   1.00 17.12 ? 144 PHE A CZ  1 
ATOM   944  N N   . ASP A 1 123 ? -16.686 -4.586  11.295  1.00 13.56 ? 145 ASP A N   1 
ATOM   945  C CA  . ASP A 1 123 ? -16.696 -5.319  12.570  1.00 12.79 ? 145 ASP A CA  1 
ATOM   946  C C   . ASP A 1 123 ? -15.936 -6.645  12.472  1.00 12.35 ? 145 ASP A C   1 
ATOM   947  O O   . ASP A 1 123 ? -16.128 -7.422  11.521  1.00 12.11 ? 145 ASP A O   1 
ATOM   948  C CB  . ASP A 1 123 ? -18.157 -5.529  13.014  1.00 12.71 ? 145 ASP A CB  1 
ATOM   949  C CG  . ASP A 1 123 ? -18.287 -6.294  14.328  1.00 12.81 ? 145 ASP A CG  1 
ATOM   950  O OD1 . ASP A 1 123 ? -18.102 -5.679  15.395  1.00 11.94 ? 145 ASP A OD1 1 
ATOM   951  O OD2 . ASP A 1 123 ? -18.617 -7.505  14.291  1.00 13.90 ? 145 ASP A OD2 1 
ATOM   952  N N   . GLY A 1 124 ? -15.066 -6.879  13.453  1.00 11.82 ? 146 GLY A N   1 
ATOM   953  C CA  . GLY A 1 124 ? -14.240 -8.090  13.516  1.00 11.33 ? 146 GLY A CA  1 
ATOM   954  C C   . GLY A 1 124 ? -13.446 -8.141  14.813  1.00 11.06 ? 146 GLY A C   1 
ATOM   955  O O   . GLY A 1 124 ? -13.464 -7.167  15.573  1.00 11.21 ? 146 GLY A O   1 
ATOM   956  N N   . PRO A 1 125 ? -12.737 -9.266  15.081  1.00 10.78 ? 147 PRO A N   1 
ATOM   957  C CA  . PRO A 1 125 ? -12.037 -9.401  16.364  1.00 10.44 ? 147 PRO A CA  1 
ATOM   958  C C   . PRO A 1 125 ? -10.552 -9.020  16.306  1.00 10.35 ? 147 PRO A C   1 
ATOM   959  O O   . PRO A 1 125 ? -9.918  -8.856  17.349  1.00 10.62 ? 147 PRO A O   1 
ATOM   960  C CB  . PRO A 1 125 ? -12.192 -10.885 16.675  1.00 10.31 ? 147 PRO A CB  1 
ATOM   961  C CG  . PRO A 1 125 ? -12.307 -11.563 15.273  1.00 10.41 ? 147 PRO A CG  1 
ATOM   962  C CD  . PRO A 1 125 ? -12.569 -10.479 14.251  1.00 10.55 ? 147 PRO A CD  1 
ATOM   963  N N   . VAL A 1 126 ? -10.011 -8.866  15.100  1.00 10.10 ? 148 VAL A N   1 
ATOM   964  C CA  . VAL A 1 126 ? -8.596  -8.558  14.914  1.00 9.84  ? 148 VAL A CA  1 
ATOM   965  C C   . VAL A 1 126 ? -8.241  -7.189  15.468  1.00 9.69  ? 148 VAL A C   1 
ATOM   966  O O   . VAL A 1 126 ? -9.023  -6.245  15.331  1.00 10.28 ? 148 VAL A O   1 
ATOM   967  C CB  . VAL A 1 126 ? -8.219  -8.609  13.425  1.00 9.91  ? 148 VAL A CB  1 
ATOM   968  C CG1 . VAL A 1 126 ? -6.698  -8.588  13.242  1.00 9.81  ? 148 VAL A CG1 1 
ATOM   969  C CG2 . VAL A 1 126 ? -8.804  -9.859  12.791  1.00 9.96  ? 148 VAL A CG2 1 
ATOM   970  N N   . THR A 1 127 ? -7.082  -7.082  16.116  1.00 9.09  ? 149 THR A N   1 
ATOM   971  C CA  . THR A 1 127 ? -6.514  -5.769  16.427  1.00 8.49  ? 149 THR A CA  1 
ATOM   972  C C   . THR A 1 127 ? -5.778  -5.299  15.168  1.00 7.98  ? 149 THR A C   1 
ATOM   973  O O   . THR A 1 127 ? -4.851  -5.962  14.667  1.00 7.73  ? 149 THR A O   1 
ATOM   974  C CB  . THR A 1 127 ? -5.532  -5.806  17.634  1.00 8.94  ? 149 THR A CB  1 
ATOM   975  O OG1 . THR A 1 127 ? -6.173  -6.406  18.767  1.00 9.18  ? 149 THR A OG1 1 
ATOM   976  C CG2 . THR A 1 127 ? -5.041  -4.384  18.007  1.00 8.35  ? 149 THR A CG2 1 
ATOM   977  N N   . ILE A 1 128 ? -6.221  -4.174  14.628  1.00 7.08  ? 150 ILE A N   1 
ATOM   978  C CA  . ILE A 1 128 ? -5.590  -3.657  13.428  1.00 6.21  ? 150 ILE A CA  1 
ATOM   979  C C   . ILE A 1 128 ? -4.873  -2.373  13.808  1.00 5.98  ? 150 ILE A C   1 
ATOM   980  O O   . ILE A 1 128 ? -5.491  -1.403  14.258  1.00 5.86  ? 150 ILE A O   1 
ATOM   981  C CB  . ILE A 1 128 ? -6.593  -3.508  12.243  1.00 5.93  ? 150 ILE A CB  1 
ATOM   982  C CG1 . ILE A 1 128 ? -7.146  -4.881  11.860  1.00 5.16  ? 150 ILE A CG1 1 
ATOM   983  C CG2 . ILE A 1 128 ? -5.928  -2.857  11.035  1.00 4.56  ? 150 ILE A CG2 1 
ATOM   984  C CD1 . ILE A 1 128 ? -8.442  -4.830  11.088  1.00 5.57  ? 150 ILE A CD1 1 
ATOM   985  N N   . THR A 1 129 ? -3.553  -2.415  13.677  1.00 5.42  ? 151 THR A N   1 
ATOM   986  C CA  . THR A 1 129 ? -2.713  -1.304  14.076  1.00 5.20  ? 151 THR A CA  1 
ATOM   987  C C   . THR A 1 129 ? -2.157  -0.665  12.840  1.00 5.01  ? 151 THR A C   1 
ATOM   988  O O   . THR A 1 129 ? -1.367  -1.280  12.124  1.00 5.37  ? 151 THR A O   1 
ATOM   989  C CB  . THR A 1 129 ? -1.518  -1.749  14.988  1.00 5.16  ? 151 THR A CB  1 
ATOM   990  O OG1 . THR A 1 129 ? -2.010  -2.141  16.272  1.00 4.28  ? 151 THR A OG1 1 
ATOM   991  C CG2 . THR A 1 129 ? -0.527  -0.611  15.192  1.00 4.61  ? 151 THR A CG2 1 
ATOM   992  N N   . ILE A 1 130 ? -2.590  0.562   12.586  1.00 4.86  ? 152 ILE A N   1 
ATOM   993  C CA  . ILE A 1 130 ? -1.954  1.413   11.592  1.00 4.91  ? 152 ILE A CA  1 
ATOM   994  C C   . ILE A 1 130 ? -0.583  1.790   12.149  1.00 5.26  ? 152 ILE A C   1 
ATOM   995  O O   . ILE A 1 130 ? -0.483  2.378   13.240  1.00 5.01  ? 152 ILE A O   1 
ATOM   996  C CB  . ILE A 1 130 ? -2.766  2.716   11.316  1.00 4.85  ? 152 ILE A CB  1 
ATOM   997  C CG1 . ILE A 1 130 ? -4.279  2.442   11.189  1.00 4.61  ? 152 ILE A CG1 1 
ATOM   998  C CG2 . ILE A 1 130 ? -2.208  3.443   10.114  1.00 4.46  ? 152 ILE A CG2 1 
ATOM   999  C CD1 . ILE A 1 130 ? -4.730  1.933   9.842   1.00 4.87  ? 152 ILE A CD1 1 
ATOM   1000 N N   . VAL A 1 131 ? 0.467   1.434   11.415  1.00 5.71  ? 153 VAL A N   1 
ATOM   1001 C CA  . VAL A 1 131 ? 1.825   1.792   11.822  1.00 6.16  ? 153 VAL A CA  1 
ATOM   1002 C C   . VAL A 1 131 ? 2.435   2.798   10.853  1.00 6.53  ? 153 VAL A C   1 
ATOM   1003 O O   . VAL A 1 131 ? 2.597   2.504   9.666   1.00 6.95  ? 153 VAL A O   1 
ATOM   1004 C CB  . VAL A 1 131 ? 2.747   0.562   11.901  1.00 5.95  ? 153 VAL A CB  1 
ATOM   1005 C CG1 . VAL A 1 131 ? 4.078   0.954   12.525  1.00 5.61  ? 153 VAL A CG1 1 
ATOM   1006 C CG2 . VAL A 1 131 ? 2.099   -0.551  12.674  1.00 5.23  ? 153 VAL A CG2 1 
ATOM   1007 N N   . ASN A 1 132 ? 2.782   3.976   11.359  1.00 6.97  ? 154 ASN A N   1 
ATOM   1008 C CA  . ASN A 1 132 ? 3.390   5.024   10.528  1.00 7.66  ? 154 ASN A CA  1 
ATOM   1009 C C   . ASN A 1 132 ? 4.906   4.937   10.461  1.00 8.08  ? 154 ASN A C   1 
ATOM   1010 O O   . ASN A 1 132 ? 5.540   4.326   11.315  1.00 8.46  ? 154 ASN A O   1 
ATOM   1011 C CB  . ASN A 1 132 ? 2.949   6.415   11.001  1.00 7.39  ? 154 ASN A CB  1 
ATOM   1012 C CG  . ASN A 1 132 ? 1.461   6.642   10.810  1.00 7.45  ? 154 ASN A CG  1 
ATOM   1013 O OD1 . ASN A 1 132 ? 1.020   7.029   9.726   1.00 7.26  ? 154 ASN A OD1 1 
ATOM   1014 N ND2 . ASN A 1 132 ? 0.676   6.375   11.858  1.00 5.41  ? 154 ASN A ND2 1 
ATOM   1015 N N   . ARG A 1 133 ? 5.481   5.559   9.440   1.00 9.12  ? 155 ARG A N   1 
ATOM   1016 C CA  . ARG A 1 133 ? 6.936   5.596   9.273   1.00 9.85  ? 155 ARG A CA  1 
ATOM   1017 C C   . ARG A 1 133 ? 7.644   6.274   10.446  1.00 10.28 ? 155 ARG A C   1 
ATOM   1018 O O   . ARG A 1 133 ? 8.689   5.796   10.891  1.00 10.66 ? 155 ARG A O   1 
ATOM   1019 C CB  . ARG A 1 133 ? 7.320   6.235   7.929   1.00 9.92  ? 155 ARG A CB  1 
ATOM   1020 C CG  . ARG A 1 133 ? 8.785   6.082   7.504   1.00 10.37 ? 155 ARG A CG  1 
ATOM   1021 C CD  . ARG A 1 133 ? 9.277   4.640   7.503   1.00 10.98 ? 155 ARG A CD  1 
ATOM   1022 N NE  . ARG A 1 133 ? 9.571   4.153   8.854   1.00 11.99 ? 155 ARG A NE  1 
ATOM   1023 C CZ  . ARG A 1 133 ? 10.162  2.991   9.140   1.00 12.26 ? 155 ARG A CZ  1 
ATOM   1024 N NH1 . ARG A 1 133 ? 10.566  2.181   8.174   1.00 11.91 ? 155 ARG A NH1 1 
ATOM   1025 N NH2 . ARG A 1 133 ? 10.374  2.646   10.403  1.00 12.08 ? 155 ARG A NH2 1 
ATOM   1026 N N   . ASP A 1 134 ? 7.065   7.352   10.974  1.00 10.89 ? 156 ASP A N   1 
ATOM   1027 C CA  . ASP A 1 134 ? 7.640   8.020   12.148  1.00 11.43 ? 156 ASP A CA  1 
ATOM   1028 C C   . ASP A 1 134 ? 7.274   7.319   13.470  1.00 11.65 ? 156 ASP A C   1 
ATOM   1029 O O   . ASP A 1 134 ? 7.559   7.825   14.549  1.00 11.31 ? 156 ASP A O   1 
ATOM   1030 C CB  . ASP A 1 134 ? 7.286   9.520   12.170  1.00 11.43 ? 156 ASP A CB  1 
ATOM   1031 C CG  . ASP A 1 134 ? 5.845   9.788   12.574  1.00 12.49 ? 156 ASP A CG  1 
ATOM   1032 O OD1 . ASP A 1 134 ? 5.184   8.875   13.120  1.00 13.27 ? 156 ASP A OD1 1 
ATOM   1033 O OD2 . ASP A 1 134 ? 5.370   10.928  12.353  1.00 13.79 ? 156 ASP A OD2 1 
ATOM   1034 N N   . GLY A 1 135 ? 6.624   6.164   13.372  1.00 12.32 ? 157 GLY A N   1 
ATOM   1035 C CA  . GLY A 1 135 ? 6.362   5.321   14.537  1.00 13.04 ? 157 GLY A CA  1 
ATOM   1036 C C   . GLY A 1 135 ? 5.014   5.478   15.222  1.00 13.64 ? 157 GLY A C   1 
ATOM   1037 O O   . GLY A 1 135 ? 4.616   4.609   16.009  1.00 14.00 ? 157 GLY A O   1 
ATOM   1038 N N   . THR A 1 136 ? 4.303   6.568   14.939  1.00 13.72 ? 158 THR A N   1 
ATOM   1039 C CA  . THR A 1 136 ? 3.004   6.791   15.568  1.00 14.36 ? 158 THR A CA  1 
ATOM   1040 C C   . THR A 1 136 ? 1.970   5.725   15.185  1.00 14.70 ? 158 THR A C   1 
ATOM   1041 O O   . THR A 1 136 ? 1.999   5.180   14.077  1.00 14.84 ? 158 THR A O   1 
ATOM   1042 C CB  . THR A 1 136 ? 2.464   8.211   15.314  1.00 14.24 ? 158 THR A CB  1 
ATOM   1043 O OG1 . THR A 1 136 ? 2.478   8.490   13.919  1.00 14.54 ? 158 THR A OG1 1 
ATOM   1044 C CG2 . THR A 1 136 ? 3.349   9.210   15.976  1.00 14.57 ? 158 THR A CG2 1 
ATOM   1045 N N   . ARG A 1 137 ? 1.063   5.439   16.116  1.00 15.02 ? 159 ARG A N   1 
ATOM   1046 C CA  . ARG A 1 137 ? 0.151   4.303   15.997  1.00 15.45 ? 159 ARG A CA  1 
ATOM   1047 C C   . ARG A 1 137 ? -1.316  4.616   16.285  1.00 15.37 ? 159 ARG A C   1 
ATOM   1048 O O   . ARG A 1 137 ? -1.637  5.451   17.128  1.00 15.24 ? 159 ARG A O   1 
ATOM   1049 C CB  . ARG A 1 137 ? 0.618   3.160   16.913  1.00 15.74 ? 159 ARG A CB  1 
ATOM   1050 C CG  . ARG A 1 137 ? 1.637   2.243   16.256  1.00 16.50 ? 159 ARG A CG  1 
ATOM   1051 C CD  . ARG A 1 137 ? 2.325   1.309   17.227  1.00 16.48 ? 159 ARG A CD  1 
ATOM   1052 N NE  . ARG A 1 137 ? 3.593   0.864   16.652  1.00 17.53 ? 159 ARG A NE  1 
ATOM   1053 C CZ  . ARG A 1 137 ? 3.775   -0.317  16.067  1.00 19.06 ? 159 ARG A CZ  1 
ATOM   1054 N NH1 . ARG A 1 137 ? 2.773   -1.197  16.004  1.00 19.63 ? 159 ARG A NH1 1 
ATOM   1055 N NH2 . ARG A 1 137 ? 4.966   -0.628  15.558  1.00 18.66 ? 159 ARG A NH2 1 
ATOM   1056 N N   . ALA A 1 138 ? -2.196  3.924   15.565  1.00 15.54 ? 160 ALA A N   1 
ATOM   1057 C CA  . ALA A 1 138 ? -3.621  3.878   15.889  1.00 15.53 ? 160 ALA A CA  1 
ATOM   1058 C C   . ALA A 1 138 ? -4.094  2.427   15.822  1.00 15.46 ? 160 ALA A C   1 
ATOM   1059 O O   . ALA A 1 138 ? -3.893  1.729   14.827  1.00 15.30 ? 160 ALA A O   1 
ATOM   1060 C CB  . ALA A 1 138 ? -4.427  4.763   14.955  1.00 15.59 ? 160 ALA A CB  1 
ATOM   1061 N N   . SER A 1 139 ? -4.700  1.967   16.904  1.00 15.40 ? 161 SER A N   1 
ATOM   1062 C CA  . SER A 1 139 ? -5.191  0.606   16.956  1.00 15.25 ? 161 SER A CA  1 
ATOM   1063 C C   . SER A 1 139 ? -6.710  0.562   17.008  1.00 15.17 ? 161 SER A C   1 
ATOM   1064 O O   . SER A 1 139 ? -7.348  1.359   17.695  1.00 15.22 ? 161 SER A O   1 
ATOM   1065 C CB  . SER A 1 139 ? -4.593  -0.121  18.155  1.00 15.18 ? 161 SER A CB  1 
ATOM   1066 O OG  . SER A 1 139 ? -3.218  -0.338  17.943  1.00 15.09 ? 161 SER A OG  1 
ATOM   1067 N N   . LYS A 1 140 ? -7.287  -0.371  16.264  1.00 15.10 ? 162 LYS A N   1 
ATOM   1068 C CA  . LYS A 1 140 ? -8.721  -0.598  16.312  1.00 14.95 ? 162 LYS A CA  1 
ATOM   1069 C C   . LYS A 1 140 ? -9.010  -2.084  16.142  1.00 15.24 ? 162 LYS A C   1 
ATOM   1070 O O   . LYS A 1 140 ? -8.268  -2.823  15.484  1.00 15.21 ? 162 LYS A O   1 
ATOM   1071 C CB  . LYS A 1 140 ? -9.478  0.272   15.283  1.00 14.61 ? 162 LYS A CB  1 
ATOM   1072 C CG  . LYS A 1 140 ? -9.604  -0.305  13.862  1.00 13.91 ? 162 LYS A CG  1 
ATOM   1073 C CD  . LYS A 1 140 ? -10.163 0.714   12.866  1.00 12.97 ? 162 LYS A CD  1 
ATOM   1074 C CE  . LYS A 1 140 ? -11.665 1.030   13.089  1.00 11.19 ? 162 LYS A CE  1 
ATOM   1075 N NZ  . LYS A 1 140 ? -12.209 2.068   12.146  1.00 8.66  ? 162 LYS A NZ  1 
ATOM   1076 N N   . LYS A 1 141 ? -10.087 -2.506  16.783  1.00 15.65 ? 163 LYS A N   1 
ATOM   1077 C CA  . LYS A 1 141 ? -10.590 -3.855  16.681  1.00 15.94 ? 163 LYS A CA  1 
ATOM   1078 C C   . LYS A 1 141 ? -11.538 -3.900  15.464  1.00 15.86 ? 163 LYS A C   1 
ATOM   1079 O O   . LYS A 1 141 ? -12.548 -3.194  15.414  1.00 15.56 ? 163 LYS A O   1 
ATOM   1080 C CB  . LYS A 1 141 ? -11.309 -4.196  17.985  1.00 15.93 ? 163 LYS A CB  1 
ATOM   1081 C CG  . LYS A 1 141 ? -11.403 -5.658  18.327  1.00 17.39 ? 163 LYS A CG  1 
ATOM   1082 C CD  . LYS A 1 141 ? -12.417 -5.877  19.479  1.00 21.23 ? 163 LYS A CD  1 
ATOM   1083 C CE  . LYS A 1 141 ? -13.827 -5.270  19.176  1.00 21.26 ? 163 LYS A CE  1 
ATOM   1084 N NZ  . LYS A 1 141 ? -14.912 -5.903  19.981  1.00 20.04 ? 163 LYS A NZ  1 
ATOM   1085 N N   . GLY A 1 142 ? -11.185 -4.708  14.469  1.00 15.98 ? 164 GLY A N   1 
ATOM   1086 C CA  . GLY A 1 142 ? -11.983 -4.808  13.257  1.00 16.03 ? 164 GLY A CA  1 
ATOM   1087 C C   . GLY A 1 142 ? -11.577 -5.938  12.336  1.00 16.21 ? 164 GLY A C   1 
ATOM   1088 O O   . GLY A 1 142 ? -10.903 -6.888  12.753  1.00 16.17 ? 164 GLY A O   1 
ATOM   1089 N N   . GLU A 1 143 ? -12.007 -5.819  11.079  1.00 16.46 ? 165 GLU A N   1 
ATOM   1090 C CA  . GLU A 1 143 ? -11.729 -6.780  10.006  1.00 16.72 ? 165 GLU A CA  1 
ATOM   1091 C C   . GLU A 1 143 ? -11.799 -6.024  8.671   1.00 16.77 ? 165 GLU A C   1 
ATOM   1092 O O   . GLU A 1 143 ? -12.483 -5.006  8.577   1.00 16.80 ? 165 GLU A O   1 
ATOM   1093 C CB  . GLU A 1 143 ? -12.762 -7.917  10.054  1.00 16.87 ? 165 GLU A CB  1 
ATOM   1094 C CG  . GLU A 1 143 ? -12.636 -9.003  8.994   1.00 17.34 ? 165 GLU A CG  1 
ATOM   1095 C CD  . GLU A 1 143 ? -11.298 -9.710  9.043   1.00 19.68 ? 165 GLU A CD  1 
ATOM   1096 O OE1 . GLU A 1 143 ? -11.070 -10.513 9.983   1.00 19.86 ? 165 GLU A OE1 1 
ATOM   1097 O OE2 . GLU A 1 143 ? -10.471 -9.459  8.134   1.00 20.55 ? 165 GLU A OE2 1 
ATOM   1098 N N   . TYR A 1 144 ? -11.092 -6.502  7.650   1.00 16.91 ? 166 TYR A N   1 
ATOM   1099 C CA  . TYR A 1 144 ? -11.192 -5.908  6.306   1.00 17.04 ? 166 TYR A CA  1 
ATOM   1100 C C   . TYR A 1 144 ? -11.267 -6.959  5.181   1.00 17.48 ? 166 TYR A C   1 
ATOM   1101 O O   . TYR A 1 144 ? -11.717 -6.646  4.078   1.00 17.46 ? 166 TYR A O   1 
ATOM   1102 C CB  . TYR A 1 144 ? -10.059 -4.896  6.054   1.00 16.68 ? 166 TYR A CB  1 
ATOM   1103 C CG  . TYR A 1 144 ? -8.685  -5.520  6.061   1.00 16.14 ? 166 TYR A CG  1 
ATOM   1104 C CD1 . TYR A 1 144 ? -8.100  -5.977  4.880   1.00 16.15 ? 166 TYR A CD1 1 
ATOM   1105 C CD2 . TYR A 1 144 ? -7.980  -5.682  7.255   1.00 15.57 ? 166 TYR A CD2 1 
ATOM   1106 C CE1 . TYR A 1 144 ? -6.846  -6.580  4.892   1.00 16.43 ? 166 TYR A CE1 1 
ATOM   1107 C CE2 . TYR A 1 144 ? -6.732  -6.280  7.277   1.00 15.50 ? 166 TYR A CE2 1 
ATOM   1108 C CZ  . TYR A 1 144 ? -6.171  -6.724  6.096   1.00 16.08 ? 166 TYR A CZ  1 
ATOM   1109 O OH  . TYR A 1 144 ? -4.937  -7.315  6.122   1.00 17.17 ? 166 TYR A OH  1 
ATOM   1110 N N   . ARG A 1 145 ? -10.841 -8.192  5.479   1.00 18.32 ? 167 ARG A N   1 
ATOM   1111 C CA  . ARG A 1 145 ? -10.823 -9.331  4.523   1.00 19.18 ? 167 ARG A CA  1 
ATOM   1112 C C   . ARG A 1 145 ? -12.219 -9.930  4.224   1.00 19.82 ? 167 ARG A C   1 
ATOM   1113 O O   . ARG A 1 145 ? -12.877 -10.473 5.116   1.00 19.85 ? 167 ARG A O   1 
ATOM   1114 C CB  . ARG A 1 145 ? -9.895  -10.453 5.041   1.00 18.96 ? 167 ARG A CB  1 
ATOM   1115 C CG  . ARG A 1 145 ? -8.404  -10.113 5.150   1.00 18.88 ? 167 ARG A CG  1 
ATOM   1116 C CD  . ARG A 1 145 ? -7.657  -11.013 6.152   1.00 18.58 ? 167 ARG A CD  1 
ATOM   1117 N NE  . ARG A 1 145 ? -8.184  -10.861 7.512   1.00 19.80 ? 167 ARG A NE  1 
ATOM   1118 C CZ  . ARG A 1 145 ? -7.771  -11.533 8.587   1.00 19.86 ? 167 ARG A CZ  1 
ATOM   1119 N NH1 . ARG A 1 145 ? -6.797  -12.425 8.507   1.00 19.91 ? 167 ARG A NH1 1 
ATOM   1120 N NH2 . ARG A 1 145 ? -8.341  -11.307 9.763   1.00 19.60 ? 167 ARG A NH2 1 
ATOM   1121 N N   . THR A 1 146 ? -12.653 -9.863  2.969   1.00 20.75 ? 168 THR A N   1 
ATOM   1122 C CA  . THR A 1 146 ? -13.988 -10.365 2.605   1.00 21.85 ? 168 THR A CA  1 
ATOM   1123 C C   . THR A 1 146 ? -13.982 -11.715 1.873   1.00 22.69 ? 168 THR A C   1 
ATOM   1124 O O   . THR A 1 146 ? -15.043 -12.193 1.448   1.00 22.75 ? 168 THR A O   1 
ATOM   1125 C CB  . THR A 1 146 ? -14.789 -9.341  1.760   1.00 21.70 ? 168 THR A CB  1 
ATOM   1126 O OG1 . THR A 1 146 ? -14.142 -9.155  0.498   1.00 22.08 ? 168 THR A OG1 1 
ATOM   1127 C CG2 . THR A 1 146 ? -14.907 -8.001  2.472   1.00 21.70 ? 168 THR A CG2 1 
ATOM   1128 N N   . HIS A 1 147 ? -12.796 -12.311 1.722   1.00 23.70 ? 169 HIS A N   1 
ATOM   1129 C CA  . HIS A 1 147 ? -12.633 -13.597 1.028   1.00 24.57 ? 169 HIS A CA  1 
ATOM   1130 C C   . HIS A 1 147 ? -11.978 -14.591 1.973   1.00 24.90 ? 169 HIS A C   1 
ATOM   1131 O O   . HIS A 1 147 ? -10.843 -14.384 2.391   1.00 24.79 ? 169 HIS A O   1 
ATOM   1132 C CB  . HIS A 1 147 ? -11.767 -13.450 -0.234  1.00 24.75 ? 169 HIS A CB  1 
ATOM   1133 C CG  . HIS A 1 147 ? -12.343 -12.536 -1.274  1.00 25.99 ? 169 HIS A CG  1 
ATOM   1134 N ND1 . HIS A 1 147 ? -13.253 -12.961 -2.219  1.00 27.41 ? 169 HIS A ND1 1 
ATOM   1135 C CD2 . HIS A 1 147 ? -12.122 -11.224 -1.531  1.00 27.53 ? 169 HIS A CD2 1 
ATOM   1136 C CE1 . HIS A 1 147 ? -13.578 -11.949 -3.006  1.00 28.08 ? 169 HIS A CE1 1 
ATOM   1137 N NE2 . HIS A 1 147 ? -12.903 -10.883 -2.611  1.00 28.78 ? 169 HIS A NE2 1 
ATOM   1138 N N   . GLN A 1 148 ? -12.687 -15.670 2.301   1.00 25.66 ? 170 GLN A N   1 
ATOM   1139 C CA  . GLN A 1 148 ? -12.197 -16.656 3.279   1.00 26.33 ? 170 GLN A CA  1 
ATOM   1140 C C   . GLN A 1 148 ? -10.783 -17.183 2.977   1.00 26.52 ? 170 GLN A C   1 
ATOM   1141 O O   . GLN A 1 148 ? -9.970  -17.337 3.897   1.00 26.45 ? 170 GLN A O   1 
ATOM   1142 C CB  . GLN A 1 148 ? -13.184 -17.825 3.436   1.00 26.55 ? 170 GLN A CB  1 
ATOM   1143 C CG  . GLN A 1 148 ? -12.998 -18.650 4.730   1.00 27.57 ? 170 GLN A CG  1 
ATOM   1144 C CD  . GLN A 1 148 ? -13.502 -17.930 5.985   1.00 29.05 ? 170 GLN A CD  1 
ATOM   1145 O OE1 . GLN A 1 148 ? -14.535 -17.248 5.951   1.00 30.53 ? 170 GLN A OE1 1 
ATOM   1146 N NE2 . GLN A 1 148 ? -12.775 -18.084 7.097   1.00 27.73 ? 170 GLN A NE2 1 
ATOM   1147 N N   . GLU A 1 149 ? -10.503 -17.446 1.696   1.00 26.79 ? 171 GLU A N   1 
ATOM   1148 C CA  . GLU A 1 149 ? -9.180  -17.925 1.245   1.00 26.98 ? 171 GLU A CA  1 
ATOM   1149 C C   . GLU A 1 149 ? -8.011  -17.009 1.665   1.00 26.54 ? 171 GLU A C   1 
ATOM   1150 O O   . GLU A 1 149 ? -6.853  -17.407 1.589   1.00 26.64 ? 171 GLU A O   1 
ATOM   1151 C CB  . GLU A 1 149 ? -9.182  -18.203 -0.273  1.00 27.12 ? 171 GLU A CB  1 
ATOM   1152 C CG  . GLU A 1 149 ? -9.556  -16.983 -1.152  1.00 29.06 ? 171 GLU A CG  1 
ATOM   1153 C CD  . GLU A 1 149 ? -10.778 -17.220 -2.060  1.00 30.53 ? 171 GLU A CD  1 
ATOM   1154 O OE1 . GLU A 1 149 ? -11.789 -17.801 -1.578  1.00 30.51 ? 171 GLU A OE1 1 
ATOM   1155 O OE2 . GLU A 1 149 ? -10.733 -16.795 -3.243  1.00 29.45 ? 171 GLU A OE2 1 
ATOM   1156 N N   . ASP A 1 150 ? -8.334  -15.801 2.130   1.00 26.07 ? 172 ASP A N   1 
ATOM   1157 C CA  . ASP A 1 150 ? -7.349  -14.851 2.667   1.00 25.65 ? 172 ASP A CA  1 
ATOM   1158 C C   . ASP A 1 150 ? -7.280  -14.851 4.205   1.00 26.03 ? 172 ASP A C   1 
ATOM   1159 O O   . ASP A 1 150 ? -6.298  -14.371 4.792   1.00 25.91 ? 172 ASP A O   1 
ATOM   1160 C CB  . ASP A 1 150 ? -7.643  -13.432 2.168   1.00 25.16 ? 172 ASP A CB  1 
ATOM   1161 C CG  . ASP A 1 150 ? -7.428  -13.274 0.675   1.00 23.25 ? 172 ASP A CG  1 
ATOM   1162 O OD1 . ASP A 1 150 ? -6.506  -13.913 0.126   1.00 21.14 ? 172 ASP A OD1 1 
ATOM   1163 O OD2 . ASP A 1 150 ? -8.181  -12.491 0.058   1.00 20.87 ? 172 ASP A OD2 1 
ATOM   1164 N N   . ILE A 1 151 ? -8.341  -15.359 4.840   1.00 26.36 ? 173 ILE A N   1 
ATOM   1165 C CA  . ILE A 1 151 ? -8.354  -15.633 6.276   1.00 26.59 ? 173 ILE A CA  1 
ATOM   1166 C C   . ILE A 1 151 ? -8.096  -17.118 6.499   1.00 26.91 ? 173 ILE A C   1 
ATOM   1167 O O   . ILE A 1 151 ? -7.135  -17.488 7.174   1.00 27.62 ? 173 ILE A O   1 
ATOM   1168 C CB  . ILE A 1 151 ? -9.705  -15.296 6.943   1.00 26.58 ? 173 ILE A CB  1 
ATOM   1169 C CG1 . ILE A 1 151 ? -10.278 -13.979 6.413   1.00 25.93 ? 173 ILE A CG1 1 
ATOM   1170 C CG2 . ILE A 1 151 ? -9.539  -15.265 8.481   1.00 27.11 ? 173 ILE A CG2 1 
ATOM   1171 C CD1 . ILE A 1 151 ? -11.785 -13.888 6.515   1.00 24.96 ? 173 ILE A CD1 1 
HETATM 1172 C CAH . 4X3 B 2 .   ? 9.117   0.525   5.081   1.00 21.46 ? 201 4X3 A CAH 1 
HETATM 1173 C CAG . 4X3 B 2 .   ? 7.786   0.974   5.074   1.00 21.39 ? 201 4X3 A CAG 1 
HETATM 1174 C CAL . 4X3 B 2 .   ? 7.428   1.130   6.358   1.00 21.10 ? 201 4X3 A CAL 1 
HETATM 1175 C CAJ . 4X3 B 2 .   ? 6.467   2.009   6.607   1.00 20.66 ? 201 4X3 A CAJ 1 
HETATM 1176 N NAB . 4X3 B 2 .   ? 6.024   2.546   5.564   1.00 20.54 ? 201 4X3 A NAB 1 
HETATM 1177 C CAD . 4X3 B 2 .   ? 6.020   2.284   7.830   1.00 20.11 ? 201 4X3 A CAD 1 
HETATM 1178 C CAC . 4X3 B 2 .   ? 6.609   1.632   8.852   1.00 20.23 ? 201 4X3 A CAC 1 
HETATM 1179 C CAE . 4X3 B 2 .   ? 7.572   0.697   8.639   1.00 20.33 ? 201 4X3 A CAE 1 
HETATM 1180 C CAK . 4X3 B 2 .   ? 8.001   0.439   7.373   1.00 21.19 ? 201 4X3 A CAK 1 
HETATM 1181 C CAI . 4X3 B 2 .   ? 8.986   -0.476  7.128   1.00 21.33 ? 201 4X3 A CAI 1 
HETATM 1182 N NAM . 4X3 B 2 .   ? 9.128   -0.734  5.729   1.00 21.17 ? 201 4X3 A NAM 1 
HETATM 1183 C CAF . 4X3 B 2 .   ? 10.330  -1.419  5.416   1.00 21.36 ? 201 4X3 A CAF 1 
HETATM 1184 C CAA . 4X3 B 2 .   ? 10.218  -2.754  6.034   1.00 22.20 ? 201 4X3 A CAA 1 
HETATM 1185 O O   . HOH C 3 .   ? 7.413   4.993   4.362   1.00 12.43 ? 301 HOH A O   1 
# 
